data_4E1P
# 
_entry.id   4E1P 
# 
_audit_conform.dict_name       mmcif_pdbx.dic 
_audit_conform.dict_version    5.387 
_audit_conform.dict_location   http://mmcif.pdb.org/dictionaries/ascii/mmcif_pdbx.dic 
# 
loop_
_database_2.database_id 
_database_2.database_code 
_database_2.pdbx_database_accession 
_database_2.pdbx_DOI 
PDB   4E1P         pdb_00004e1p 10.2210/pdb4e1p/pdb 
RCSB  RCSB071057   ?            ?                   
WWPDB D_1000071057 ?            ?                   
# 
loop_
_pdbx_audit_revision_history.ordinal 
_pdbx_audit_revision_history.data_content_type 
_pdbx_audit_revision_history.major_revision 
_pdbx_audit_revision_history.minor_revision 
_pdbx_audit_revision_history.revision_date 
1 'Structure model' 1 0 2012-06-20 
2 'Structure model' 1 1 2013-01-23 
3 'Structure model' 1 2 2024-02-28 
# 
_pdbx_audit_revision_details.ordinal             1 
_pdbx_audit_revision_details.revision_ordinal    1 
_pdbx_audit_revision_details.data_content_type   'Structure model' 
_pdbx_audit_revision_details.provider            repository 
_pdbx_audit_revision_details.type                'Initial release' 
_pdbx_audit_revision_details.description         ? 
_pdbx_audit_revision_details.details             ? 
# 
loop_
_pdbx_audit_revision_group.ordinal 
_pdbx_audit_revision_group.revision_ordinal 
_pdbx_audit_revision_group.data_content_type 
_pdbx_audit_revision_group.group 
1 2 'Structure model' 'Database references' 
2 3 'Structure model' 'Data collection'     
3 3 'Structure model' 'Database references' 
# 
loop_
_pdbx_audit_revision_category.ordinal 
_pdbx_audit_revision_category.revision_ordinal 
_pdbx_audit_revision_category.data_content_type 
_pdbx_audit_revision_category.category 
1 3 'Structure model' chem_comp_atom 
2 3 'Structure model' chem_comp_bond 
3 3 'Structure model' database_2     
# 
loop_
_pdbx_audit_revision_item.ordinal 
_pdbx_audit_revision_item.revision_ordinal 
_pdbx_audit_revision_item.data_content_type 
_pdbx_audit_revision_item.item 
1 3 'Structure model' '_database_2.pdbx_DOI'                
2 3 'Structure model' '_database_2.pdbx_database_accession' 
# 
_pdbx_database_status.entry_id                        4E1P 
_pdbx_database_status.status_code                     REL 
_pdbx_database_status.deposit_site                    RCSB 
_pdbx_database_status.process_site                    RCSB 
_pdbx_database_status.recvd_initial_deposition_date   2012-03-06 
_pdbx_database_status.status_code_sf                  REL 
_pdbx_database_status.status_code_mr                  ? 
_pdbx_database_status.SG_entry                        ? 
_pdbx_database_status.status_code_cs                  ? 
_pdbx_database_status.methods_development_category    ? 
_pdbx_database_status.pdb_format_compatible           Y 
_pdbx_database_status.status_code_nmr_data            ? 
# 
_pdbx_database_related.db_name        PDB 
_pdbx_database_related.db_id          4E1R 
_pdbx_database_related.details        . 
_pdbx_database_related.content_type   unspecified 
# 
loop_
_audit_author.name 
_audit_author.pdbx_ordinal 
'Summers, E.L.' 1 
'Meindl, K.'    2 
'Uson, I.'      3 
'Arcus, V.L.'   4 
# 
_citation.id                        primary 
_citation.title                     
;The structure of the oligomerization domain of Lsr2 from Mycobacterium tuberculosis reveals a mechanism for chromosome organization and protection.
;
_citation.journal_abbrev            'Plos One' 
_citation.journal_volume            7 
_citation.page_first                e38542 
_citation.page_last                 e38542 
_citation.year                      2012 
_citation.journal_id_ASTM           ? 
_citation.country                   US 
_citation.journal_id_ISSN           1932-6203 
_citation.journal_id_CSD            ? 
_citation.book_publisher            ? 
_citation.pdbx_database_id_PubMed   22719899 
_citation.pdbx_database_id_DOI      10.1371/journal.pone.0038542 
# 
loop_
_citation_author.citation_id 
_citation_author.name 
_citation_author.ordinal 
_citation_author.identifier_ORCID 
primary 'Summers, E.L.' 1 ? 
primary 'Meindl, K.'    2 ? 
primary 'Uson, I.'      3 ? 
primary 'Mitra, A.K.'   4 ? 
primary 'Radjainia, M.' 5 ? 
primary 'Colangeli, R.' 6 ? 
primary 'Alland, D.'    7 ? 
primary 'Arcus, V.L.'   8 ? 
# 
loop_
_entity.id 
_entity.type 
_entity.src_method 
_entity.pdbx_description 
_entity.formula_weight 
_entity.pdbx_number_of_molecules 
_entity.pdbx_ec 
_entity.pdbx_mutation 
_entity.pdbx_fragment 
_entity.details 
1 polymer man 'Protein lsr2' 6539.324 2   ? ? 'dimerization domain (UNP residues 1-61)' ? 
2 water   nat water          18.015   206 ? ? ?                                         ? 
# 
_entity_poly.entity_id                      1 
_entity_poly.type                           'polypeptide(L)' 
_entity_poly.nstd_linkage                   no 
_entity_poly.nstd_monomer                   no 
_entity_poly.pdbx_seq_one_letter_code       MAKKVTVTLVDDFDGSGAADETVEFGLDGVTYEIDLSTKNATKLRGDLKQWVAAGRRVGGR 
_entity_poly.pdbx_seq_one_letter_code_can   MAKKVTVTLVDDFDGSGAADETVEFGLDGVTYEIDLSTKNATKLRGDLKQWVAAGRRVGGR 
_entity_poly.pdbx_strand_id                 A,B 
_entity_poly.pdbx_target_identifier         ? 
# 
_pdbx_entity_nonpoly.entity_id   2 
_pdbx_entity_nonpoly.name        water 
_pdbx_entity_nonpoly.comp_id     HOH 
# 
loop_
_entity_poly_seq.entity_id 
_entity_poly_seq.num 
_entity_poly_seq.mon_id 
_entity_poly_seq.hetero 
1 1  MET n 
1 2  ALA n 
1 3  LYS n 
1 4  LYS n 
1 5  VAL n 
1 6  THR n 
1 7  VAL n 
1 8  THR n 
1 9  LEU n 
1 10 VAL n 
1 11 ASP n 
1 12 ASP n 
1 13 PHE n 
1 14 ASP n 
1 15 GLY n 
1 16 SER n 
1 17 GLY n 
1 18 ALA n 
1 19 ALA n 
1 20 ASP n 
1 21 GLU n 
1 22 THR n 
1 23 VAL n 
1 24 GLU n 
1 25 PHE n 
1 26 GLY n 
1 27 LEU n 
1 28 ASP n 
1 29 GLY n 
1 30 VAL n 
1 31 THR n 
1 32 TYR n 
1 33 GLU n 
1 34 ILE n 
1 35 ASP n 
1 36 LEU n 
1 37 SER n 
1 38 THR n 
1 39 LYS n 
1 40 ASN n 
1 41 ALA n 
1 42 THR n 
1 43 LYS n 
1 44 LEU n 
1 45 ARG n 
1 46 GLY n 
1 47 ASP n 
1 48 LEU n 
1 49 LYS n 
1 50 GLN n 
1 51 TRP n 
1 52 VAL n 
1 53 ALA n 
1 54 ALA n 
1 55 GLY n 
1 56 ARG n 
1 57 ARG n 
1 58 VAL n 
1 59 GLY n 
1 60 GLY n 
1 61 ARG n 
# 
_entity_src_gen.entity_id                          1 
_entity_src_gen.pdbx_src_id                        1 
_entity_src_gen.pdbx_alt_source_flag               sample 
_entity_src_gen.pdbx_seq_type                      ? 
_entity_src_gen.pdbx_beg_seq_num                   ? 
_entity_src_gen.pdbx_end_seq_num                   ? 
_entity_src_gen.gene_src_common_name               ? 
_entity_src_gen.gene_src_genus                     ? 
_entity_src_gen.pdbx_gene_src_gene                 'lsr2, MT3704, MTCY07H7B.25, Rv3597c' 
_entity_src_gen.gene_src_species                   ? 
_entity_src_gen.gene_src_strain                    H37Ra 
_entity_src_gen.gene_src_tissue                    ? 
_entity_src_gen.gene_src_tissue_fraction           ? 
_entity_src_gen.gene_src_details                   ? 
_entity_src_gen.pdbx_gene_src_fragment             ? 
_entity_src_gen.pdbx_gene_src_scientific_name      'Mycobacterium tuberculosis' 
_entity_src_gen.pdbx_gene_src_ncbi_taxonomy_id     1773 
_entity_src_gen.pdbx_gene_src_variant              ? 
_entity_src_gen.pdbx_gene_src_cell_line            ? 
_entity_src_gen.pdbx_gene_src_atcc                 ? 
_entity_src_gen.pdbx_gene_src_organ                ? 
_entity_src_gen.pdbx_gene_src_organelle            ? 
_entity_src_gen.pdbx_gene_src_cell                 ? 
_entity_src_gen.pdbx_gene_src_cellular_location    ? 
_entity_src_gen.host_org_common_name               ? 
_entity_src_gen.pdbx_host_org_scientific_name      'Escherichia coli' 
_entity_src_gen.pdbx_host_org_ncbi_taxonomy_id     469008 
_entity_src_gen.host_org_genus                     ? 
_entity_src_gen.pdbx_host_org_gene                 ? 
_entity_src_gen.pdbx_host_org_organ                ? 
_entity_src_gen.host_org_species                   ? 
_entity_src_gen.pdbx_host_org_tissue               ? 
_entity_src_gen.pdbx_host_org_tissue_fraction      ? 
_entity_src_gen.pdbx_host_org_strain               'BL21(DE3)' 
_entity_src_gen.pdbx_host_org_variant              ? 
_entity_src_gen.pdbx_host_org_cell_line            ? 
_entity_src_gen.pdbx_host_org_atcc                 ? 
_entity_src_gen.pdbx_host_org_culture_collection   ? 
_entity_src_gen.pdbx_host_org_cell                 ? 
_entity_src_gen.pdbx_host_org_organelle            ? 
_entity_src_gen.pdbx_host_org_cellular_location    ? 
_entity_src_gen.pdbx_host_org_vector_type          plasmid 
_entity_src_gen.pdbx_host_org_vector               ? 
_entity_src_gen.host_org_details                   ? 
_entity_src_gen.expression_system_id               ? 
_entity_src_gen.plasmid_name                       pPROExHTb 
_entity_src_gen.plasmid_details                    ? 
_entity_src_gen.pdbx_description                   ? 
# 
loop_
_chem_comp.id 
_chem_comp.type 
_chem_comp.mon_nstd_flag 
_chem_comp.name 
_chem_comp.pdbx_synonyms 
_chem_comp.formula 
_chem_comp.formula_weight 
ALA 'L-peptide linking' y ALANINE         ? 'C3 H7 N O2'     89.093  
ARG 'L-peptide linking' y ARGININE        ? 'C6 H15 N4 O2 1' 175.209 
ASN 'L-peptide linking' y ASPARAGINE      ? 'C4 H8 N2 O3'    132.118 
ASP 'L-peptide linking' y 'ASPARTIC ACID' ? 'C4 H7 N O4'     133.103 
GLN 'L-peptide linking' y GLUTAMINE       ? 'C5 H10 N2 O3'   146.144 
GLU 'L-peptide linking' y 'GLUTAMIC ACID' ? 'C5 H9 N O4'     147.129 
GLY 'peptide linking'   y GLYCINE         ? 'C2 H5 N O2'     75.067  
HOH non-polymer         . WATER           ? 'H2 O'           18.015  
ILE 'L-peptide linking' y ISOLEUCINE      ? 'C6 H13 N O2'    131.173 
LEU 'L-peptide linking' y LEUCINE         ? 'C6 H13 N O2'    131.173 
LYS 'L-peptide linking' y LYSINE          ? 'C6 H15 N2 O2 1' 147.195 
MET 'L-peptide linking' y METHIONINE      ? 'C5 H11 N O2 S'  149.211 
PHE 'L-peptide linking' y PHENYLALANINE   ? 'C9 H11 N O2'    165.189 
SER 'L-peptide linking' y SERINE          ? 'C3 H7 N O3'     105.093 
THR 'L-peptide linking' y THREONINE       ? 'C4 H9 N O3'     119.119 
TRP 'L-peptide linking' y TRYPTOPHAN      ? 'C11 H12 N2 O2'  204.225 
TYR 'L-peptide linking' y TYROSINE        ? 'C9 H11 N O3'    181.189 
VAL 'L-peptide linking' y VALINE          ? 'C5 H11 N O2'    117.146 
# 
loop_
_pdbx_poly_seq_scheme.asym_id 
_pdbx_poly_seq_scheme.entity_id 
_pdbx_poly_seq_scheme.seq_id 
_pdbx_poly_seq_scheme.mon_id 
_pdbx_poly_seq_scheme.ndb_seq_num 
_pdbx_poly_seq_scheme.pdb_seq_num 
_pdbx_poly_seq_scheme.auth_seq_num 
_pdbx_poly_seq_scheme.pdb_mon_id 
_pdbx_poly_seq_scheme.auth_mon_id 
_pdbx_poly_seq_scheme.pdb_strand_id 
_pdbx_poly_seq_scheme.pdb_ins_code 
_pdbx_poly_seq_scheme.hetero 
A 1 1  MET 1  1  ?  ?   ?   A . n 
A 1 2  ALA 2  2  ?  ?   ?   A . n 
A 1 3  LYS 3  3  ?  ?   ?   A . n 
A 1 4  LYS 4  4  4  LYS ALA A . n 
A 1 5  VAL 5  5  5  VAL VAL A . n 
A 1 6  THR 6  6  6  THR THR A . n 
A 1 7  VAL 7  7  7  VAL VAL A . n 
A 1 8  THR 8  8  8  THR THR A . n 
A 1 9  LEU 9  9  9  LEU LEU A . n 
A 1 10 VAL 10 10 10 VAL VAL A . n 
A 1 11 ASP 11 11 11 ASP ASP A . n 
A 1 12 ASP 12 12 12 ASP ASP A . n 
A 1 13 PHE 13 13 13 PHE PHE A . n 
A 1 14 ASP 14 14 14 ASP ASP A . n 
A 1 15 GLY 15 15 15 GLY GLY A . n 
A 1 16 SER 16 16 16 SER SER A . n 
A 1 17 GLY 17 17 17 GLY GLY A . n 
A 1 18 ALA 18 18 18 ALA ALA A . n 
A 1 19 ALA 19 19 19 ALA ALA A . n 
A 1 20 ASP 20 20 20 ASP ASP A . n 
A 1 21 GLU 21 21 21 GLU GLU A . n 
A 1 22 THR 22 22 22 THR THR A . n 
A 1 23 VAL 23 23 23 VAL VAL A . n 
A 1 24 GLU 24 24 24 GLU GLU A . n 
A 1 25 PHE 25 25 25 PHE PHE A . n 
A 1 26 GLY 26 26 26 GLY GLY A . n 
A 1 27 LEU 27 27 27 LEU LEU A . n 
A 1 28 ASP 28 28 28 ASP ASP A . n 
A 1 29 GLY 29 29 29 GLY GLY A . n 
A 1 30 VAL 30 30 30 VAL VAL A . n 
A 1 31 THR 31 31 31 THR THR A . n 
A 1 32 TYR 32 32 32 TYR TYR A . n 
A 1 33 GLU 33 33 33 GLU GLU A . n 
A 1 34 ILE 34 34 34 ILE ILE A . n 
A 1 35 ASP 35 35 35 ASP ASP A . n 
A 1 36 LEU 36 36 36 LEU LEU A . n 
A 1 37 SER 37 37 37 SER SER A . n 
A 1 38 THR 38 38 38 THR THR A . n 
A 1 39 LYS 39 39 39 LYS LYS A . n 
A 1 40 ASN 40 40 40 ASN ASN A . n 
A 1 41 ALA 41 41 41 ALA ALA A . n 
A 1 42 THR 42 42 42 THR THR A . n 
A 1 43 LYS 43 43 43 LYS LYS A . n 
A 1 44 LEU 44 44 44 LEU LEU A . n 
A 1 45 ARG 45 45 45 ARG ARG A . n 
A 1 46 GLY 46 46 46 GLY GLY A . n 
A 1 47 ASP 47 47 47 ASP ASP A . n 
A 1 48 LEU 48 48 48 LEU LEU A . n 
A 1 49 LYS 49 49 49 LYS LYS A . n 
A 1 50 GLN 50 50 50 GLN GLN A . n 
A 1 51 TRP 51 51 51 TRP TRP A . n 
A 1 52 VAL 52 52 52 VAL VAL A . n 
A 1 53 ALA 53 53 53 ALA ALA A . n 
A 1 54 ALA 54 54 54 ALA ALA A . n 
A 1 55 GLY 55 55 55 GLY GLY A . n 
A 1 56 ARG 56 56 56 ARG ARG A . n 
A 1 57 ARG 57 57 57 ARG ARG A . n 
A 1 58 VAL 58 58 58 VAL VAL A . n 
A 1 59 GLY 59 59 ?  ?   ?   A . n 
A 1 60 GLY 60 60 ?  ?   ?   A . n 
A 1 61 ARG 61 61 ?  ?   ?   A . n 
B 1 1  MET 1  1  ?  ?   ?   B . n 
B 1 2  ALA 2  2  ?  ?   ?   B . n 
B 1 3  LYS 3  3  ?  ?   ?   B . n 
B 1 4  LYS 4  4  4  LYS LYS B . n 
B 1 5  VAL 5  5  5  VAL VAL B . n 
B 1 6  THR 6  6  6  THR THR B . n 
B 1 7  VAL 7  7  7  VAL VAL B . n 
B 1 8  THR 8  8  8  THR THR B . n 
B 1 9  LEU 9  9  9  LEU LEU B . n 
B 1 10 VAL 10 10 10 VAL VAL B . n 
B 1 11 ASP 11 11 11 ASP ASP B . n 
B 1 12 ASP 12 12 12 ASP ASP B . n 
B 1 13 PHE 13 13 13 PHE PHE B . n 
B 1 14 ASP 14 14 14 ASP ASP B . n 
B 1 15 GLY 15 15 15 GLY GLY B . n 
B 1 16 SER 16 16 16 SER SER B . n 
B 1 17 GLY 17 17 17 GLY GLY B . n 
B 1 18 ALA 18 18 18 ALA ALA B . n 
B 1 19 ALA 19 19 19 ALA ALA B . n 
B 1 20 ASP 20 20 20 ASP ASP B . n 
B 1 21 GLU 21 21 21 GLU GLU B . n 
B 1 22 THR 22 22 22 THR THR B . n 
B 1 23 VAL 23 23 23 VAL VAL B . n 
B 1 24 GLU 24 24 24 GLU GLU B . n 
B 1 25 PHE 25 25 25 PHE PHE B . n 
B 1 26 GLY 26 26 26 GLY GLY B . n 
B 1 27 LEU 27 27 27 LEU LEU B . n 
B 1 28 ASP 28 28 28 ASP ASP B . n 
B 1 29 GLY 29 29 29 GLY GLY B . n 
B 1 30 VAL 30 30 30 VAL VAL B . n 
B 1 31 THR 31 31 31 THR THR B . n 
B 1 32 TYR 32 32 32 TYR TYR B . n 
B 1 33 GLU 33 33 33 GLU GLU B . n 
B 1 34 ILE 34 34 34 ILE ILE B . n 
B 1 35 ASP 35 35 35 ASP ASP B . n 
B 1 36 LEU 36 36 36 LEU LEU B . n 
B 1 37 SER 37 37 37 SER SER B . n 
B 1 38 THR 38 38 38 THR THR B . n 
B 1 39 LYS 39 39 39 LYS LYS B . n 
B 1 40 ASN 40 40 40 ASN ASN B . n 
B 1 41 ALA 41 41 41 ALA ALA B . n 
B 1 42 THR 42 42 42 THR THR B . n 
B 1 43 LYS 43 43 43 LYS LYS B . n 
B 1 44 LEU 44 44 44 LEU LEU B . n 
B 1 45 ARG 45 45 45 ARG ARG B . n 
B 1 46 GLY 46 46 46 GLY GLY B . n 
B 1 47 ASP 47 47 47 ASP ASP B . n 
B 1 48 LEU 48 48 48 LEU LEU B . n 
B 1 49 LYS 49 49 49 LYS LYS B . n 
B 1 50 GLN 50 50 50 GLN GLN B . n 
B 1 51 TRP 51 51 51 TRP TRP B . n 
B 1 52 VAL 52 52 52 VAL VAL B . n 
B 1 53 ALA 53 53 53 ALA ALA B . n 
B 1 54 ALA 54 54 54 ALA ALA B . n 
B 1 55 GLY 55 55 55 GLY GLY B . n 
B 1 56 ARG 56 56 56 ARG ARG B . n 
B 1 57 ARG 57 57 57 ARG ARG B . n 
B 1 58 VAL 58 58 58 VAL VAL B . n 
B 1 59 GLY 59 59 59 GLY GLY B . n 
B 1 60 GLY 60 60 ?  ?   ?   B . n 
B 1 61 ARG 61 61 ?  ?   ?   B . n 
# 
loop_
_pdbx_nonpoly_scheme.asym_id 
_pdbx_nonpoly_scheme.entity_id 
_pdbx_nonpoly_scheme.mon_id 
_pdbx_nonpoly_scheme.ndb_seq_num 
_pdbx_nonpoly_scheme.pdb_seq_num 
_pdbx_nonpoly_scheme.auth_seq_num 
_pdbx_nonpoly_scheme.pdb_mon_id 
_pdbx_nonpoly_scheme.auth_mon_id 
_pdbx_nonpoly_scheme.pdb_strand_id 
_pdbx_nonpoly_scheme.pdb_ins_code 
C 2 HOH 1   101 2   HOH HOH A . 
C 2 HOH 2   102 3   HOH HOH A . 
C 2 HOH 3   103 4   HOH HOH A . 
C 2 HOH 4   104 8   HOH HOH A . 
C 2 HOH 5   105 10  HOH HOH A . 
C 2 HOH 6   106 11  HOH HOH A . 
C 2 HOH 7   107 12  HOH HOH A . 
C 2 HOH 8   108 14  HOH HOH A . 
C 2 HOH 9   109 15  HOH HOH A . 
C 2 HOH 10  110 16  HOH HOH A . 
C 2 HOH 11  111 21  HOH HOH A . 
C 2 HOH 12  112 24  HOH HOH A . 
C 2 HOH 13  113 25  HOH HOH A . 
C 2 HOH 14  114 26  HOH HOH A . 
C 2 HOH 15  115 27  HOH HOH A . 
C 2 HOH 16  116 28  HOH HOH A . 
C 2 HOH 17  117 29  HOH HOH A . 
C 2 HOH 18  118 31  HOH HOH A . 
C 2 HOH 19  119 32  HOH HOH A . 
C 2 HOH 20  120 33  HOH HOH A . 
C 2 HOH 21  121 38  HOH HOH A . 
C 2 HOH 22  122 39  HOH HOH A . 
C 2 HOH 23  123 45  HOH HOH A . 
C 2 HOH 24  124 46  HOH HOH A . 
C 2 HOH 25  125 47  HOH HOH A . 
C 2 HOH 26  126 48  HOH HOH A . 
C 2 HOH 27  127 49  HOH HOH A . 
C 2 HOH 28  128 50  HOH HOH A . 
C 2 HOH 29  129 51  HOH HOH A . 
C 2 HOH 30  130 52  HOH HOH A . 
C 2 HOH 31  131 53  HOH HOH A . 
C 2 HOH 32  132 55  HOH HOH A . 
C 2 HOH 33  133 56  HOH HOH A . 
C 2 HOH 34  134 61  HOH HOH A . 
C 2 HOH 35  135 65  HOH HOH A . 
C 2 HOH 36  136 66  HOH HOH A . 
C 2 HOH 37  137 67  HOH HOH A . 
C 2 HOH 38  138 71  HOH HOH A . 
C 2 HOH 39  139 73  HOH HOH A . 
C 2 HOH 40  140 74  HOH HOH A . 
C 2 HOH 41  141 75  HOH HOH A . 
C 2 HOH 42  142 76  HOH HOH A . 
C 2 HOH 43  143 77  HOH HOH A . 
C 2 HOH 44  144 78  HOH HOH A . 
C 2 HOH 45  145 80  HOH HOH A . 
C 2 HOH 46  146 82  HOH HOH A . 
C 2 HOH 47  147 83  HOH HOH A . 
C 2 HOH 48  148 86  HOH HOH A . 
C 2 HOH 49  149 87  HOH HOH A . 
C 2 HOH 50  150 88  HOH HOH A . 
C 2 HOH 51  151 89  HOH HOH A . 
C 2 HOH 52  152 91  HOH HOH A . 
C 2 HOH 53  153 92  HOH HOH A . 
C 2 HOH 54  154 97  HOH HOH A . 
C 2 HOH 55  155 99  HOH HOH A . 
C 2 HOH 56  156 100 HOH HOH A . 
C 2 HOH 57  157 102 HOH HOH A . 
C 2 HOH 58  158 105 HOH HOH A . 
C 2 HOH 59  159 106 HOH HOH A . 
C 2 HOH 60  160 108 HOH HOH A . 
C 2 HOH 61  161 109 HOH HOH A . 
C 2 HOH 62  162 110 HOH HOH A . 
C 2 HOH 63  163 111 HOH HOH A . 
C 2 HOH 64  164 115 HOH HOH A . 
C 2 HOH 65  165 116 HOH HOH A . 
C 2 HOH 66  166 118 HOH HOH A . 
C 2 HOH 67  167 119 HOH HOH A . 
C 2 HOH 68  168 122 HOH HOH A . 
C 2 HOH 69  169 124 HOH HOH A . 
C 2 HOH 70  170 127 HOH HOH A . 
C 2 HOH 71  171 128 HOH HOH A . 
C 2 HOH 72  172 133 HOH HOH A . 
C 2 HOH 73  173 134 HOH HOH A . 
C 2 HOH 74  174 136 HOH HOH A . 
C 2 HOH 75  175 141 HOH HOH A . 
C 2 HOH 76  176 146 HOH HOH A . 
C 2 HOH 77  177 147 HOH HOH A . 
C 2 HOH 78  178 150 HOH HOH A . 
C 2 HOH 79  179 152 HOH HOH A . 
C 2 HOH 80  180 153 HOH HOH A . 
C 2 HOH 81  181 159 HOH HOH A . 
C 2 HOH 82  182 163 HOH HOH A . 
C 2 HOH 83  183 165 HOH HOH A . 
C 2 HOH 84  184 166 HOH HOH A . 
C 2 HOH 85  185 170 HOH HOH A . 
C 2 HOH 86  186 173 HOH HOH A . 
C 2 HOH 87  187 174 HOH HOH A . 
C 2 HOH 88  188 176 HOH HOH A . 
C 2 HOH 89  189 177 HOH HOH A . 
C 2 HOH 90  190 178 HOH HOH A . 
C 2 HOH 91  191 180 HOH HOH A . 
C 2 HOH 92  192 182 HOH HOH A . 
C 2 HOH 93  193 184 HOH HOH A . 
C 2 HOH 94  194 185 HOH HOH A . 
C 2 HOH 95  195 190 HOH HOH A . 
C 2 HOH 96  196 191 HOH HOH A . 
C 2 HOH 97  197 193 HOH HOH A . 
C 2 HOH 98  198 197 HOH HOH A . 
C 2 HOH 99  199 198 HOH HOH A . 
D 2 HOH 1   101 1   HOH HOH B . 
D 2 HOH 2   102 5   HOH HOH B . 
D 2 HOH 3   103 6   HOH HOH B . 
D 2 HOH 4   104 7   HOH HOH B . 
D 2 HOH 5   105 9   HOH HOH B . 
D 2 HOH 6   106 13  HOH HOH B . 
D 2 HOH 7   107 17  HOH HOH B . 
D 2 HOH 8   108 18  HOH HOH B . 
D 2 HOH 9   109 19  HOH HOH B . 
D 2 HOH 10  110 20  HOH HOH B . 
D 2 HOH 11  111 22  HOH HOH B . 
D 2 HOH 12  112 23  HOH HOH B . 
D 2 HOH 13  113 30  HOH HOH B . 
D 2 HOH 14  114 34  HOH HOH B . 
D 2 HOH 15  115 35  HOH HOH B . 
D 2 HOH 16  116 36  HOH HOH B . 
D 2 HOH 17  117 37  HOH HOH B . 
D 2 HOH 18  118 40  HOH HOH B . 
D 2 HOH 19  119 41  HOH HOH B . 
D 2 HOH 20  120 42  HOH HOH B . 
D 2 HOH 21  121 43  HOH HOH B . 
D 2 HOH 22  122 44  HOH HOH B . 
D 2 HOH 23  123 54  HOH HOH B . 
D 2 HOH 24  124 57  HOH HOH B . 
D 2 HOH 25  125 58  HOH HOH B . 
D 2 HOH 26  126 59  HOH HOH B . 
D 2 HOH 27  127 60  HOH HOH B . 
D 2 HOH 28  128 62  HOH HOH B . 
D 2 HOH 29  129 63  HOH HOH B . 
D 2 HOH 30  130 64  HOH HOH B . 
D 2 HOH 31  131 68  HOH HOH B . 
D 2 HOH 32  132 69  HOH HOH B . 
D 2 HOH 33  133 70  HOH HOH B . 
D 2 HOH 34  134 72  HOH HOH B . 
D 2 HOH 35  135 79  HOH HOH B . 
D 2 HOH 36  136 81  HOH HOH B . 
D 2 HOH 37  137 84  HOH HOH B . 
D 2 HOH 38  138 85  HOH HOH B . 
D 2 HOH 39  139 90  HOH HOH B . 
D 2 HOH 40  140 93  HOH HOH B . 
D 2 HOH 41  141 94  HOH HOH B . 
D 2 HOH 42  142 95  HOH HOH B . 
D 2 HOH 43  143 96  HOH HOH B . 
D 2 HOH 44  144 98  HOH HOH B . 
D 2 HOH 45  145 101 HOH HOH B . 
D 2 HOH 46  146 103 HOH HOH B . 
D 2 HOH 47  147 104 HOH HOH B . 
D 2 HOH 48  148 107 HOH HOH B . 
D 2 HOH 49  149 112 HOH HOH B . 
D 2 HOH 50  150 113 HOH HOH B . 
D 2 HOH 51  151 114 HOH HOH B . 
D 2 HOH 52  152 117 HOH HOH B . 
D 2 HOH 53  153 120 HOH HOH B . 
D 2 HOH 54  154 121 HOH HOH B . 
D 2 HOH 55  155 123 HOH HOH B . 
D 2 HOH 56  156 125 HOH HOH B . 
D 2 HOH 57  157 126 HOH HOH B . 
D 2 HOH 58  158 129 HOH HOH B . 
D 2 HOH 59  159 130 HOH HOH B . 
D 2 HOH 60  160 131 HOH HOH B . 
D 2 HOH 61  161 132 HOH HOH B . 
D 2 HOH 62  162 135 HOH HOH B . 
D 2 HOH 63  163 137 HOH HOH B . 
D 2 HOH 64  164 138 HOH HOH B . 
D 2 HOH 65  165 139 HOH HOH B . 
D 2 HOH 66  166 140 HOH HOH B . 
D 2 HOH 67  167 142 HOH HOH B . 
D 2 HOH 68  168 143 HOH HOH B . 
D 2 HOH 69  169 144 HOH HOH B . 
D 2 HOH 70  170 145 HOH HOH B . 
D 2 HOH 71  171 148 HOH HOH B . 
D 2 HOH 72  172 149 HOH HOH B . 
D 2 HOH 73  173 151 HOH HOH B . 
D 2 HOH 74  174 154 HOH HOH B . 
D 2 HOH 75  175 155 HOH HOH B . 
D 2 HOH 76  176 156 HOH HOH B . 
D 2 HOH 77  177 157 HOH HOH B . 
D 2 HOH 78  178 158 HOH HOH B . 
D 2 HOH 79  179 160 HOH HOH B . 
D 2 HOH 80  180 161 HOH HOH B . 
D 2 HOH 81  181 162 HOH HOH B . 
D 2 HOH 82  182 164 HOH HOH B . 
D 2 HOH 83  183 167 HOH HOH B . 
D 2 HOH 84  184 168 HOH HOH B . 
D 2 HOH 85  185 169 HOH HOH B . 
D 2 HOH 86  186 171 HOH HOH B . 
D 2 HOH 87  187 172 HOH HOH B . 
D 2 HOH 88  188 175 HOH HOH B . 
D 2 HOH 89  189 179 HOH HOH B . 
D 2 HOH 90  190 181 HOH HOH B . 
D 2 HOH 91  191 183 HOH HOH B . 
D 2 HOH 92  192 186 HOH HOH B . 
D 2 HOH 93  193 187 HOH HOH B . 
D 2 HOH 94  194 188 HOH HOH B . 
D 2 HOH 95  195 189 HOH HOH B . 
D 2 HOH 96  196 192 HOH HOH B . 
D 2 HOH 97  197 194 HOH HOH B . 
D 2 HOH 98  198 195 HOH HOH B . 
D 2 HOH 99  199 196 HOH HOH B . 
D 2 HOH 100 200 199 HOH HOH B . 
D 2 HOH 101 201 200 HOH HOH B . 
D 2 HOH 102 202 201 HOH HOH B . 
D 2 HOH 103 203 202 HOH HOH B . 
D 2 HOH 104 204 203 HOH HOH B . 
D 2 HOH 105 205 204 HOH HOH B . 
D 2 HOH 106 206 205 HOH HOH B . 
D 2 HOH 107 207 206 HOH HOH B . 
# 
loop_
_pdbx_unobs_or_zero_occ_atoms.id 
_pdbx_unobs_or_zero_occ_atoms.PDB_model_num 
_pdbx_unobs_or_zero_occ_atoms.polymer_flag 
_pdbx_unobs_or_zero_occ_atoms.occupancy_flag 
_pdbx_unobs_or_zero_occ_atoms.auth_asym_id 
_pdbx_unobs_or_zero_occ_atoms.auth_comp_id 
_pdbx_unobs_or_zero_occ_atoms.auth_seq_id 
_pdbx_unobs_or_zero_occ_atoms.PDB_ins_code 
_pdbx_unobs_or_zero_occ_atoms.auth_atom_id 
_pdbx_unobs_or_zero_occ_atoms.label_alt_id 
_pdbx_unobs_or_zero_occ_atoms.label_asym_id 
_pdbx_unobs_or_zero_occ_atoms.label_comp_id 
_pdbx_unobs_or_zero_occ_atoms.label_seq_id 
_pdbx_unobs_or_zero_occ_atoms.label_atom_id 
1 1 Y 1 A LYS 4 ? CG ? A LYS 4 CG 
2 1 Y 1 A LYS 4 ? CD ? A LYS 4 CD 
3 1 Y 1 A LYS 4 ? CE ? A LYS 4 CE 
4 1 Y 1 A LYS 4 ? NZ ? A LYS 4 NZ 
# 
loop_
_software.pdbx_ordinal 
_software.name 
_software.version 
_software.date 
_software.type 
_software.contact_author 
_software.contact_author_email 
_software.classification 
_software.location 
_software.language 
_software.citation_id 
1 PHENIX      1.7.2_869 ?               package 'Paul D. Adams' PDAdams@lbl.gov          refinement        
http://www.phenix-online.org/             C++ ? 
2 PDB_EXTRACT 3.10      'June 10, 2010' package PDB             deposit@deposit.rcsb.org 'data extraction' 
http://sw-tools.pdb.org/apps/PDB_EXTRACT/ C++ ? 
3 MAR345dtb   .         ?               ?       ?               ?                        'data collection' ? ?   ? 
4 MOSFLM      .         ?               ?       ?               ?                        'data reduction'  ? ?   ? 
5 SCALA       .         ?               ?       ?               ?                        'data scaling'    ? ?   ? 
6 Arcimboldo  .         ?               ?       ?               ?                        phasing           ? ?   ? 
# 
_cell.length_a           32.510 
_cell.length_b           27.030 
_cell.length_c           56.830 
_cell.angle_alpha        90.000 
_cell.angle_beta         94.310 
_cell.angle_gamma        90.000 
_cell.entry_id           4E1P 
_cell.pdbx_unique_axis   ? 
_cell.Z_PDB              4 
_cell.length_a_esd       ? 
_cell.length_b_esd       ? 
_cell.length_c_esd       ? 
_cell.angle_alpha_esd    ? 
_cell.angle_beta_esd     ? 
_cell.angle_gamma_esd    ? 
# 
_symmetry.space_group_name_H-M             'P 1 21 1' 
_symmetry.entry_id                         4E1P 
_symmetry.pdbx_full_space_group_name_H-M   ? 
_symmetry.Int_Tables_number                4 
_symmetry.cell_setting                     ? 
_symmetry.space_group_name_Hall            ? 
# 
_exptl.crystals_number   1 
_exptl.entry_id          4E1P 
_exptl.method            'X-RAY DIFFRACTION' 
# 
_exptl_crystal.id                    1 
_exptl_crystal.density_Matthews      1.90 
_exptl_crystal.density_meas          ? 
_exptl_crystal.density_percent_sol   35.39 
_exptl_crystal.description           ? 
_exptl_crystal.F_000                 ? 
_exptl_crystal.preparation           ? 
# 
_exptl_crystal_grow.crystal_id      1 
_exptl_crystal_grow.method          'VAPOR DIFFUSION, HANGING DROP' 
_exptl_crystal_grow.pH              8.5 
_exptl_crystal_grow.temp            291 
_exptl_crystal_grow.pdbx_details    
'26% PEG400, 0.12 M ammonium sulfate, 0.1 M Tris, pH 8.5, VAPOR DIFFUSION, HANGING DROP, temperature 291K' 
_exptl_crystal_grow.temp_details    ? 
_exptl_crystal_grow.pdbx_pH_range   ? 
# 
_diffrn.id                     1 
_diffrn.ambient_temp           110 
_diffrn.ambient_temp_details   ? 
_diffrn.crystal_id             1 
# 
_diffrn_detector.diffrn_id              1 
_diffrn_detector.detector               'IMAGE PLATE' 
_diffrn_detector.type                   'MAR scanner 345 mm plate' 
_diffrn_detector.pdbx_collection_date   2011-09-16 
_diffrn_detector.details                'msc osmic optics' 
# 
_diffrn_radiation.diffrn_id                        1 
_diffrn_radiation.pdbx_diffrn_protocol             'SINGLE WAVELENGTH' 
_diffrn_radiation.monochromator                    'Ni filter' 
_diffrn_radiation.wavelength_id                    1 
_diffrn_radiation.pdbx_monochromatic_or_laue_m_l   M 
_diffrn_radiation.pdbx_scattering_type             x-ray 
# 
_diffrn_radiation_wavelength.id           1 
_diffrn_radiation_wavelength.wavelength   1.54179 
_diffrn_radiation_wavelength.wt           1.0 
# 
_diffrn_source.diffrn_id                   1 
_diffrn_source.source                      'ROTATING ANODE' 
_diffrn_source.type                        'RIGAKU RUH3R' 
_diffrn_source.pdbx_wavelength_list        1.54179 
_diffrn_source.pdbx_wavelength             ? 
_diffrn_source.pdbx_synchrotron_site       ? 
_diffrn_source.pdbx_synchrotron_beamline   ? 
# 
_reflns.entry_id                     4E1P 
_reflns.observed_criterion_sigma_F   ? 
_reflns.observed_criterion_sigma_I   ? 
_reflns.d_resolution_high            1.728 
_reflns.d_resolution_low             32.4 
_reflns.number_all                   ? 
_reflns.number_obs                   10538 
_reflns.percent_possible_obs         99.4 
_reflns.pdbx_Rmerge_I_obs            0.092 
_reflns.pdbx_Rsym_value              ? 
_reflns.pdbx_netI_over_sigmaI        17.1 
_reflns.B_iso_Wilson_estimate        ? 
_reflns.pdbx_redundancy              9.8 
_reflns.R_free_details               ? 
_reflns.limit_h_max                  ? 
_reflns.limit_h_min                  ? 
_reflns.limit_k_max                  ? 
_reflns.limit_k_min                  ? 
_reflns.limit_l_max                  ? 
_reflns.limit_l_min                  ? 
_reflns.observed_criterion_F_max     ? 
_reflns.observed_criterion_F_min     ? 
_reflns.pdbx_chi_squared             ? 
_reflns.pdbx_scaling_rejects         ? 
_reflns.pdbx_ordinal                 1 
_reflns.pdbx_diffrn_id               1 
# 
_reflns_shell.d_res_high             1.728 
_reflns_shell.d_res_low              1.82 
_reflns_shell.percent_possible_obs   ? 
_reflns_shell.percent_possible_all   96.3 
_reflns_shell.Rmerge_I_obs           0.308 
_reflns_shell.meanI_over_sigI_obs    6.9 
_reflns_shell.pdbx_Rsym_value        ? 
_reflns_shell.pdbx_redundancy        9.2 
_reflns_shell.number_unique_all      ? 
_reflns_shell.number_measured_all    ? 
_reflns_shell.number_measured_obs    ? 
_reflns_shell.number_unique_obs      ? 
_reflns_shell.pdbx_chi_squared       ? 
_reflns_shell.pdbx_ordinal           1 
_reflns_shell.pdbx_diffrn_id         1 
# 
_refine.entry_id                                 4E1P 
_refine.ls_d_res_high                            1.728 
_refine.ls_d_res_low                             29.097 
_refine.pdbx_ls_sigma_F                          0.0 
_refine.pdbx_data_cutoff_high_absF               ? 
_refine.pdbx_data_cutoff_low_absF                ? 
_refine.ls_percent_reflns_obs                    99.43 
_refine.ls_number_reflns_obs                     10528 
_refine.ls_number_reflns_all                     ? 
_refine.pdbx_ls_cross_valid_method               ? 
_refine.pdbx_R_Free_selection_details            ? 
_refine.details                                  ? 
_refine.ls_R_factor_all                          ? 
_refine.ls_R_factor_obs                          0.1613 
_refine.ls_R_factor_R_work                       0.1600 
_refine.ls_wR_factor_R_work                      ? 
_refine.ls_R_factor_R_free                       0.1852 
_refine.ls_wR_factor_R_free                      ? 
_refine.ls_percent_reflns_R_free                 4.77 
_refine.ls_number_reflns_R_free                  502 
_refine.ls_R_factor_R_free_error                 ? 
_refine.B_iso_mean                               13.5750 
_refine.solvent_model_param_bsol                 41.8310 
_refine.solvent_model_param_ksol                 0.3820 
_refine.pdbx_isotropic_thermal_model             ? 
_refine.aniso_B[1][1]                            0.7273 
_refine.aniso_B[2][2]                            1.3752 
_refine.aniso_B[3][3]                            -2.1025 
_refine.aniso_B[1][2]                            0.0000 
_refine.aniso_B[1][3]                            -0.3355 
_refine.aniso_B[2][3]                            0.0000 
_refine.correlation_coeff_Fo_to_Fc               ? 
_refine.correlation_coeff_Fo_to_Fc_free          ? 
_refine.overall_SU_R_Cruickshank_DPI             ? 
_refine.overall_SU_R_free                        ? 
_refine.pdbx_overall_ESU_R                       ? 
_refine.pdbx_overall_ESU_R_Free                  ? 
_refine.overall_SU_ML                            0.2500 
_refine.overall_SU_B                             ? 
_refine.solvent_model_details                    'FLAT BULK SOLVENT MODEL' 
_refine.pdbx_solvent_vdw_probe_radii             1.0000 
_refine.pdbx_solvent_ion_probe_radii             ? 
_refine.pdbx_solvent_shrinkage_radii             0.7300 
_refine.ls_number_parameters                     ? 
_refine.ls_number_restraints                     ? 
_refine.pdbx_starting_model                      ? 
_refine.pdbx_method_to_determine_struct          'AB INITIO PHASING' 
_refine.pdbx_stereochemistry_target_values       ML 
_refine.pdbx_stereochem_target_val_spec_case     ? 
_refine.overall_FOM_work_R_set                   0.8996 
_refine.B_iso_max                                39.390 
_refine.B_iso_min                                3.370 
_refine.pdbx_overall_phase_error                 16.6700 
_refine.occupancy_max                            1.000 
_refine.occupancy_min                            1.000 
_refine.pdbx_ls_sigma_I                          ? 
_refine.ls_redundancy_reflns_obs                 ? 
_refine.ls_R_factor_R_free_error_details         ? 
_refine.pdbx_data_cutoff_high_rms_absF           ? 
_refine.overall_FOM_free_R_set                   ? 
_refine.pdbx_diffrn_id                           1 
_refine.pdbx_refine_id                           'X-RAY DIFFRACTION' 
_refine.pdbx_TLS_residual_ADP_flag               ? 
_refine.pdbx_overall_SU_R_free_Cruickshank_DPI   ? 
_refine.pdbx_overall_SU_R_Blow_DPI               ? 
_refine.pdbx_overall_SU_R_free_Blow_DPI          ? 
# 
_refine_hist.pdbx_refine_id                   'X-RAY DIFFRACTION' 
_refine_hist.cycle_id                         LAST 
_refine_hist.pdbx_number_atoms_protein        834 
_refine_hist.pdbx_number_atoms_nucleic_acid   0 
_refine_hist.pdbx_number_atoms_ligand         0 
_refine_hist.number_atoms_solvent             206 
_refine_hist.number_atoms_total               1040 
_refine_hist.d_res_high                       1.728 
_refine_hist.d_res_low                        29.097 
# 
loop_
_refine_ls_restr.type 
_refine_ls_restr.number 
_refine_ls_restr.dev_ideal 
_refine_ls_restr.dev_ideal_target 
_refine_ls_restr.weight 
_refine_ls_restr.pdbx_restraint_function 
_refine_ls_restr.pdbx_refine_id 
f_bond_d           842  0.006  ? ? ? 'X-RAY DIFFRACTION' 
f_angle_d          1139 0.914  ? ? ? 'X-RAY DIFFRACTION' 
f_chiral_restr     136  0.063  ? ? ? 'X-RAY DIFFRACTION' 
f_plane_restr      147  0.003  ? ? ? 'X-RAY DIFFRACTION' 
f_dihedral_angle_d 295  11.561 ? ? ? 'X-RAY DIFFRACTION' 
# 
loop_
_refine_ls_shell.d_res_high 
_refine_ls_shell.d_res_low 
_refine_ls_shell.pdbx_total_number_of_bins_used 
_refine_ls_shell.percent_reflns_obs 
_refine_ls_shell.number_reflns_R_work 
_refine_ls_shell.R_factor_all 
_refine_ls_shell.R_factor_R_work 
_refine_ls_shell.R_factor_R_free 
_refine_ls_shell.percent_reflns_R_free 
_refine_ls_shell.number_reflns_R_free 
_refine_ls_shell.R_factor_R_free_error 
_refine_ls_shell.number_reflns_all 
_refine_ls_shell.number_reflns_obs 
_refine_ls_shell.redundancy_reflns_obs 
_refine_ls_shell.pdbx_refine_id 
1.728  1.9024  4 98.0  2470 . 0.1951 0.2528 . 107 . 2577 . . 'X-RAY DIFFRACTION' 
1.9024 2.1776  4 100.0 2475 . 0.1452 0.1917 . 127 . 2602 . . 'X-RAY DIFFRACTION' 
2.1776 2.7432  4 100.0 2505 . 0.1575 0.1760 . 137 . 2642 . . 'X-RAY DIFFRACTION' 
2.7432 29.1015 4 100.0 2576 . 0.1584 0.1730 . 131 . 2707 . . 'X-RAY DIFFRACTION' 
# 
_struct.entry_id                  4E1P 
_struct.title                     
'Crystal structure of the dimerization domain of Lsr2 from Mycobacterium tuberculosis in the P 1 21 1 space group' 
_struct.pdbx_model_details        ? 
_struct.pdbx_CASP_flag            ? 
_struct.pdbx_model_type_details   ? 
# 
_struct_keywords.entry_id        4E1P 
_struct_keywords.text            'anti-parallel beta sheet, dimer, DNA BINDING PROTEIN' 
_struct_keywords.pdbx_keywords   'DNA BINDING PROTEIN' 
# 
loop_
_struct_asym.id 
_struct_asym.pdbx_blank_PDB_chainid_flag 
_struct_asym.pdbx_modified 
_struct_asym.entity_id 
_struct_asym.details 
A N N 1 ? 
B N N 1 ? 
C N N 2 ? 
D N N 2 ? 
# 
_struct_ref.id                         1 
_struct_ref.db_name                    UNP 
_struct_ref.db_code                    LSR2_MYCTU 
_struct_ref.pdbx_db_accession          P65648 
_struct_ref.entity_id                  1 
_struct_ref.pdbx_seq_one_letter_code   MAKKVTVTLVDDFDGSGAADETVEFGLDGVTYEIDLSTKNATKLRGDLKQWVAAGRRVGGRR 
_struct_ref.pdbx_align_begin           1 
_struct_ref.pdbx_db_isoform            ? 
# 
loop_
_struct_ref_seq.align_id 
_struct_ref_seq.ref_id 
_struct_ref_seq.pdbx_PDB_id_code 
_struct_ref_seq.pdbx_strand_id 
_struct_ref_seq.seq_align_beg 
_struct_ref_seq.pdbx_seq_align_beg_ins_code 
_struct_ref_seq.seq_align_end 
_struct_ref_seq.pdbx_seq_align_end_ins_code 
_struct_ref_seq.pdbx_db_accession 
_struct_ref_seq.db_align_beg 
_struct_ref_seq.pdbx_db_align_beg_ins_code 
_struct_ref_seq.db_align_end 
_struct_ref_seq.pdbx_db_align_end_ins_code 
_struct_ref_seq.pdbx_auth_seq_align_beg 
_struct_ref_seq.pdbx_auth_seq_align_end 
1 1 4E1P A 1 ? 61 ? P65648 1 ? 61 ? 1 61 
2 1 4E1P B 1 ? 61 ? P65648 1 ? 61 ? 1 61 
# 
_pdbx_struct_assembly.id                   1 
_pdbx_struct_assembly.details              author_and_software_defined_assembly 
_pdbx_struct_assembly.method_details       PISA 
_pdbx_struct_assembly.oligomeric_details   dimeric 
_pdbx_struct_assembly.oligomeric_count     2 
# 
loop_
_pdbx_struct_assembly_prop.biol_id 
_pdbx_struct_assembly_prop.type 
_pdbx_struct_assembly_prop.value 
_pdbx_struct_assembly_prop.details 
1 'ABSA (A^2)' 3100 ? 
1 MORE         -16  ? 
1 'SSA (A^2)'  6790 ? 
# 
_pdbx_struct_assembly_gen.assembly_id       1 
_pdbx_struct_assembly_gen.oper_expression   1 
_pdbx_struct_assembly_gen.asym_id_list      A,B,C,D 
# 
_pdbx_struct_oper_list.id                   1 
_pdbx_struct_oper_list.type                 'identity operation' 
_pdbx_struct_oper_list.name                 1_555 
_pdbx_struct_oper_list.symmetry_operation   x,y,z 
_pdbx_struct_oper_list.matrix[1][1]         1.0000000000 
_pdbx_struct_oper_list.matrix[1][2]         0.0000000000 
_pdbx_struct_oper_list.matrix[1][3]         0.0000000000 
_pdbx_struct_oper_list.vector[1]            0.0000000000 
_pdbx_struct_oper_list.matrix[2][1]         0.0000000000 
_pdbx_struct_oper_list.matrix[2][2]         1.0000000000 
_pdbx_struct_oper_list.matrix[2][3]         0.0000000000 
_pdbx_struct_oper_list.vector[2]            0.0000000000 
_pdbx_struct_oper_list.matrix[3][1]         0.0000000000 
_pdbx_struct_oper_list.matrix[3][2]         0.0000000000 
_pdbx_struct_oper_list.matrix[3][3]         1.0000000000 
_pdbx_struct_oper_list.vector[3]            0.0000000000 
# 
_struct_biol.id        1 
_struct_biol.details   ? 
# 
loop_
_struct_conf.conf_type_id 
_struct_conf.id 
_struct_conf.pdbx_PDB_helix_id 
_struct_conf.beg_label_comp_id 
_struct_conf.beg_label_asym_id 
_struct_conf.beg_label_seq_id 
_struct_conf.pdbx_beg_PDB_ins_code 
_struct_conf.end_label_comp_id 
_struct_conf.end_label_asym_id 
_struct_conf.end_label_seq_id 
_struct_conf.pdbx_end_PDB_ins_code 
_struct_conf.beg_auth_comp_id 
_struct_conf.beg_auth_asym_id 
_struct_conf.beg_auth_seq_id 
_struct_conf.end_auth_comp_id 
_struct_conf.end_auth_asym_id 
_struct_conf.end_auth_seq_id 
_struct_conf.pdbx_PDB_helix_class 
_struct_conf.details 
_struct_conf.pdbx_PDB_helix_length 
HELX_P HELX_P1 1 SER A 37 ? GLY A 55 ? SER A 37 GLY A 55 1 ? 19 
HELX_P HELX_P2 2 SER B 37 ? GLY B 55 ? SER B 37 GLY B 55 1 ? 19 
# 
_struct_conf_type.id          HELX_P 
_struct_conf_type.criteria    ? 
_struct_conf_type.reference   ? 
# 
_struct_sheet.id               A 
_struct_sheet.type             ? 
_struct_sheet.number_strands   6 
_struct_sheet.details          ? 
# 
loop_
_struct_sheet_order.sheet_id 
_struct_sheet_order.range_id_1 
_struct_sheet_order.range_id_2 
_struct_sheet_order.offset 
_struct_sheet_order.sense 
A 1 2 ? anti-parallel 
A 2 3 ? anti-parallel 
A 3 4 ? anti-parallel 
A 4 5 ? anti-parallel 
A 5 6 ? anti-parallel 
# 
loop_
_struct_sheet_range.sheet_id 
_struct_sheet_range.id 
_struct_sheet_range.beg_label_comp_id 
_struct_sheet_range.beg_label_asym_id 
_struct_sheet_range.beg_label_seq_id 
_struct_sheet_range.pdbx_beg_PDB_ins_code 
_struct_sheet_range.end_label_comp_id 
_struct_sheet_range.end_label_asym_id 
_struct_sheet_range.end_label_seq_id 
_struct_sheet_range.pdbx_end_PDB_ins_code 
_struct_sheet_range.beg_auth_comp_id 
_struct_sheet_range.beg_auth_asym_id 
_struct_sheet_range.beg_auth_seq_id 
_struct_sheet_range.end_auth_comp_id 
_struct_sheet_range.end_auth_asym_id 
_struct_sheet_range.end_auth_seq_id 
A 1 ARG A 56 ? ARG A 57 ? ARG A 56 ARG A 57 
A 2 VAL B 30 ? LEU B 36 ? VAL B 30 LEU B 36 
A 3 GLU B 21 ? LEU B 27 ? GLU B 21 LEU B 27 
A 4 GLU A 21 ? LEU A 27 ? GLU A 21 LEU A 27 
A 5 VAL A 30 ? LEU A 36 ? VAL A 30 LEU A 36 
A 6 ARG B 56 ? VAL B 58 ? ARG B 56 VAL B 58 
# 
loop_
_pdbx_struct_sheet_hbond.sheet_id 
_pdbx_struct_sheet_hbond.range_id_1 
_pdbx_struct_sheet_hbond.range_id_2 
_pdbx_struct_sheet_hbond.range_1_label_atom_id 
_pdbx_struct_sheet_hbond.range_1_label_comp_id 
_pdbx_struct_sheet_hbond.range_1_label_asym_id 
_pdbx_struct_sheet_hbond.range_1_label_seq_id 
_pdbx_struct_sheet_hbond.range_1_PDB_ins_code 
_pdbx_struct_sheet_hbond.range_1_auth_atom_id 
_pdbx_struct_sheet_hbond.range_1_auth_comp_id 
_pdbx_struct_sheet_hbond.range_1_auth_asym_id 
_pdbx_struct_sheet_hbond.range_1_auth_seq_id 
_pdbx_struct_sheet_hbond.range_2_label_atom_id 
_pdbx_struct_sheet_hbond.range_2_label_comp_id 
_pdbx_struct_sheet_hbond.range_2_label_asym_id 
_pdbx_struct_sheet_hbond.range_2_label_seq_id 
_pdbx_struct_sheet_hbond.range_2_PDB_ins_code 
_pdbx_struct_sheet_hbond.range_2_auth_atom_id 
_pdbx_struct_sheet_hbond.range_2_auth_comp_id 
_pdbx_struct_sheet_hbond.range_2_auth_asym_id 
_pdbx_struct_sheet_hbond.range_2_auth_seq_id 
A 1 2 N ARG A 56 ? N ARG A 56 O GLU B 33 ? O GLU B 33 
A 2 3 O TYR B 32 ? O TYR B 32 N PHE B 25 ? N PHE B 25 
A 3 4 O GLY B 26 ? O GLY B 26 N GLY A 26 ? N GLY A 26 
A 4 5 N PHE A 25 ? N PHE A 25 O TYR A 32 ? O TYR A 32 
A 5 6 N GLU A 33 ? N GLU A 33 O ARG B 56 ? O ARG B 56 
# 
loop_
_pdbx_validate_close_contact.id 
_pdbx_validate_close_contact.PDB_model_num 
_pdbx_validate_close_contact.auth_atom_id_1 
_pdbx_validate_close_contact.auth_asym_id_1 
_pdbx_validate_close_contact.auth_comp_id_1 
_pdbx_validate_close_contact.auth_seq_id_1 
_pdbx_validate_close_contact.PDB_ins_code_1 
_pdbx_validate_close_contact.label_alt_id_1 
_pdbx_validate_close_contact.auth_atom_id_2 
_pdbx_validate_close_contact.auth_asym_id_2 
_pdbx_validate_close_contact.auth_comp_id_2 
_pdbx_validate_close_contact.auth_seq_id_2 
_pdbx_validate_close_contact.PDB_ins_code_2 
_pdbx_validate_close_contact.label_alt_id_2 
_pdbx_validate_close_contact.dist 
1 1 O   A HOH 180 ? ? O A HOH 188 ? ? 1.87 
2 1 O   A HOH 178 ? ? O A HOH 192 ? ? 2.13 
3 1 O   B HOH 150 ? ? O B HOH 197 ? ? 2.14 
4 1 OE2 B GLU 33  ? ? O B HOH 192 ? ? 2.17 
5 1 O   B HOH 131 ? ? O B HOH 162 ? ? 2.19 
6 1 O   A GLY 17  ? ? O A HOH 185 ? ? 2.19 
# 
loop_
_pdbx_unobs_or_zero_occ_residues.id 
_pdbx_unobs_or_zero_occ_residues.PDB_model_num 
_pdbx_unobs_or_zero_occ_residues.polymer_flag 
_pdbx_unobs_or_zero_occ_residues.occupancy_flag 
_pdbx_unobs_or_zero_occ_residues.auth_asym_id 
_pdbx_unobs_or_zero_occ_residues.auth_comp_id 
_pdbx_unobs_or_zero_occ_residues.auth_seq_id 
_pdbx_unobs_or_zero_occ_residues.PDB_ins_code 
_pdbx_unobs_or_zero_occ_residues.label_asym_id 
_pdbx_unobs_or_zero_occ_residues.label_comp_id 
_pdbx_unobs_or_zero_occ_residues.label_seq_id 
1  1 Y 1 A MET 1  ? A MET 1  
2  1 Y 1 A ALA 2  ? A ALA 2  
3  1 Y 1 A LYS 3  ? A LYS 3  
4  1 Y 1 A GLY 59 ? A GLY 59 
5  1 Y 1 A GLY 60 ? A GLY 60 
6  1 Y 1 A ARG 61 ? A ARG 61 
7  1 Y 1 B MET 1  ? B MET 1  
8  1 Y 1 B ALA 2  ? B ALA 2  
9  1 Y 1 B LYS 3  ? B LYS 3  
10 1 Y 1 B GLY 60 ? B GLY 60 
11 1 Y 1 B ARG 61 ? B ARG 61 
# 
loop_
_chem_comp_atom.comp_id 
_chem_comp_atom.atom_id 
_chem_comp_atom.type_symbol 
_chem_comp_atom.pdbx_aromatic_flag 
_chem_comp_atom.pdbx_stereo_config 
_chem_comp_atom.pdbx_ordinal 
ALA N    N N N 1   
ALA CA   C N S 2   
ALA C    C N N 3   
ALA O    O N N 4   
ALA CB   C N N 5   
ALA OXT  O N N 6   
ALA H    H N N 7   
ALA H2   H N N 8   
ALA HA   H N N 9   
ALA HB1  H N N 10  
ALA HB2  H N N 11  
ALA HB3  H N N 12  
ALA HXT  H N N 13  
ARG N    N N N 14  
ARG CA   C N S 15  
ARG C    C N N 16  
ARG O    O N N 17  
ARG CB   C N N 18  
ARG CG   C N N 19  
ARG CD   C N N 20  
ARG NE   N N N 21  
ARG CZ   C N N 22  
ARG NH1  N N N 23  
ARG NH2  N N N 24  
ARG OXT  O N N 25  
ARG H    H N N 26  
ARG H2   H N N 27  
ARG HA   H N N 28  
ARG HB2  H N N 29  
ARG HB3  H N N 30  
ARG HG2  H N N 31  
ARG HG3  H N N 32  
ARG HD2  H N N 33  
ARG HD3  H N N 34  
ARG HE   H N N 35  
ARG HH11 H N N 36  
ARG HH12 H N N 37  
ARG HH21 H N N 38  
ARG HH22 H N N 39  
ARG HXT  H N N 40  
ASN N    N N N 41  
ASN CA   C N S 42  
ASN C    C N N 43  
ASN O    O N N 44  
ASN CB   C N N 45  
ASN CG   C N N 46  
ASN OD1  O N N 47  
ASN ND2  N N N 48  
ASN OXT  O N N 49  
ASN H    H N N 50  
ASN H2   H N N 51  
ASN HA   H N N 52  
ASN HB2  H N N 53  
ASN HB3  H N N 54  
ASN HD21 H N N 55  
ASN HD22 H N N 56  
ASN HXT  H N N 57  
ASP N    N N N 58  
ASP CA   C N S 59  
ASP C    C N N 60  
ASP O    O N N 61  
ASP CB   C N N 62  
ASP CG   C N N 63  
ASP OD1  O N N 64  
ASP OD2  O N N 65  
ASP OXT  O N N 66  
ASP H    H N N 67  
ASP H2   H N N 68  
ASP HA   H N N 69  
ASP HB2  H N N 70  
ASP HB3  H N N 71  
ASP HD2  H N N 72  
ASP HXT  H N N 73  
GLN N    N N N 74  
GLN CA   C N S 75  
GLN C    C N N 76  
GLN O    O N N 77  
GLN CB   C N N 78  
GLN CG   C N N 79  
GLN CD   C N N 80  
GLN OE1  O N N 81  
GLN NE2  N N N 82  
GLN OXT  O N N 83  
GLN H    H N N 84  
GLN H2   H N N 85  
GLN HA   H N N 86  
GLN HB2  H N N 87  
GLN HB3  H N N 88  
GLN HG2  H N N 89  
GLN HG3  H N N 90  
GLN HE21 H N N 91  
GLN HE22 H N N 92  
GLN HXT  H N N 93  
GLU N    N N N 94  
GLU CA   C N S 95  
GLU C    C N N 96  
GLU O    O N N 97  
GLU CB   C N N 98  
GLU CG   C N N 99  
GLU CD   C N N 100 
GLU OE1  O N N 101 
GLU OE2  O N N 102 
GLU OXT  O N N 103 
GLU H    H N N 104 
GLU H2   H N N 105 
GLU HA   H N N 106 
GLU HB2  H N N 107 
GLU HB3  H N N 108 
GLU HG2  H N N 109 
GLU HG3  H N N 110 
GLU HE2  H N N 111 
GLU HXT  H N N 112 
GLY N    N N N 113 
GLY CA   C N N 114 
GLY C    C N N 115 
GLY O    O N N 116 
GLY OXT  O N N 117 
GLY H    H N N 118 
GLY H2   H N N 119 
GLY HA2  H N N 120 
GLY HA3  H N N 121 
GLY HXT  H N N 122 
HOH O    O N N 123 
HOH H1   H N N 124 
HOH H2   H N N 125 
ILE N    N N N 126 
ILE CA   C N S 127 
ILE C    C N N 128 
ILE O    O N N 129 
ILE CB   C N S 130 
ILE CG1  C N N 131 
ILE CG2  C N N 132 
ILE CD1  C N N 133 
ILE OXT  O N N 134 
ILE H    H N N 135 
ILE H2   H N N 136 
ILE HA   H N N 137 
ILE HB   H N N 138 
ILE HG12 H N N 139 
ILE HG13 H N N 140 
ILE HG21 H N N 141 
ILE HG22 H N N 142 
ILE HG23 H N N 143 
ILE HD11 H N N 144 
ILE HD12 H N N 145 
ILE HD13 H N N 146 
ILE HXT  H N N 147 
LEU N    N N N 148 
LEU CA   C N S 149 
LEU C    C N N 150 
LEU O    O N N 151 
LEU CB   C N N 152 
LEU CG   C N N 153 
LEU CD1  C N N 154 
LEU CD2  C N N 155 
LEU OXT  O N N 156 
LEU H    H N N 157 
LEU H2   H N N 158 
LEU HA   H N N 159 
LEU HB2  H N N 160 
LEU HB3  H N N 161 
LEU HG   H N N 162 
LEU HD11 H N N 163 
LEU HD12 H N N 164 
LEU HD13 H N N 165 
LEU HD21 H N N 166 
LEU HD22 H N N 167 
LEU HD23 H N N 168 
LEU HXT  H N N 169 
LYS N    N N N 170 
LYS CA   C N S 171 
LYS C    C N N 172 
LYS O    O N N 173 
LYS CB   C N N 174 
LYS CG   C N N 175 
LYS CD   C N N 176 
LYS CE   C N N 177 
LYS NZ   N N N 178 
LYS OXT  O N N 179 
LYS H    H N N 180 
LYS H2   H N N 181 
LYS HA   H N N 182 
LYS HB2  H N N 183 
LYS HB3  H N N 184 
LYS HG2  H N N 185 
LYS HG3  H N N 186 
LYS HD2  H N N 187 
LYS HD3  H N N 188 
LYS HE2  H N N 189 
LYS HE3  H N N 190 
LYS HZ1  H N N 191 
LYS HZ2  H N N 192 
LYS HZ3  H N N 193 
LYS HXT  H N N 194 
MET N    N N N 195 
MET CA   C N S 196 
MET C    C N N 197 
MET O    O N N 198 
MET CB   C N N 199 
MET CG   C N N 200 
MET SD   S N N 201 
MET CE   C N N 202 
MET OXT  O N N 203 
MET H    H N N 204 
MET H2   H N N 205 
MET HA   H N N 206 
MET HB2  H N N 207 
MET HB3  H N N 208 
MET HG2  H N N 209 
MET HG3  H N N 210 
MET HE1  H N N 211 
MET HE2  H N N 212 
MET HE3  H N N 213 
MET HXT  H N N 214 
PHE N    N N N 215 
PHE CA   C N S 216 
PHE C    C N N 217 
PHE O    O N N 218 
PHE CB   C N N 219 
PHE CG   C Y N 220 
PHE CD1  C Y N 221 
PHE CD2  C Y N 222 
PHE CE1  C Y N 223 
PHE CE2  C Y N 224 
PHE CZ   C Y N 225 
PHE OXT  O N N 226 
PHE H    H N N 227 
PHE H2   H N N 228 
PHE HA   H N N 229 
PHE HB2  H N N 230 
PHE HB3  H N N 231 
PHE HD1  H N N 232 
PHE HD2  H N N 233 
PHE HE1  H N N 234 
PHE HE2  H N N 235 
PHE HZ   H N N 236 
PHE HXT  H N N 237 
SER N    N N N 238 
SER CA   C N S 239 
SER C    C N N 240 
SER O    O N N 241 
SER CB   C N N 242 
SER OG   O N N 243 
SER OXT  O N N 244 
SER H    H N N 245 
SER H2   H N N 246 
SER HA   H N N 247 
SER HB2  H N N 248 
SER HB3  H N N 249 
SER HG   H N N 250 
SER HXT  H N N 251 
THR N    N N N 252 
THR CA   C N S 253 
THR C    C N N 254 
THR O    O N N 255 
THR CB   C N R 256 
THR OG1  O N N 257 
THR CG2  C N N 258 
THR OXT  O N N 259 
THR H    H N N 260 
THR H2   H N N 261 
THR HA   H N N 262 
THR HB   H N N 263 
THR HG1  H N N 264 
THR HG21 H N N 265 
THR HG22 H N N 266 
THR HG23 H N N 267 
THR HXT  H N N 268 
TRP N    N N N 269 
TRP CA   C N S 270 
TRP C    C N N 271 
TRP O    O N N 272 
TRP CB   C N N 273 
TRP CG   C Y N 274 
TRP CD1  C Y N 275 
TRP CD2  C Y N 276 
TRP NE1  N Y N 277 
TRP CE2  C Y N 278 
TRP CE3  C Y N 279 
TRP CZ2  C Y N 280 
TRP CZ3  C Y N 281 
TRP CH2  C Y N 282 
TRP OXT  O N N 283 
TRP H    H N N 284 
TRP H2   H N N 285 
TRP HA   H N N 286 
TRP HB2  H N N 287 
TRP HB3  H N N 288 
TRP HD1  H N N 289 
TRP HE1  H N N 290 
TRP HE3  H N N 291 
TRP HZ2  H N N 292 
TRP HZ3  H N N 293 
TRP HH2  H N N 294 
TRP HXT  H N N 295 
TYR N    N N N 296 
TYR CA   C N S 297 
TYR C    C N N 298 
TYR O    O N N 299 
TYR CB   C N N 300 
TYR CG   C Y N 301 
TYR CD1  C Y N 302 
TYR CD2  C Y N 303 
TYR CE1  C Y N 304 
TYR CE2  C Y N 305 
TYR CZ   C Y N 306 
TYR OH   O N N 307 
TYR OXT  O N N 308 
TYR H    H N N 309 
TYR H2   H N N 310 
TYR HA   H N N 311 
TYR HB2  H N N 312 
TYR HB3  H N N 313 
TYR HD1  H N N 314 
TYR HD2  H N N 315 
TYR HE1  H N N 316 
TYR HE2  H N N 317 
TYR HH   H N N 318 
TYR HXT  H N N 319 
VAL N    N N N 320 
VAL CA   C N S 321 
VAL C    C N N 322 
VAL O    O N N 323 
VAL CB   C N N 324 
VAL CG1  C N N 325 
VAL CG2  C N N 326 
VAL OXT  O N N 327 
VAL H    H N N 328 
VAL H2   H N N 329 
VAL HA   H N N 330 
VAL HB   H N N 331 
VAL HG11 H N N 332 
VAL HG12 H N N 333 
VAL HG13 H N N 334 
VAL HG21 H N N 335 
VAL HG22 H N N 336 
VAL HG23 H N N 337 
VAL HXT  H N N 338 
# 
loop_
_chem_comp_bond.comp_id 
_chem_comp_bond.atom_id_1 
_chem_comp_bond.atom_id_2 
_chem_comp_bond.value_order 
_chem_comp_bond.pdbx_aromatic_flag 
_chem_comp_bond.pdbx_stereo_config 
_chem_comp_bond.pdbx_ordinal 
ALA N   CA   sing N N 1   
ALA N   H    sing N N 2   
ALA N   H2   sing N N 3   
ALA CA  C    sing N N 4   
ALA CA  CB   sing N N 5   
ALA CA  HA   sing N N 6   
ALA C   O    doub N N 7   
ALA C   OXT  sing N N 8   
ALA CB  HB1  sing N N 9   
ALA CB  HB2  sing N N 10  
ALA CB  HB3  sing N N 11  
ALA OXT HXT  sing N N 12  
ARG N   CA   sing N N 13  
ARG N   H    sing N N 14  
ARG N   H2   sing N N 15  
ARG CA  C    sing N N 16  
ARG CA  CB   sing N N 17  
ARG CA  HA   sing N N 18  
ARG C   O    doub N N 19  
ARG C   OXT  sing N N 20  
ARG CB  CG   sing N N 21  
ARG CB  HB2  sing N N 22  
ARG CB  HB3  sing N N 23  
ARG CG  CD   sing N N 24  
ARG CG  HG2  sing N N 25  
ARG CG  HG3  sing N N 26  
ARG CD  NE   sing N N 27  
ARG CD  HD2  sing N N 28  
ARG CD  HD3  sing N N 29  
ARG NE  CZ   sing N N 30  
ARG NE  HE   sing N N 31  
ARG CZ  NH1  sing N N 32  
ARG CZ  NH2  doub N N 33  
ARG NH1 HH11 sing N N 34  
ARG NH1 HH12 sing N N 35  
ARG NH2 HH21 sing N N 36  
ARG NH2 HH22 sing N N 37  
ARG OXT HXT  sing N N 38  
ASN N   CA   sing N N 39  
ASN N   H    sing N N 40  
ASN N   H2   sing N N 41  
ASN CA  C    sing N N 42  
ASN CA  CB   sing N N 43  
ASN CA  HA   sing N N 44  
ASN C   O    doub N N 45  
ASN C   OXT  sing N N 46  
ASN CB  CG   sing N N 47  
ASN CB  HB2  sing N N 48  
ASN CB  HB3  sing N N 49  
ASN CG  OD1  doub N N 50  
ASN CG  ND2  sing N N 51  
ASN ND2 HD21 sing N N 52  
ASN ND2 HD22 sing N N 53  
ASN OXT HXT  sing N N 54  
ASP N   CA   sing N N 55  
ASP N   H    sing N N 56  
ASP N   H2   sing N N 57  
ASP CA  C    sing N N 58  
ASP CA  CB   sing N N 59  
ASP CA  HA   sing N N 60  
ASP C   O    doub N N 61  
ASP C   OXT  sing N N 62  
ASP CB  CG   sing N N 63  
ASP CB  HB2  sing N N 64  
ASP CB  HB3  sing N N 65  
ASP CG  OD1  doub N N 66  
ASP CG  OD2  sing N N 67  
ASP OD2 HD2  sing N N 68  
ASP OXT HXT  sing N N 69  
GLN N   CA   sing N N 70  
GLN N   H    sing N N 71  
GLN N   H2   sing N N 72  
GLN CA  C    sing N N 73  
GLN CA  CB   sing N N 74  
GLN CA  HA   sing N N 75  
GLN C   O    doub N N 76  
GLN C   OXT  sing N N 77  
GLN CB  CG   sing N N 78  
GLN CB  HB2  sing N N 79  
GLN CB  HB3  sing N N 80  
GLN CG  CD   sing N N 81  
GLN CG  HG2  sing N N 82  
GLN CG  HG3  sing N N 83  
GLN CD  OE1  doub N N 84  
GLN CD  NE2  sing N N 85  
GLN NE2 HE21 sing N N 86  
GLN NE2 HE22 sing N N 87  
GLN OXT HXT  sing N N 88  
GLU N   CA   sing N N 89  
GLU N   H    sing N N 90  
GLU N   H2   sing N N 91  
GLU CA  C    sing N N 92  
GLU CA  CB   sing N N 93  
GLU CA  HA   sing N N 94  
GLU C   O    doub N N 95  
GLU C   OXT  sing N N 96  
GLU CB  CG   sing N N 97  
GLU CB  HB2  sing N N 98  
GLU CB  HB3  sing N N 99  
GLU CG  CD   sing N N 100 
GLU CG  HG2  sing N N 101 
GLU CG  HG3  sing N N 102 
GLU CD  OE1  doub N N 103 
GLU CD  OE2  sing N N 104 
GLU OE2 HE2  sing N N 105 
GLU OXT HXT  sing N N 106 
GLY N   CA   sing N N 107 
GLY N   H    sing N N 108 
GLY N   H2   sing N N 109 
GLY CA  C    sing N N 110 
GLY CA  HA2  sing N N 111 
GLY CA  HA3  sing N N 112 
GLY C   O    doub N N 113 
GLY C   OXT  sing N N 114 
GLY OXT HXT  sing N N 115 
HOH O   H1   sing N N 116 
HOH O   H2   sing N N 117 
ILE N   CA   sing N N 118 
ILE N   H    sing N N 119 
ILE N   H2   sing N N 120 
ILE CA  C    sing N N 121 
ILE CA  CB   sing N N 122 
ILE CA  HA   sing N N 123 
ILE C   O    doub N N 124 
ILE C   OXT  sing N N 125 
ILE CB  CG1  sing N N 126 
ILE CB  CG2  sing N N 127 
ILE CB  HB   sing N N 128 
ILE CG1 CD1  sing N N 129 
ILE CG1 HG12 sing N N 130 
ILE CG1 HG13 sing N N 131 
ILE CG2 HG21 sing N N 132 
ILE CG2 HG22 sing N N 133 
ILE CG2 HG23 sing N N 134 
ILE CD1 HD11 sing N N 135 
ILE CD1 HD12 sing N N 136 
ILE CD1 HD13 sing N N 137 
ILE OXT HXT  sing N N 138 
LEU N   CA   sing N N 139 
LEU N   H    sing N N 140 
LEU N   H2   sing N N 141 
LEU CA  C    sing N N 142 
LEU CA  CB   sing N N 143 
LEU CA  HA   sing N N 144 
LEU C   O    doub N N 145 
LEU C   OXT  sing N N 146 
LEU CB  CG   sing N N 147 
LEU CB  HB2  sing N N 148 
LEU CB  HB3  sing N N 149 
LEU CG  CD1  sing N N 150 
LEU CG  CD2  sing N N 151 
LEU CG  HG   sing N N 152 
LEU CD1 HD11 sing N N 153 
LEU CD1 HD12 sing N N 154 
LEU CD1 HD13 sing N N 155 
LEU CD2 HD21 sing N N 156 
LEU CD2 HD22 sing N N 157 
LEU CD2 HD23 sing N N 158 
LEU OXT HXT  sing N N 159 
LYS N   CA   sing N N 160 
LYS N   H    sing N N 161 
LYS N   H2   sing N N 162 
LYS CA  C    sing N N 163 
LYS CA  CB   sing N N 164 
LYS CA  HA   sing N N 165 
LYS C   O    doub N N 166 
LYS C   OXT  sing N N 167 
LYS CB  CG   sing N N 168 
LYS CB  HB2  sing N N 169 
LYS CB  HB3  sing N N 170 
LYS CG  CD   sing N N 171 
LYS CG  HG2  sing N N 172 
LYS CG  HG3  sing N N 173 
LYS CD  CE   sing N N 174 
LYS CD  HD2  sing N N 175 
LYS CD  HD3  sing N N 176 
LYS CE  NZ   sing N N 177 
LYS CE  HE2  sing N N 178 
LYS CE  HE3  sing N N 179 
LYS NZ  HZ1  sing N N 180 
LYS NZ  HZ2  sing N N 181 
LYS NZ  HZ3  sing N N 182 
LYS OXT HXT  sing N N 183 
MET N   CA   sing N N 184 
MET N   H    sing N N 185 
MET N   H2   sing N N 186 
MET CA  C    sing N N 187 
MET CA  CB   sing N N 188 
MET CA  HA   sing N N 189 
MET C   O    doub N N 190 
MET C   OXT  sing N N 191 
MET CB  CG   sing N N 192 
MET CB  HB2  sing N N 193 
MET CB  HB3  sing N N 194 
MET CG  SD   sing N N 195 
MET CG  HG2  sing N N 196 
MET CG  HG3  sing N N 197 
MET SD  CE   sing N N 198 
MET CE  HE1  sing N N 199 
MET CE  HE2  sing N N 200 
MET CE  HE3  sing N N 201 
MET OXT HXT  sing N N 202 
PHE N   CA   sing N N 203 
PHE N   H    sing N N 204 
PHE N   H2   sing N N 205 
PHE CA  C    sing N N 206 
PHE CA  CB   sing N N 207 
PHE CA  HA   sing N N 208 
PHE C   O    doub N N 209 
PHE C   OXT  sing N N 210 
PHE CB  CG   sing N N 211 
PHE CB  HB2  sing N N 212 
PHE CB  HB3  sing N N 213 
PHE CG  CD1  doub Y N 214 
PHE CG  CD2  sing Y N 215 
PHE CD1 CE1  sing Y N 216 
PHE CD1 HD1  sing N N 217 
PHE CD2 CE2  doub Y N 218 
PHE CD2 HD2  sing N N 219 
PHE CE1 CZ   doub Y N 220 
PHE CE1 HE1  sing N N 221 
PHE CE2 CZ   sing Y N 222 
PHE CE2 HE2  sing N N 223 
PHE CZ  HZ   sing N N 224 
PHE OXT HXT  sing N N 225 
SER N   CA   sing N N 226 
SER N   H    sing N N 227 
SER N   H2   sing N N 228 
SER CA  C    sing N N 229 
SER CA  CB   sing N N 230 
SER CA  HA   sing N N 231 
SER C   O    doub N N 232 
SER C   OXT  sing N N 233 
SER CB  OG   sing N N 234 
SER CB  HB2  sing N N 235 
SER CB  HB3  sing N N 236 
SER OG  HG   sing N N 237 
SER OXT HXT  sing N N 238 
THR N   CA   sing N N 239 
THR N   H    sing N N 240 
THR N   H2   sing N N 241 
THR CA  C    sing N N 242 
THR CA  CB   sing N N 243 
THR CA  HA   sing N N 244 
THR C   O    doub N N 245 
THR C   OXT  sing N N 246 
THR CB  OG1  sing N N 247 
THR CB  CG2  sing N N 248 
THR CB  HB   sing N N 249 
THR OG1 HG1  sing N N 250 
THR CG2 HG21 sing N N 251 
THR CG2 HG22 sing N N 252 
THR CG2 HG23 sing N N 253 
THR OXT HXT  sing N N 254 
TRP N   CA   sing N N 255 
TRP N   H    sing N N 256 
TRP N   H2   sing N N 257 
TRP CA  C    sing N N 258 
TRP CA  CB   sing N N 259 
TRP CA  HA   sing N N 260 
TRP C   O    doub N N 261 
TRP C   OXT  sing N N 262 
TRP CB  CG   sing N N 263 
TRP CB  HB2  sing N N 264 
TRP CB  HB3  sing N N 265 
TRP CG  CD1  doub Y N 266 
TRP CG  CD2  sing Y N 267 
TRP CD1 NE1  sing Y N 268 
TRP CD1 HD1  sing N N 269 
TRP CD2 CE2  doub Y N 270 
TRP CD2 CE3  sing Y N 271 
TRP NE1 CE2  sing Y N 272 
TRP NE1 HE1  sing N N 273 
TRP CE2 CZ2  sing Y N 274 
TRP CE3 CZ3  doub Y N 275 
TRP CE3 HE3  sing N N 276 
TRP CZ2 CH2  doub Y N 277 
TRP CZ2 HZ2  sing N N 278 
TRP CZ3 CH2  sing Y N 279 
TRP CZ3 HZ3  sing N N 280 
TRP CH2 HH2  sing N N 281 
TRP OXT HXT  sing N N 282 
TYR N   CA   sing N N 283 
TYR N   H    sing N N 284 
TYR N   H2   sing N N 285 
TYR CA  C    sing N N 286 
TYR CA  CB   sing N N 287 
TYR CA  HA   sing N N 288 
TYR C   O    doub N N 289 
TYR C   OXT  sing N N 290 
TYR CB  CG   sing N N 291 
TYR CB  HB2  sing N N 292 
TYR CB  HB3  sing N N 293 
TYR CG  CD1  doub Y N 294 
TYR CG  CD2  sing Y N 295 
TYR CD1 CE1  sing Y N 296 
TYR CD1 HD1  sing N N 297 
TYR CD2 CE2  doub Y N 298 
TYR CD2 HD2  sing N N 299 
TYR CE1 CZ   doub Y N 300 
TYR CE1 HE1  sing N N 301 
TYR CE2 CZ   sing Y N 302 
TYR CE2 HE2  sing N N 303 
TYR CZ  OH   sing N N 304 
TYR OH  HH   sing N N 305 
TYR OXT HXT  sing N N 306 
VAL N   CA   sing N N 307 
VAL N   H    sing N N 308 
VAL N   H2   sing N N 309 
VAL CA  C    sing N N 310 
VAL CA  CB   sing N N 311 
VAL CA  HA   sing N N 312 
VAL C   O    doub N N 313 
VAL C   OXT  sing N N 314 
VAL CB  CG1  sing N N 315 
VAL CB  CG2  sing N N 316 
VAL CB  HB   sing N N 317 
VAL CG1 HG11 sing N N 318 
VAL CG1 HG12 sing N N 319 
VAL CG1 HG13 sing N N 320 
VAL CG2 HG21 sing N N 321 
VAL CG2 HG22 sing N N 322 
VAL CG2 HG23 sing N N 323 
VAL OXT HXT  sing N N 324 
# 
_atom_sites.entry_id                    4E1P 
_atom_sites.fract_transf_matrix[1][1]   -0.00768080 
_atom_sites.fract_transf_matrix[1][2]   -0.02954053 
_atom_sites.fract_transf_matrix[1][3]   -0.00446239 
_atom_sites.fract_transf_matrix[2][1]   0.02827522 
_atom_sites.fract_transf_matrix[2][2]   -0.00379363 
_atom_sites.fract_transf_matrix[2][3]   -0.02355471 
_atom_sites.fract_transf_matrix[3][1]   0.01013739 
_atom_sites.fract_transf_matrix[3][2]   -0.00600480 
_atom_sites.fract_transf_matrix[3][3]   0.01313610 
_atom_sites.fract_transf_vector[1]      0.262052 
_atom_sites.fract_transf_vector[2]      0.285132 
_atom_sites.fract_transf_vector[3]      0.262688 
# 
loop_
_atom_type.symbol 
C 
N 
O 
# 
loop_
_atom_site.group_PDB 
_atom_site.id 
_atom_site.type_symbol 
_atom_site.label_atom_id 
_atom_site.label_alt_id 
_atom_site.label_comp_id 
_atom_site.label_asym_id 
_atom_site.label_entity_id 
_atom_site.label_seq_id 
_atom_site.pdbx_PDB_ins_code 
_atom_site.Cartn_x 
_atom_site.Cartn_y 
_atom_site.Cartn_z 
_atom_site.occupancy 
_atom_site.B_iso_or_equiv 
_atom_site.pdbx_formal_charge 
_atom_site.auth_seq_id 
_atom_site.auth_comp_id 
_atom_site.auth_asym_id 
_atom_site.auth_atom_id 
_atom_site.pdbx_PDB_model_num 
ATOM   1    N N   . LYS A 1 4  ? 22.206  -11.879 29.546  1.00 12.22 ? 4   LYS A N   1 
ATOM   2    C CA  . LYS A 1 4  ? 20.854  -12.418 29.427  1.00 16.35 ? 4   LYS A CA  1 
ATOM   3    C C   . LYS A 1 4  ? 20.424  -12.417 27.969  1.00 16.48 ? 4   LYS A C   1 
ATOM   4    O O   . LYS A 1 4  ? 20.892  -11.599 27.172  1.00 16.45 ? 4   LYS A O   1 
ATOM   5    C CB  . LYS A 1 4  ? 19.874  -11.599 30.264  1.00 19.55 ? 4   LYS A CB  1 
ATOM   6    N N   . VAL A 1 5  ? 19.541  -13.347 27.622  1.00 17.41 ? 5   VAL A N   1 
ATOM   7    C CA  . VAL A 1 5  ? 18.916  -13.346 26.308  1.00 15.42 ? 5   VAL A CA  1 
ATOM   8    C C   . VAL A 1 5  ? 17.742  -12.371 26.333  1.00 18.64 ? 5   VAL A C   1 
ATOM   9    O O   . VAL A 1 5  ? 16.743  -12.588 27.032  1.00 17.97 ? 5   VAL A O   1 
ATOM   10   C CB  . VAL A 1 5  ? 18.457  -14.763 25.905  1.00 21.15 ? 5   VAL A CB  1 
ATOM   11   C CG1 . VAL A 1 5  ? 17.651  -14.719 24.609  1.00 21.33 ? 5   VAL A CG1 1 
ATOM   12   C CG2 . VAL A 1 5  ? 19.666  -15.679 25.756  1.00 24.32 ? 5   VAL A CG2 1 
ATOM   13   N N   . THR A 1 6  ? 17.886  -11.275 25.592  1.00 19.01 ? 6   THR A N   1 
ATOM   14   C CA  . THR A 1 6  ? 16.893  -10.213 25.579  1.00 13.46 ? 6   THR A CA  1 
ATOM   15   C C   . THR A 1 6  ? 16.093  -10.262 24.286  1.00 14.63 ? 6   THR A C   1 
ATOM   16   O O   . THR A 1 6  ? 16.654  -10.315 23.196  1.00 14.52 ? 6   THR A O   1 
ATOM   17   C CB  . THR A 1 6  ? 17.555  -8.832  25.739  1.00 17.51 ? 6   THR A CB  1 
ATOM   18   O OG1 . THR A 1 6  ? 18.303  -8.814  26.964  1.00 24.42 ? 6   THR A OG1 1 
ATOM   19   C CG2 . THR A 1 6  ? 16.507  -7.720  25.769  1.00 19.09 ? 6   THR A CG2 1 
ATOM   20   N N   . VAL A 1 7  ? 14.771  -10.264 24.420  1.00 13.09 ? 7   VAL A N   1 
ATOM   21   C CA  . VAL A 1 7  ? 13.891  -10.365 23.265  1.00 11.53 ? 7   VAL A CA  1 
ATOM   22   C C   . VAL A 1 7  ? 13.092  -9.083  23.136  1.00 11.98 ? 7   VAL A C   1 
ATOM   23   O O   . VAL A 1 7  ? 12.496  -8.606  24.106  1.00 12.87 ? 7   VAL A O   1 
ATOM   24   C CB  . VAL A 1 7  ? 12.935  -11.557 23.400  1.00 14.49 ? 7   VAL A CB  1 
ATOM   25   C CG1 . VAL A 1 7  ? 12.013  -11.651 22.183  1.00 10.71 ? 7   VAL A CG1 1 
ATOM   26   C CG2 . VAL A 1 7  ? 13.732  -12.847 23.559  1.00 16.50 ? 7   VAL A CG2 1 
ATOM   27   N N   . THR A 1 8  ? 13.116  -8.492  21.950  1.00 10.88 ? 8   THR A N   1 
ATOM   28   C CA  . THR A 1 8  ? 12.366  -7.262  21.716  1.00 11.10 ? 8   THR A CA  1 
ATOM   29   C C   . THR A 1 8  ? 11.626  -7.344  20.384  1.00 12.75 ? 8   THR A C   1 
ATOM   30   O O   . THR A 1 8  ? 12.149  -7.892  19.416  1.00 10.31 ? 8   THR A O   1 
ATOM   31   C CB  . THR A 1 8  ? 13.284  -6.016  21.722  1.00 19.39 ? 8   THR A CB  1 
ATOM   32   O OG1 . THR A 1 8  ? 14.218  -6.105  20.639  1.00 27.96 ? 8   THR A OG1 1 
ATOM   33   C CG2 . THR A 1 8  ? 14.058  -5.915  23.029  1.00 16.31 ? 8   THR A CG2 1 
ATOM   34   N N   . LEU A 1 9  ? 10.405  -6.815  20.347  1.00 10.27 ? 9   LEU A N   1 
ATOM   35   C CA  . LEU A 1 9  ? 9.663   -6.713  19.095  1.00 9.89  ? 9   LEU A CA  1 
ATOM   36   C C   . LEU A 1 9  ? 9.881   -5.303  18.557  1.00 8.75  ? 9   LEU A C   1 
ATOM   37   O O   . LEU A 1 9  ? 9.333   -4.327  19.080  1.00 9.63  ? 9   LEU A O   1 
ATOM   38   C CB  . LEU A 1 9  ? 8.177   -7.006  19.302  1.00 12.23 ? 9   LEU A CB  1 
ATOM   39   C CG  . LEU A 1 9  ? 7.282   -7.010  18.055  1.00 11.43 ? 9   LEU A CG  1 
ATOM   40   C CD1 . LEU A 1 9  ? 7.688   -8.102  17.074  1.00 12.04 ? 9   LEU A CD1 1 
ATOM   41   C CD2 . LEU A 1 9  ? 5.820   -7.167  18.469  1.00 12.49 ? 9   LEU A CD2 1 
ATOM   42   N N   . VAL A 1 10 ? 10.711  -5.225  17.524  1.00 9.33  ? 10  VAL A N   1 
ATOM   43   C CA  . VAL A 1 10 ? 11.240  -3.973  17.002  1.00 9.35  ? 10  VAL A CA  1 
ATOM   44   C C   . VAL A 1 10 ? 10.450  -3.520  15.779  1.00 7.70  ? 10  VAL A C   1 
ATOM   45   O O   . VAL A 1 10 ? 10.103  -4.330  14.924  1.00 9.27  ? 10  VAL A O   1 
ATOM   46   C CB  . VAL A 1 10 ? 12.720  -4.165  16.617  1.00 11.44 ? 10  VAL A CB  1 
ATOM   47   C CG1 . VAL A 1 10 ? 13.285  -2.926  15.940  1.00 14.06 ? 10  VAL A CG1 1 
ATOM   48   C CG2 . VAL A 1 10 ? 13.535  -4.526  17.864  1.00 12.97 ? 10  VAL A CG2 1 
ATOM   49   N N   . ASP A 1 11 ? 10.153  -2.223  15.717  1.00 6.38  ? 11  ASP A N   1 
ATOM   50   C CA  . ASP A 1 11 ? 9.466   -1.630  14.580  1.00 7.30  ? 11  ASP A CA  1 
ATOM   51   C C   . ASP A 1 11 ? 10.360  -1.780  13.335  1.00 8.87  ? 11  ASP A C   1 
ATOM   52   O O   . ASP A 1 11 ? 11.525  -1.372  13.347  1.00 6.04  ? 11  ASP A O   1 
ATOM   53   C CB  . ASP A 1 11 ? 9.148   -0.153  14.908  1.00 5.22  ? 11  ASP A CB  1 
ATOM   54   C CG  . ASP A 1 11 ? 8.430   0.579   13.788  1.00 8.41  ? 11  ASP A CG  1 
ATOM   55   O OD1 . ASP A 1 11 ? 8.955   0.641   12.659  1.00 7.28  ? 11  ASP A OD1 1 
ATOM   56   O OD2 . ASP A 1 11 ? 7.347   1.144   14.050  1.00 8.76  ? 11  ASP A OD2 1 
ATOM   57   N N   . ASP A 1 12 ? 9.817   -2.374  12.274  1.00 6.01  ? 12  ASP A N   1 
ATOM   58   C CA  . ASP A 1 12 ? 10.583  -2.667  11.059  1.00 6.76  ? 12  ASP A CA  1 
ATOM   59   C C   . ASP A 1 12 ? 10.908  -1.411  10.249  1.00 6.34  ? 12  ASP A C   1 
ATOM   60   O O   . ASP A 1 12 ? 11.904  -1.372  9.529   1.00 6.02  ? 12  ASP A O   1 
ATOM   61   C CB  . ASP A 1 12 ? 9.802   -3.645  10.167  1.00 6.90  ? 12  ASP A CB  1 
ATOM   62   C CG  . ASP A 1 12 ? 9.768   -5.053  10.735  1.00 7.14  ? 12  ASP A CG  1 
ATOM   63   O OD1 . ASP A 1 12 ? 10.785  -5.482  11.330  1.00 9.16  ? 12  ASP A OD1 1 
ATOM   64   O OD2 . ASP A 1 12 ? 8.732   -5.735  10.595  1.00 7.44  ? 12  ASP A OD2 1 
ATOM   65   N N   . PHE A 1 13 ? 10.057  -0.397  10.362  1.00 5.06  ? 13  PHE A N   1 
ATOM   66   C CA  . PHE A 1 13 ? 10.190  0.814   9.563   1.00 5.98  ? 13  PHE A CA  1 
ATOM   67   C C   . PHE A 1 13 ? 11.213  1.798   10.133  1.00 8.19  ? 13  PHE A C   1 
ATOM   68   O O   . PHE A 1 13 ? 12.016  2.360   9.381   1.00 6.29  ? 13  PHE A O   1 
ATOM   69   C CB  . PHE A 1 13 ? 8.822   1.489   9.405   1.00 5.23  ? 13  PHE A CB  1 
ATOM   70   C CG  . PHE A 1 13 ? 8.837   2.720   8.535   1.00 7.32  ? 13  PHE A CG  1 
ATOM   71   C CD1 . PHE A 1 13 ? 8.822   2.611   7.152   1.00 10.19 ? 13  PHE A CD1 1 
ATOM   72   C CD2 . PHE A 1 13 ? 8.839   3.985   9.103   1.00 11.93 ? 13  PHE A CD2 1 
ATOM   73   C CE1 . PHE A 1 13 ? 8.821   3.747   6.351   1.00 12.97 ? 13  PHE A CE1 1 
ATOM   74   C CE2 . PHE A 1 13 ? 8.847   5.123   8.305   1.00 13.54 ? 13  PHE A CE2 1 
ATOM   75   C CZ  . PHE A 1 13 ? 8.840   5.001   6.932   1.00 14.38 ? 13  PHE A CZ  1 
ATOM   76   N N   . ASP A 1 14 ? 11.190  2.012   11.450  1.00 6.70  ? 14  ASP A N   1 
ATOM   77   C CA  . ASP A 1 14 ? 12.124  2.972   12.053  1.00 6.95  ? 14  ASP A CA  1 
ATOM   78   C C   . ASP A 1 14 ? 13.188  2.342   12.951  1.00 7.21  ? 14  ASP A C   1 
ATOM   79   O O   . ASP A 1 14 ? 14.078  3.036   13.439  1.00 8.33  ? 14  ASP A O   1 
ATOM   80   C CB  . ASP A 1 14 ? 11.398  4.134   12.769  1.00 7.90  ? 14  ASP A CB  1 
ATOM   81   C CG  . ASP A 1 14 ? 10.667  3.711   14.061  1.00 9.70  ? 14  ASP A CG  1 
ATOM   82   O OD1 . ASP A 1 14 ? 10.973  2.663   14.677  1.00 9.63  ? 14  ASP A OD1 1 
ATOM   83   O OD2 . ASP A 1 14 ? 9.779   4.475   14.491  1.00 9.57  ? 14  ASP A OD2 1 
ATOM   84   N N   . GLY A 1 15 ? 13.075  1.040   13.205  1.00 6.28  ? 15  GLY A N   1 
ATOM   85   C CA  . GLY A 1 15 ? 14.067  0.324   13.991  1.00 8.59  ? 15  GLY A CA  1 
ATOM   86   C C   . GLY A 1 15 ? 14.268  0.845   15.402  1.00 10.01 ? 15  GLY A C   1 
ATOM   87   O O   . GLY A 1 15 ? 15.212  0.452   16.084  1.00 10.55 ? 15  GLY A O   1 
ATOM   88   N N   . SER A 1 16 ? 13.367  1.711   15.857  1.00 12.63 ? 16  SER A N   1 
ATOM   89   C CA  . SER A 1 16 ? 13.620  2.503   17.057  1.00 14.49 ? 16  SER A CA  1 
ATOM   90   C C   . SER A 1 16 ? 12.549  2.297   18.118  1.00 14.30 ? 16  SER A C   1 
ATOM   91   O O   . SER A 1 16 ? 12.870  2.132   19.296  1.00 20.96 ? 16  SER A O   1 
ATOM   92   C CB  . SER A 1 16 ? 13.721  3.997   16.710  1.00 14.76 ? 16  SER A CB  1 
ATOM   93   O OG  . SER A 1 16 ? 14.617  4.217   15.633  1.00 11.45 ? 16  SER A OG  1 
ATOM   94   N N   . GLY A 1 17 ? 11.284  2.306   17.707  1.00 12.34 ? 17  GLY A N   1 
ATOM   95   C CA  . GLY A 1 17 ? 10.198  2.114   18.654  1.00 14.76 ? 17  GLY A CA  1 
ATOM   96   C C   . GLY A 1 17 ? 9.865   0.652   18.862  1.00 14.06 ? 17  GLY A C   1 
ATOM   97   O O   . GLY A 1 17 ? 10.291  -0.204  18.086  1.00 13.03 ? 17  GLY A O   1 
ATOM   98   N N   . ALA A 1 18 ? 9.121   0.352   19.922  1.00 11.24 ? 18  ALA A N   1 
ATOM   99   C CA  . ALA A 1 18 ? 8.600   -0.995  20.104  1.00 11.64 ? 18  ALA A CA  1 
ATOM   100  C C   . ALA A 1 18 ? 7.422   -1.189  19.149  1.00 13.07 ? 18  ALA A C   1 
ATOM   101  O O   . ALA A 1 18 ? 6.573   -0.298  18.993  1.00 11.28 ? 18  ALA A O   1 
ATOM   102  C CB  . ALA A 1 18 ? 8.162   -1.216  21.551  1.00 16.43 ? 18  ALA A CB  1 
ATOM   103  N N   . ALA A 1 19 ? 7.361   -2.345  18.501  1.00 9.28  ? 19  ALA A N   1 
ATOM   104  C CA  . ALA A 1 19 ? 6.247   -2.608  17.600  1.00 9.09  ? 19  ALA A CA  1 
ATOM   105  C C   . ALA A 1 19 ? 5.006   -2.973  18.413  1.00 9.13  ? 19  ALA A C   1 
ATOM   106  O O   . ALA A 1 19 ? 5.103   -3.629  19.456  1.00 8.74  ? 19  ALA A O   1 
ATOM   107  C CB  . ALA A 1 19 ? 6.594   -3.706  16.602  1.00 8.51  ? 19  ALA A CB  1 
ATOM   108  N N   . ASP A 1 20 ? 3.847   -2.529  17.933  1.00 6.00  ? 20  ASP A N   1 
ATOM   109  C CA  . ASP A 1 20 ? 2.569   -2.779  18.602  1.00 7.43  ? 20  ASP A CA  1 
ATOM   110  C C   . ASP A 1 20 ? 1.680   -3.743  17.834  1.00 7.80  ? 20  ASP A C   1 
ATOM   111  O O   . ASP A 1 20 ? 0.804   -4.389  18.415  1.00 6.64  ? 20  ASP A O   1 
ATOM   112  C CB  . ASP A 1 20 ? 1.817   -1.460  18.802  1.00 10.98 ? 20  ASP A CB  1 
ATOM   113  C CG  . ASP A 1 20 ? 2.477   -0.566  19.830  1.00 14.22 ? 20  ASP A CG  1 
ATOM   114  O OD1 . ASP A 1 20 ? 2.483   -0.946  21.024  1.00 14.44 ? 20  ASP A OD1 1 
ATOM   115  O OD2 . ASP A 1 20 ? 2.981   0.521   19.452  1.00 11.66 ? 20  ASP A OD2 1 
ATOM   116  N N   . GLU A 1 21 ? 1.882   -3.828  16.524  1.00 6.95  ? 21  GLU A N   1 
ATOM   117  C CA  . GLU A 1 21 ? 1.024   -4.655  15.683  1.00 6.10  ? 21  GLU A CA  1 
ATOM   118  C C   . GLU A 1 21 ? 1.736   -5.039  14.400  1.00 6.38  ? 21  GLU A C   1 
ATOM   119  O O   . GLU A 1 21 ? 2.753   -4.445  14.043  1.00 7.87  ? 21  GLU A O   1 
ATOM   120  C CB  . GLU A 1 21 ? -0.273  -3.916  15.335  1.00 6.80  ? 21  GLU A CB  1 
ATOM   121  C CG  . GLU A 1 21 ? -0.050  -2.634  14.527  1.00 7.18  ? 21  GLU A CG  1 
ATOM   122  C CD  . GLU A 1 21 ? -1.303  -1.787  14.386  1.00 10.72 ? 21  GLU A CD  1 
ATOM   123  O OE1 . GLU A 1 21 ? -2.167  -2.132  13.554  1.00 11.28 ? 21  GLU A OE1 1 
ATOM   124  O OE2 . GLU A 1 21 ? -1.431  -0.768  15.105  1.00 11.74 ? 21  GLU A OE2 1 
ATOM   125  N N   . THR A 1 22 ? 1.196   -6.039  13.714  1.00 4.60  ? 22  THR A N   1 
ATOM   126  C CA  . THR A 1 22 ? 1.691   -6.424  12.395  1.00 3.77  ? 22  THR A CA  1 
ATOM   127  C C   . THR A 1 22 ? 0.653   -5.981  11.374  1.00 5.85  ? 22  THR A C   1 
ATOM   128  O O   . THR A 1 22 ? -0.537  -6.298  11.504  1.00 8.54  ? 22  THR A O   1 
ATOM   129  C CB  . THR A 1 22 ? 1.908   -7.950  12.277  1.00 5.98  ? 22  THR A CB  1 
ATOM   130  O OG1 . THR A 1 22 ? 2.923   -8.369  13.199  1.00 7.94  ? 22  THR A OG1 1 
ATOM   131  C CG2 . THR A 1 22 ? 2.365   -8.317  10.882  1.00 7.27  ? 22  THR A CG2 1 
ATOM   132  N N   . VAL A 1 23 ? 1.087   -5.224  10.375  1.00 3.37  ? 23  VAL A N   1 
ATOM   133  C CA  . VAL A 1 23 ? 0.198   -4.801  9.304   1.00 5.17  ? 23  VAL A CA  1 
ATOM   134  C C   . VAL A 1 23 ? 0.460   -5.631  8.060   1.00 6.86  ? 23  VAL A C   1 
ATOM   135  O O   . VAL A 1 23 ? 1.604   -5.774  7.640   1.00 5.48  ? 23  VAL A O   1 
ATOM   136  C CB  . VAL A 1 23 ? 0.401   -3.307  8.947   1.00 6.21  ? 23  VAL A CB  1 
ATOM   137  C CG1 . VAL A 1 23 ? -0.589  -2.881  7.873   1.00 9.00  ? 23  VAL A CG1 1 
ATOM   138  C CG2 . VAL A 1 23 ? 0.243   -2.434  10.194  1.00 7.13  ? 23  VAL A CG2 1 
ATOM   139  N N   . GLU A 1 24 ? -0.597  -6.183  7.471   1.00 6.89  ? 24  GLU A N   1 
ATOM   140  C CA  . GLU A 1 24 ? -0.459  -6.821  6.174   1.00 5.74  ? 24  GLU A CA  1 
ATOM   141  C C   . GLU A 1 24 ? -0.808  -5.817  5.086   1.00 8.29  ? 24  GLU A C   1 
ATOM   142  O O   . GLU A 1 24 ? -1.761  -5.048  5.214   1.00 6.46  ? 24  GLU A O   1 
ATOM   143  C CB  . GLU A 1 24 ? -1.353  -8.061  6.050   1.00 9.93  ? 24  GLU A CB  1 
ATOM   144  C CG  . GLU A 1 24 ? -0.929  -8.982  4.897   1.00 11.90 ? 24  GLU A CG  1 
ATOM   145  C CD  . GLU A 1 24 ? -1.920  -10.106 4.639   1.00 22.59 ? 24  GLU A CD  1 
ATOM   146  O OE1 . GLU A 1 24 ? -1.724  -11.214 5.189   1.00 26.50 ? 24  GLU A OE1 1 
ATOM   147  O OE2 . GLU A 1 24 ? -2.888  -9.882  3.880   1.00 17.68 ? 24  GLU A OE2 1 
ATOM   148  N N   . PHE A 1 25 ? -0.028  -5.823  4.016   1.00 8.51  ? 25  PHE A N   1 
ATOM   149  C CA  . PHE A 1 25 ? -0.333  -4.985  2.867   1.00 6.13  ? 25  PHE A CA  1 
ATOM   150  C C   . PHE A 1 25 ? 0.235   -5.629  1.604   1.00 7.70  ? 25  PHE A C   1 
ATOM   151  O O   . PHE A 1 25 ? 0.895   -6.669  1.664   1.00 7.91  ? 25  PHE A O   1 
ATOM   152  C CB  . PHE A 1 25 ? 0.202   -3.557  3.072   1.00 7.89  ? 25  PHE A CB  1 
ATOM   153  C CG  . PHE A 1 25 ? 1.704   -3.466  3.111   1.00 7.67  ? 25  PHE A CG  1 
ATOM   154  C CD1 . PHE A 1 25 ? 2.412   -3.832  4.248   1.00 7.34  ? 25  PHE A CD1 1 
ATOM   155  C CD2 . PHE A 1 25 ? 2.408   -2.993  2.011   1.00 9.17  ? 25  PHE A CD2 1 
ATOM   156  C CE1 . PHE A 1 25 ? 3.804   -3.749  4.279   1.00 7.41  ? 25  PHE A CE1 1 
ATOM   157  C CE2 . PHE A 1 25 ? 3.786   -2.904  2.041   1.00 8.55  ? 25  PHE A CE2 1 
ATOM   158  C CZ  . PHE A 1 25 ? 4.486   -3.281  3.177   1.00 5.70  ? 25  PHE A CZ  1 
ATOM   159  N N   . GLY A 1 26 ? -0.032  -5.023  0.457   1.00 6.26  ? 26  GLY A N   1 
ATOM   160  C CA  . GLY A 1 26 ? 0.420   -5.591  -0.796  1.00 7.90  ? 26  GLY A CA  1 
ATOM   161  C C   . GLY A 1 26 ? 0.684   -4.546  -1.858  1.00 7.32  ? 26  GLY A C   1 
ATOM   162  O O   . GLY A 1 26 ? 0.129   -3.446  -1.814  1.00 5.95  ? 26  GLY A O   1 
ATOM   163  N N   . LEU A 1 27 ? 1.551   -4.887  -2.806  1.00 8.66  ? 27  LEU A N   1 
ATOM   164  C CA  . LEU A 1 27 ? 1.750   -4.064  -3.995  1.00 6.92  ? 27  LEU A CA  1 
ATOM   165  C C   . LEU A 1 27 ? 2.168   -4.928  -5.184  1.00 11.37 ? 27  LEU A C   1 
ATOM   166  O O   . LEU A 1 27 ? 3.068   -5.770  -5.068  1.00 8.67  ? 27  LEU A O   1 
ATOM   167  C CB  . LEU A 1 27 ? 2.797   -2.974  -3.737  1.00 8.44  ? 27  LEU A CB  1 
ATOM   168  C CG  . LEU A 1 27 ? 3.192   -2.112  -4.942  1.00 9.08  ? 27  LEU A CG  1 
ATOM   169  C CD1 . LEU A 1 27 ? 1.993   -1.340  -5.467  1.00 11.08 ? 27  LEU A CD1 1 
ATOM   170  C CD2 . LEU A 1 27 ? 4.343   -1.167  -4.614  1.00 11.61 ? 27  LEU A CD2 1 
ATOM   171  N N   . ASP A 1 28 ? 1.500   -4.714  -6.317  1.00 9.35  ? 28  ASP A N   1 
ATOM   172  C CA  . ASP A 1 28 ? 1.866   -5.351  -7.586  1.00 11.77 ? 28  ASP A CA  1 
ATOM   173  C C   . ASP A 1 28 ? 1.910   -6.868  -7.506  1.00 13.03 ? 28  ASP A C   1 
ATOM   174  O O   . ASP A 1 28 ? 2.781   -7.496  -8.110  1.00 18.34 ? 28  ASP A O   1 
ATOM   175  C CB  . ASP A 1 28 ? 3.210   -4.814  -8.097  1.00 12.33 ? 28  ASP A CB  1 
ATOM   176  C CG  . ASP A 1 28 ? 3.101   -3.413  -8.657  1.00 12.57 ? 28  ASP A CG  1 
ATOM   177  O OD1 . ASP A 1 28 ? 2.068   -3.109  -9.297  1.00 12.69 ? 28  ASP A OD1 1 
ATOM   178  O OD2 . ASP A 1 28 ? 4.047   -2.616  -8.459  1.00 13.12 ? 28  ASP A OD2 1 
ATOM   179  N N   . GLY A 1 29 ? 0.993   -7.451  -6.738  1.00 12.15 ? 29  GLY A N   1 
ATOM   180  C CA  . GLY A 1 29 ? 0.835   -8.894  -6.707  1.00 12.38 ? 29  GLY A CA  1 
ATOM   181  C C   . GLY A 1 29 ? 1.597   -9.591  -5.596  1.00 14.10 ? 29  GLY A C   1 
ATOM   182  O O   . GLY A 1 29 ? 1.444   -10.792 -5.389  1.00 11.90 ? 29  GLY A O   1 
ATOM   183  N N   . VAL A 1 30 ? 2.425   -8.840  -4.880  1.00 9.63  ? 30  VAL A N   1 
ATOM   184  C CA  . VAL A 1 30 ? 3.172   -9.388  -3.758  1.00 9.36  ? 30  VAL A CA  1 
ATOM   185  C C   . VAL A 1 30 ? 2.555   -8.893  -2.456  1.00 8.49  ? 30  VAL A C   1 
ATOM   186  O O   . VAL A 1 30 ? 2.208   -7.718  -2.346  1.00 7.26  ? 30  VAL A O   1 
ATOM   187  C CB  . VAL A 1 30 ? 4.650   -8.955  -3.795  1.00 9.28  ? 30  VAL A CB  1 
ATOM   188  C CG1 . VAL A 1 30 ? 5.433   -9.677  -2.688  1.00 8.42  ? 30  VAL A CG1 1 
ATOM   189  C CG2 . VAL A 1 30 ? 5.263   -9.252  -5.153  1.00 12.66 ? 30  VAL A CG2 1 
ATOM   190  N N   . THR A 1 31 ? 2.438   -9.784  -1.471  1.00 6.83  ? 31  THR A N   1 
ATOM   191  C CA  . THR A 1 31 ? 1.860   -9.449  -0.164  1.00 7.20  ? 31  THR A CA  1 
ATOM   192  C C   . THR A 1 31 ? 2.965   -9.404  0.884   1.00 6.78  ? 31  THR A C   1 
ATOM   193  O O   . THR A 1 31 ? 3.910   -10.190 0.815   1.00 5.94  ? 31  THR A O   1 
ATOM   194  C CB  . THR A 1 31 ? 0.776   -10.472 0.230   1.00 9.58  ? 31  THR A CB  1 
ATOM   195  O OG1 . THR A 1 31 ? -0.233  -10.503 -0.791  1.00 12.51 ? 31  THR A OG1 1 
ATOM   196  C CG2 . THR A 1 31 ? 0.123   -10.106 1.550   1.00 12.68 ? 31  THR A CG2 1 
ATOM   197  N N   . TYR A 1 32 ? 2.862   -8.454  1.816   1.00 5.36  ? 32  TYR A N   1 
ATOM   198  C CA  . TYR A 1 32 ? 3.874   -8.225  2.848   1.00 5.01  ? 32  TYR A CA  1 
ATOM   199  C C   . TYR A 1 32 ? 3.276   -8.141  4.251   1.00 6.18  ? 32  TYR A C   1 
ATOM   200  O O   . TYR A 1 32 ? 2.106   -7.795  4.431   1.00 6.59  ? 32  TYR A O   1 
ATOM   201  C CB  . TYR A 1 32 ? 4.636   -6.908  2.592   1.00 6.08  ? 32  TYR A CB  1 
ATOM   202  C CG  . TYR A 1 32 ? 5.299   -6.837  1.242   1.00 6.51  ? 32  TYR A CG  1 
ATOM   203  C CD1 . TYR A 1 32 ? 4.611   -6.338  0.142   1.00 7.91  ? 32  TYR A CD1 1 
ATOM   204  C CD2 . TYR A 1 32 ? 6.609   -7.273  1.062   1.00 5.46  ? 32  TYR A CD2 1 
ATOM   205  C CE1 . TYR A 1 32 ? 5.213   -6.272  -1.113  1.00 6.70  ? 32  TYR A CE1 1 
ATOM   206  C CE2 . TYR A 1 32 ? 7.218   -7.212  -0.195  1.00 7.75  ? 32  TYR A CE2 1 
ATOM   207  C CZ  . TYR A 1 32 ? 6.510   -6.718  -1.273  1.00 6.13  ? 32  TYR A CZ  1 
ATOM   208  O OH  . TYR A 1 32 ? 7.086   -6.658  -2.522  1.00 9.45  ? 32  TYR A OH  1 
ATOM   209  N N   . GLU A 1 33 ? 4.091   -8.473  5.244   1.00 5.97  ? 33  GLU A N   1 
ATOM   210  C CA  . GLU A 1 33 ? 3.811   -8.132  6.631   1.00 6.29  ? 33  GLU A CA  1 
ATOM   211  C C   . GLU A 1 33 ? 4.895   -7.188  7.143   1.00 6.00  ? 33  GLU A C   1 
ATOM   212  O O   . GLU A 1 33 ? 6.050   -7.219  6.679   1.00 5.73  ? 33  GLU A O   1 
ATOM   213  C CB  . GLU A 1 33 ? 3.768   -9.378  7.522   1.00 8.01  ? 33  GLU A CB  1 
ATOM   214  C CG  . GLU A 1 33 ? 2.524   -10.225 7.358   1.00 11.68 ? 33  GLU A CG  1 
ATOM   215  C CD  . GLU A 1 33 ? 2.528   -11.452 8.270   1.00 18.57 ? 33  GLU A CD  1 
ATOM   216  O OE1 . GLU A 1 33 ? 3.510   -11.648 9.015   1.00 18.62 ? 33  GLU A OE1 1 
ATOM   217  O OE2 . GLU A 1 33 ? 1.545   -12.226 8.230   1.00 28.57 ? 33  GLU A OE2 1 
ATOM   218  N N   . ILE A 1 34 ? 4.527   -6.353  8.113   1.00 4.91  ? 34  ILE A N   1 
ATOM   219  C CA  . ILE A 1 34 ? 5.474   -5.423  8.709   1.00 5.43  ? 34  ILE A CA  1 
ATOM   220  C C   . ILE A 1 34 ? 5.064   -5.167  10.161  1.00 5.55  ? 34  ILE A C   1 
ATOM   221  O O   . ILE A 1 34 ? 3.877   -4.963  10.458  1.00 5.91  ? 34  ILE A O   1 
ATOM   222  C CB  . ILE A 1 34 ? 5.599   -4.110  7.863   1.00 6.97  ? 34  ILE A CB  1 
ATOM   223  C CG1 . ILE A 1 34 ? 6.773   -3.247  8.343   1.00 6.25  ? 34  ILE A CG1 1 
ATOM   224  C CG2 . ILE A 1 34 ? 4.295   -3.305  7.891   1.00 3.99  ? 34  ILE A CG2 1 
ATOM   225  C CD1 . ILE A 1 34 ? 7.068   -2.052  7.430   1.00 5.37  ? 34  ILE A CD1 1 
ATOM   226  N N   . ASP A 1 35 ? 6.034   -5.234  11.075  1.00 3.60  ? 35  ASP A N   1 
ATOM   227  C CA  . ASP A 1 35 ? 5.753   -4.986  12.486  1.00 4.73  ? 35  ASP A CA  1 
ATOM   228  C C   . ASP A 1 35 ? 5.996   -3.521  12.760  1.00 5.29  ? 35  ASP A C   1 
ATOM   229  O O   . ASP A 1 35 ? 7.078   -3.006  12.482  1.00 5.01  ? 35  ASP A O   1 
ATOM   230  C CB  . ASP A 1 35 ? 6.660   -5.831  13.386  1.00 5.34  ? 35  ASP A CB  1 
ATOM   231  C CG  . ASP A 1 35 ? 6.527   -7.320  13.116  1.00 8.59  ? 35  ASP A CG  1 
ATOM   232  O OD1 . ASP A 1 35 ? 5.437   -7.752  12.677  1.00 7.80  ? 35  ASP A OD1 1 
ATOM   233  O OD2 . ASP A 1 35 ? 7.512   -8.058  13.345  1.00 9.19  ? 35  ASP A OD2 1 
ATOM   234  N N   . LEU A 1 36 ? 4.989   -2.853  13.312  1.00 4.41  ? 36  LEU A N   1 
ATOM   235  C CA  . LEU A 1 36 ? 5.036   -1.407  13.448  1.00 3.57  ? 36  LEU A CA  1 
ATOM   236  C C   . LEU A 1 36 ? 4.522   -0.959  14.798  1.00 4.98  ? 36  LEU A C   1 
ATOM   237  O O   . LEU A 1 36 ? 3.642   -1.596  15.390  1.00 5.91  ? 36  LEU A O   1 
ATOM   238  C CB  . LEU A 1 36 ? 4.186   -0.752  12.356  1.00 4.57  ? 36  LEU A CB  1 
ATOM   239  C CG  . LEU A 1 36 ? 4.687   -0.947  10.922  1.00 4.09  ? 36  LEU A CG  1 
ATOM   240  C CD1 . LEU A 1 36 ? 3.706   -0.383  9.929   1.00 4.57  ? 36  LEU A CD1 1 
ATOM   241  C CD2 . LEU A 1 36 ? 6.059   -0.299  10.752  1.00 3.92  ? 36  LEU A CD2 1 
ATOM   242  N N   . SER A 1 37 ? 5.072   0.158   15.286  1.00 6.28  ? 37  SER A N   1 
ATOM   243  C CA  . SER A 1 37 ? 4.443   0.884   16.375  1.00 6.91  ? 37  SER A CA  1 
ATOM   244  C C   . SER A 1 37 ? 3.048   1.304   15.908  1.00 6.10  ? 37  SER A C   1 
ATOM   245  O O   . SER A 1 37 ? 2.784   1.389   14.706  1.00 4.32  ? 37  SER A O   1 
ATOM   246  C CB  . SER A 1 37 ? 5.264   2.132   16.749  1.00 6.14  ? 37  SER A CB  1 
ATOM   247  O OG  . SER A 1 37 ? 5.201   3.133   15.726  1.00 5.97  ? 37  SER A OG  1 
ATOM   248  N N   . THR A 1 38 ? 2.161   1.562   16.861  1.00 4.81  ? 38  THR A N   1 
ATOM   249  C CA  . THR A 1 38 ? 0.822   2.066   16.546  1.00 7.49  ? 38  THR A CA  1 
ATOM   250  C C   . THR A 1 38 ? 0.885   3.315   15.662  1.00 6.66  ? 38  THR A C   1 
ATOM   251  O O   . THR A 1 38 ? 0.109   3.466   14.714  1.00 7.73  ? 38  THR A O   1 
ATOM   252  C CB  . THR A 1 38 ? 0.060   2.374   17.840  1.00 9.51  ? 38  THR A CB  1 
ATOM   253  O OG1 . THR A 1 38 ? -0.063  1.166   18.603  1.00 8.62  ? 38  THR A OG1 1 
ATOM   254  C CG2 . THR A 1 38 ? -1.327  2.934   17.539  1.00 9.00  ? 38  THR A CG2 1 
ATOM   255  N N   . LYS A 1 39 ? 1.831   4.195   15.966  1.00 5.16  ? 39  LYS A N   1 
ATOM   256  C CA  . LYS A 1 39 ? 2.011   5.420   15.201  1.00 6.36  ? 39  LYS A CA  1 
ATOM   257  C C   . LYS A 1 39 ? 2.414   5.157   13.753  1.00 6.26  ? 39  LYS A C   1 
ATOM   258  O O   . LYS A 1 39 ? 1.869   5.768   12.829  1.00 6.95  ? 39  LYS A O   1 
ATOM   259  C CB  . LYS A 1 39 ? 3.029   6.329   15.895  1.00 7.25  ? 39  LYS A CB  1 
ATOM   260  C CG  . LYS A 1 39 ? 3.177   7.697   15.247  1.00 7.23  ? 39  LYS A CG  1 
ATOM   261  C CD  . LYS A 1 39 ? 3.985   8.631   16.160  1.00 8.01  ? 39  LYS A CD  1 
ATOM   262  C CE  . LYS A 1 39 ? 4.246   9.974   15.479  1.00 9.97  ? 39  LYS A CE  1 
ATOM   263  N NZ  . LYS A 1 39 ? 4.965   10.895  16.427  1.00 9.45  ? 39  LYS A NZ  1 
ATOM   264  N N   . ASN A 1 40 ? 3.366   4.250   13.542  1.00 5.88  ? 40  ASN A N   1 
ATOM   265  C CA  . ASN A 1 40 ? 3.793   3.938   12.175  1.00 4.41  ? 40  ASN A CA  1 
ATOM   266  C C   . ASN A 1 40 ? 2.760   3.118   11.411  1.00 5.45  ? 40  ASN A C   1 
ATOM   267  O O   . ASN A 1 40 ? 2.653   3.236   10.193  1.00 5.79  ? 40  ASN A O   1 
ATOM   268  C CB  . ASN A 1 40 ? 5.163   3.259   12.158  1.00 5.75  ? 40  ASN A CB  1 
ATOM   269  C CG  . ASN A 1 40 ? 6.291   4.233   12.432  1.00 7.41  ? 40  ASN A CG  1 
ATOM   270  O OD1 . ASN A 1 40 ? 6.250   5.384   11.993  1.00 9.16  ? 40  ASN A OD1 1 
ATOM   271  N ND2 . ASN A 1 40 ? 7.314   3.779   13.145  1.00 9.00  ? 40  ASN A ND2 1 
ATOM   272  N N   . ALA A 1 41 ? 1.994   2.290   12.122  1.00 4.30  ? 41  ALA A N   1 
ATOM   273  C CA  . ALA A 1 41 ? 0.893   1.569   11.489  1.00 5.30  ? 41  ALA A CA  1 
ATOM   274  C C   . ALA A 1 41 ? -0.128  2.579   10.963  1.00 8.10  ? 41  ALA A C   1 
ATOM   275  O O   . ALA A 1 41 ? -0.653  2.434   9.856   1.00 7.48  ? 41  ALA A O   1 
ATOM   276  C CB  . ALA A 1 41 ? 0.240   0.604   12.469  1.00 7.54  ? 41  ALA A CB  1 
ATOM   277  N N   . THR A 1 42 ? -0.382  3.619   11.748  1.00 7.42  ? 42  THR A N   1 
ATOM   278  C CA  . THR A 1 42 ? -1.309  4.665   11.332  1.00 10.15 ? 42  THR A CA  1 
ATOM   279  C C   . THR A 1 42 ? -0.740  5.443   10.146  1.00 8.02  ? 42  THR A C   1 
ATOM   280  O O   . THR A 1 42 ? -1.465  5.810   9.222   1.00 8.32  ? 42  THR A O   1 
ATOM   281  C CB  . THR A 1 42 ? -1.662  5.585   12.512  1.00 9.16  ? 42  THR A CB  1 
ATOM   282  O OG1 . THR A 1 42 ? -2.460  4.838   13.431  1.00 10.30 ? 42  THR A OG1 1 
ATOM   283  C CG2 . THR A 1 42 ? -2.459  6.808   12.038  1.00 10.89 ? 42  THR A CG2 1 
ATOM   284  N N   . LYS A 1 43 ? 0.574   5.648   10.149  1.00 6.62  ? 43  LYS A N   1 
ATOM   285  C CA  . LYS A 1 43 ? 1.238   6.326   9.043   1.00 7.74  ? 43  LYS A CA  1 
ATOM   286  C C   . LYS A 1 43 ? 1.090   5.524   7.738   1.00 9.89  ? 43  LYS A C   1 
ATOM   287  O O   . LYS A 1 43 ? 0.778   6.092   6.688   1.00 9.04  ? 43  LYS A O   1 
ATOM   288  C CB  . LYS A 1 43 ? 2.713   6.539   9.386   1.00 9.91  ? 43  LYS A CB  1 
ATOM   289  C CG  . LYS A 1 43 ? 3.513   7.299   8.354   1.00 12.36 ? 43  LYS A CG  1 
ATOM   290  C CD  . LYS A 1 43 ? 4.972   7.424   8.814   1.00 16.06 ? 43  LYS A CD  1 
ATOM   291  C CE  . LYS A 1 43 ? 5.840   8.137   7.783   1.00 23.32 ? 43  LYS A CE  1 
ATOM   292  N NZ  . LYS A 1 43 ? 5.368   9.526   7.519   1.00 22.14 ? 43  LYS A NZ  1 
ATOM   293  N N   . LEU A 1 44 ? 1.305   4.210   7.810   1.00 6.54  ? 44  LEU A N   1 
ATOM   294  C CA  . LEU A 1 44 ? 1.180   3.343   6.636   1.00 6.40  ? 44  LEU A CA  1 
ATOM   295  C C   . LEU A 1 44 ? -0.250  3.365   6.115   1.00 8.95  ? 44  LEU A C   1 
ATOM   296  O O   . LEU A 1 44 ? -0.487  3.563   4.925   1.00 7.51  ? 44  LEU A O   1 
ATOM   297  C CB  . LEU A 1 44 ? 1.594   1.905   6.983   1.00 6.61  ? 44  LEU A CB  1 
ATOM   298  C CG  . LEU A 1 44 ? 1.397   0.791   5.940   1.00 5.97  ? 44  LEU A CG  1 
ATOM   299  C CD1 . LEU A 1 44 ? 1.921   1.197   4.563   1.00 5.81  ? 44  LEU A CD1 1 
ATOM   300  C CD2 . LEU A 1 44 ? 2.096   -0.479  6.419   1.00 7.10  ? 44  LEU A CD2 1 
ATOM   301  N N   . ARG A 1 45 ? -1.209  3.168   7.010   1.00 7.66  ? 45  ARG A N   1 
ATOM   302  C CA  . ARG A 1 45 ? -2.612  3.194   6.605   1.00 8.69  ? 45  ARG A CA  1 
ATOM   303  C C   . ARG A 1 45 ? -3.001  4.559   6.043   1.00 9.75  ? 45  ARG A C   1 
ATOM   304  O O   . ARG A 1 45 ? -3.796  4.648   5.103   1.00 9.83  ? 45  ARG A O   1 
ATOM   305  C CB  . ARG A 1 45 ? -3.512  2.786   7.774   1.00 7.14  ? 45  ARG A CB  1 
ATOM   306  C CG  . ARG A 1 45 ? -3.312  1.336   8.178   1.00 9.57  ? 45  ARG A CG  1 
ATOM   307  C CD  . ARG A 1 45 ? -4.364  0.859   9.157   1.00 12.02 ? 45  ARG A CD  1 
ATOM   308  N NE  . ARG A 1 45 ? -4.296  -0.590  9.319   1.00 11.37 ? 45  ARG A NE  1 
ATOM   309  C CZ  . ARG A 1 45 ? -3.766  -1.210  10.367  1.00 13.73 ? 45  ARG A CZ  1 
ATOM   310  N NH1 . ARG A 1 45 ? -3.259  -0.502  11.365  1.00 10.70 ? 45  ARG A NH1 1 
ATOM   311  N NH2 . ARG A 1 45 ? -3.747  -2.539  10.415  1.00 13.68 ? 45  ARG A NH2 1 
ATOM   312  N N   . GLY A 1 46 ? -2.429  5.618   6.604   1.00 11.70 ? 46  GLY A N   1 
ATOM   313  C CA  . GLY A 1 46 ? -2.646  6.957   6.088   1.00 11.30 ? 46  GLY A CA  1 
ATOM   314  C C   . GLY A 1 46 ? -2.078  7.149   4.692   1.00 12.31 ? 46  GLY A C   1 
ATOM   315  O O   . GLY A 1 46 ? -2.706  7.803   3.856   1.00 12.88 ? 46  GLY A O   1 
ATOM   316  N N   . ASP A 1 47 ? -0.900  6.583   4.435   1.00 9.71  ? 47  ASP A N   1 
ATOM   317  C CA  . ASP A 1 47 ? -0.263  6.687   3.117   1.00 10.22 ? 47  ASP A CA  1 
ATOM   318  C C   . ASP A 1 47 ? -1.108  6.007   2.047   1.00 11.16 ? 47  ASP A C   1 
ATOM   319  O O   . ASP A 1 47 ? -1.117  6.423   0.884   1.00 13.26 ? 47  ASP A O   1 
ATOM   320  C CB  . ASP A 1 47 ? 1.141   6.069   3.127   1.00 10.13 ? 47  ASP A CB  1 
ATOM   321  C CG  . ASP A 1 47 ? 2.181   6.976   3.777   1.00 14.15 ? 47  ASP A CG  1 
ATOM   322  O OD1 . ASP A 1 47 ? 1.897   8.181   3.976   1.00 14.59 ? 47  ASP A OD1 1 
ATOM   323  O OD2 . ASP A 1 47 ? 3.290   6.489   4.083   1.00 13.55 ? 47  ASP A OD2 1 
ATOM   324  N N   . LEU A 1 48 ? -1.821  4.962   2.453   1.00 9.32  ? 48  LEU A N   1 
ATOM   325  C CA  . LEU A 1 48 ? -2.634  4.175   1.532   1.00 8.94  ? 48  LEU A CA  1 
ATOM   326  C C   . LEU A 1 48 ? -4.070  4.677   1.420   1.00 10.65 ? 48  LEU A C   1 
ATOM   327  O O   . LEU A 1 48 ? -4.808  4.248   0.534   1.00 9.88  ? 48  LEU A O   1 
ATOM   328  C CB  . LEU A 1 48 ? -2.641  2.707   1.968   1.00 10.40 ? 48  LEU A CB  1 
ATOM   329  C CG  . LEU A 1 48 ? -1.465  1.867   1.477   1.00 9.77  ? 48  LEU A CG  1 
ATOM   330  C CD1 . LEU A 1 48 ? -1.401  0.546   2.225   1.00 12.87 ? 48  LEU A CD1 1 
ATOM   331  C CD2 . LEU A 1 48 ? -1.642  1.626   -0.016  1.00 14.57 ? 48  LEU A CD2 1 
ATOM   332  N N   . LYS A 1 49 ? -4.461  5.572   2.325   1.00 10.33 ? 49  LYS A N   1 
ATOM   333  C CA  . LYS A 1 49 ? -5.847  6.033   2.421   1.00 11.14 ? 49  LYS A CA  1 
ATOM   334  C C   . LYS A 1 49 ? -6.437  6.532   1.101   1.00 13.36 ? 49  LYS A C   1 
ATOM   335  O O   . LYS A 1 49 ? -7.535  6.119   0.717   1.00 11.04 ? 49  LYS A O   1 
ATOM   336  C CB  . LYS A 1 49 ? -5.968  7.121   3.500   1.00 15.16 ? 49  LYS A CB  1 
ATOM   337  C CG  . LYS A 1 49 ? -7.363  7.700   3.654   1.00 20.56 ? 49  LYS A CG  1 
ATOM   338  C CD  . LYS A 1 49 ? -7.510  8.433   4.980   1.00 26.54 ? 49  LYS A CD  1 
ATOM   339  C CE  . LYS A 1 49 ? -6.506  9.571   5.117   1.00 32.17 ? 49  LYS A CE  1 
ATOM   340  N NZ  . LYS A 1 49 ? -6.539  10.175  6.493   1.00 24.41 ? 49  LYS A NZ  1 
ATOM   341  N N   . GLN A 1 50 ? -5.705  7.409   0.411   1.00 10.35 ? 50  GLN A N   1 
ATOM   342  C CA  . GLN A 1 50 ? -6.201  8.016   -0.832  1.00 13.77 ? 50  GLN A CA  1 
ATOM   343  C C   . GLN A 1 50 ? -6.363  6.977   -1.945  1.00 13.21 ? 50  GLN A C   1 
ATOM   344  O O   . GLN A 1 50 ? -7.287  7.060   -2.767  1.00 11.17 ? 50  GLN A O   1 
ATOM   345  C CB  . GLN A 1 50 ? -5.288  9.173   -1.283  1.00 15.01 ? 50  GLN A CB  1 
ATOM   346  C CG  . GLN A 1 50 ? -3.899  8.735   -1.785  1.00 20.26 ? 50  GLN A CG  1 
ATOM   347  C CD  . GLN A 1 50 ? -2.909  9.888   -1.907  1.00 23.24 ? 50  GLN A CD  1 
ATOM   348  O OE1 . GLN A 1 50 ? -1.865  9.761   -2.554  1.00 30.99 ? 50  GLN A OE1 1 
ATOM   349  N NE2 . GLN A 1 50 ? -3.229  11.017  -1.278  1.00 34.01 ? 50  GLN A NE2 1 
ATOM   350  N N   . TRP A 1 51 ? -5.473  5.990   -1.949  1.00 9.99  ? 51  TRP A N   1 
ATOM   351  C CA  . TRP A 1 51 ? -5.481  4.943   -2.963  1.00 8.65  ? 51  TRP A CA  1 
ATOM   352  C C   . TRP A 1 51 ? -6.594  3.929   -2.710  1.00 7.90  ? 51  TRP A C   1 
ATOM   353  O O   . TRP A 1 51 ? -7.263  3.488   -3.639  1.00 7.30  ? 51  TRP A O   1 
ATOM   354  C CB  . TRP A 1 51 ? -4.110  4.257   -3.006  1.00 8.15  ? 51  TRP A CB  1 
ATOM   355  C CG  . TRP A 1 51 ? -2.978  5.224   -3.219  1.00 8.19  ? 51  TRP A CG  1 
ATOM   356  C CD1 . TRP A 1 51 ? -2.025  5.595   -2.306  1.00 9.30  ? 51  TRP A CD1 1 
ATOM   357  C CD2 . TRP A 1 51 ? -2.679  5.939   -4.423  1.00 8.79  ? 51  TRP A CD2 1 
ATOM   358  N NE1 . TRP A 1 51 ? -1.152  6.495   -2.875  1.00 11.51 ? 51  TRP A NE1 1 
ATOM   359  C CE2 . TRP A 1 51 ? -1.533  6.723   -4.174  1.00 10.10 ? 51  TRP A CE2 1 
ATOM   360  C CE3 . TRP A 1 51 ? -3.264  5.989   -5.692  1.00 6.80  ? 51  TRP A CE3 1 
ATOM   361  C CZ2 . TRP A 1 51 ? -0.966  7.551   -5.143  1.00 8.52  ? 51  TRP A CZ2 1 
ATOM   362  C CZ3 . TRP A 1 51 ? -2.696  6.813   -6.655  1.00 9.64  ? 51  TRP A CZ3 1 
ATOM   363  C CH2 . TRP A 1 51 ? -1.561  7.584   -6.374  1.00 9.62  ? 51  TRP A CH2 1 
ATOM   364  N N   . VAL A 1 52 ? -6.773  3.547   -1.448  1.00 10.81 ? 52  VAL A N   1 
ATOM   365  C CA  . VAL A 1 52 ? -7.871  2.677   -1.056  1.00 8.25  ? 52  VAL A CA  1 
ATOM   366  C C   . VAL A 1 52 ? -9.215  3.309   -1.422  1.00 9.95  ? 52  VAL A C   1 
ATOM   367  O O   . VAL A 1 52 ? -10.086 2.638   -1.989  1.00 11.55 ? 52  VAL A O   1 
ATOM   368  C CB  . VAL A 1 52 ? -7.830  2.359   0.460   1.00 10.73 ? 52  VAL A CB  1 
ATOM   369  C CG1 . VAL A 1 52 ? -9.128  1.665   0.909   1.00 11.45 ? 52  VAL A CG1 1 
ATOM   370  C CG2 . VAL A 1 52 ? -6.623  1.483   0.787   1.00 8.07  ? 52  VAL A CG2 1 
ATOM   371  N N   . ALA A 1 53 ? -9.368  4.602   -1.129  1.00 9.43  ? 53  ALA A N   1 
ATOM   372  C CA  . ALA A 1 53 ? -10.630 5.301   -1.393  1.00 11.13 ? 53  ALA A CA  1 
ATOM   373  C C   . ALA A 1 53 ? -10.950 5.353   -2.889  1.00 12.64 ? 53  ALA A C   1 
ATOM   374  O O   . ALA A 1 53 ? -12.122 5.317   -3.293  1.00 11.80 ? 53  ALA A O   1 
ATOM   375  C CB  . ALA A 1 53 ? -10.588 6.711   -0.817  1.00 14.03 ? 53  ALA A CB  1 
ATOM   376  N N   . ALA A 1 54 ? -9.906  5.435   -3.707  1.00 11.60 ? 54  ALA A N   1 
ATOM   377  C CA  . ALA A 1 54 ? -10.069 5.580   -5.154  1.00 10.77 ? 54  ALA A CA  1 
ATOM   378  C C   . ALA A 1 54 ? -10.198 4.237   -5.864  1.00 10.08 ? 54  ALA A C   1 
ATOM   379  O O   . ALA A 1 54 ? -10.750 4.153   -6.965  1.00 12.09 ? 54  ALA A O   1 
ATOM   380  C CB  . ALA A 1 54 ? -8.903  6.376   -5.736  1.00 9.91  ? 54  ALA A CB  1 
ATOM   381  N N   . GLY A 1 55 ? -9.693  3.181   -5.235  1.00 11.10 ? 55  GLY A N   1 
ATOM   382  C CA  . GLY A 1 55 ? -9.675  1.869   -5.857  1.00 9.55  ? 55  GLY A CA  1 
ATOM   383  C C   . GLY A 1 55 ? -10.930 1.072   -5.586  1.00 10.87 ? 55  GLY A C   1 
ATOM   384  O O   . GLY A 1 55 ? -11.900 1.581   -5.016  1.00 12.55 ? 55  GLY A O   1 
ATOM   385  N N   . ARG A 1 56 ? -10.916 -0.185  -6.007  1.00 9.21  ? 56  ARG A N   1 
ATOM   386  C CA  . ARG A 1 56 ? -12.047 -1.072  -5.790  1.00 12.48 ? 56  ARG A CA  1 
ATOM   387  C C   . ARG A 1 56 ? -11.571 -2.414  -5.252  1.00 14.52 ? 56  ARG A C   1 
ATOM   388  O O   . ARG A 1 56 ? -10.477 -2.880  -5.582  1.00 12.94 ? 56  ARG A O   1 
ATOM   389  C CB  . ARG A 1 56 ? -12.834 -1.261  -7.088  1.00 15.11 ? 56  ARG A CB  1 
ATOM   390  C CG  . ARG A 1 56 ? -12.008 -1.883  -8.198  1.00 18.62 ? 56  ARG A CG  1 
ATOM   391  C CD  . ARG A 1 56 ? -12.704 -1.808  -9.541  1.00 26.57 ? 56  ARG A CD  1 
ATOM   392  N NE  . ARG A 1 56 ? -11.720 -1.977  -10.602 1.00 28.20 ? 56  ARG A NE  1 
ATOM   393  C CZ  . ARG A 1 56 ? -11.072 -0.971  -11.182 1.00 21.31 ? 56  ARG A CZ  1 
ATOM   394  N NH1 . ARG A 1 56 ? -11.327 0.287   -10.825 1.00 19.16 ? 56  ARG A NH1 1 
ATOM   395  N NH2 . ARG A 1 56 ? -10.180 -1.229  -12.126 1.00 22.33 ? 56  ARG A NH2 1 
ATOM   396  N N   . ARG A 1 57 ? -12.390 -3.036  -4.412  1.00 13.81 ? 57  ARG A N   1 
ATOM   397  C CA  . ARG A 1 57 ? -12.057 -4.356  -3.886  1.00 14.98 ? 57  ARG A CA  1 
ATOM   398  C C   . ARG A 1 57 ? -12.051 -5.387  -4.996  1.00 16.85 ? 57  ARG A C   1 
ATOM   399  O O   . ARG A 1 57 ? -12.955 -5.404  -5.844  1.00 19.41 ? 57  ARG A O   1 
ATOM   400  C CB  . ARG A 1 57 ? -13.064 -4.780  -2.820  1.00 15.57 ? 57  ARG A CB  1 
ATOM   401  C CG  . ARG A 1 57 ? -13.113 -3.875  -1.613  1.00 19.69 ? 57  ARG A CG  1 
ATOM   402  C CD  . ARG A 1 57 ? -14.083 -4.429  -0.580  1.00 30.86 ? 57  ARG A CD  1 
ATOM   403  N NE  . ARG A 1 57 ? -14.019 -3.699  0.682   1.00 26.54 ? 57  ARG A NE  1 
ATOM   404  C CZ  . ARG A 1 57 ? -14.714 -2.596  0.932   1.00 29.62 ? 57  ARG A CZ  1 
ATOM   405  N NH1 . ARG A 1 57 ? -15.520 -2.097  0.004   1.00 33.09 ? 57  ARG A NH1 1 
ATOM   406  N NH2 . ARG A 1 57 ? -14.603 -1.991  2.109   1.00 30.04 ? 57  ARG A NH2 1 
ATOM   407  N N   . VAL A 1 58 ? -11.021 -6.231  -4.990  1.00 13.82 ? 58  VAL A N   1 
ATOM   408  C CA  . VAL A 1 58 ? -10.913 -7.366  -5.900  1.00 16.74 ? 58  VAL A CA  1 
ATOM   409  C C   . VAL A 1 58 ? -11.100 -7.001  -7.370  1.00 34.10 ? 58  VAL A C   1 
ATOM   410  O O   . VAL A 1 58 ? -10.342 -6.198  -7.920  1.00 34.71 ? 58  VAL A O   1 
ATOM   411  C CB  . VAL A 1 58 ? -11.909 -8.468  -5.498  1.00 22.81 ? 58  VAL A CB  1 
ATOM   412  C CG1 . VAL A 1 58 ? -12.079 -9.472  -6.611  1.00 25.26 ? 58  VAL A CG1 1 
ATOM   413  C CG2 . VAL A 1 58 ? -11.447 -9.121  -4.227  1.00 17.49 ? 58  VAL A CG2 1 
ATOM   414  N N   . LYS B 1 4  ? -23.728 8.426   -29.554 1.00 11.23 ? 4   LYS B N   1 
ATOM   415  C CA  . LYS B 1 4  ? -22.898 7.228   -29.421 1.00 10.94 ? 4   LYS B CA  1 
ATOM   416  C C   . LYS B 1 4  ? -22.685 6.851   -27.957 1.00 11.89 ? 4   LYS B C   1 
ATOM   417  O O   . LYS B 1 4  ? -22.812 7.688   -27.055 1.00 11.64 ? 4   LYS B O   1 
ATOM   418  C CB  . LYS B 1 4  ? -21.539 7.415   -30.109 1.00 13.58 ? 4   LYS B CB  1 
ATOM   419  C CG  . LYS B 1 4  ? -20.716 8.590   -29.575 1.00 12.00 ? 4   LYS B CG  1 
ATOM   420  C CD  . LYS B 1 4  ? -19.400 8.754   -30.356 1.00 14.95 ? 4   LYS B CD  1 
ATOM   421  C CE  . LYS B 1 4  ? -19.634 8.992   -31.847 1.00 17.71 ? 4   LYS B CE  1 
ATOM   422  N NZ  . LYS B 1 4  ? -20.373 10.262  -32.160 1.00 11.86 ? 4   LYS B NZ  1 
ATOM   423  N N   . VAL B 1 5  ? -22.358 5.587   -27.724 1.00 9.01  ? 5   VAL B N   1 
ATOM   424  C CA  . VAL B 1 5  ? -21.984 5.147   -26.388 1.00 10.72 ? 5   VAL B CA  1 
ATOM   425  C C   . VAL B 1 5  ? -20.465 5.134   -26.277 1.00 11.40 ? 5   VAL B C   1 
ATOM   426  O O   . VAL B 1 5  ? -19.782 4.378   -26.981 1.00 12.31 ? 5   VAL B O   1 
ATOM   427  C CB  . VAL B 1 5  ? -22.550 3.755   -26.066 1.00 12.09 ? 5   VAL B CB  1 
ATOM   428  C CG1 . VAL B 1 5  ? -21.984 3.256   -24.750 1.00 11.77 ? 5   VAL B CG1 1 
ATOM   429  C CG2 . VAL B 1 5  ? -24.067 3.808   -26.016 1.00 12.77 ? 5   VAL B CG2 1 
ATOM   430  N N   . THR B 1 6  ? -19.935 5.977   -25.401 1.00 8.82  ? 6   THR B N   1 
ATOM   431  C CA  . THR B 1 6  ? -18.492 6.074   -25.244 1.00 9.68  ? 6   THR B CA  1 
ATOM   432  C C   . THR B 1 6  ? -18.070 5.364   -23.968 1.00 13.57 ? 6   THR B C   1 
ATOM   433  O O   . THR B 1 6  ? -18.653 5.582   -22.911 1.00 12.27 ? 6   THR B O   1 
ATOM   434  C CB  . THR B 1 6  ? -18.033 7.549   -25.233 1.00 14.29 ? 6   THR B CB  1 
ATOM   435  O OG1 . THR B 1 6  ? -18.250 8.116   -26.533 1.00 18.57 ? 6   THR B OG1 1 
ATOM   436  C CG2 . THR B 1 6  ? -16.564 7.653   -24.888 1.00 18.77 ? 6   THR B CG2 1 
ATOM   437  N N   . VAL B 1 7  ? -17.082 4.481   -24.079 1.00 11.24 ? 7   VAL B N   1 
ATOM   438  C CA  . VAL B 1 7  ? -16.605 3.743   -22.923 1.00 12.78 ? 7   VAL B CA  1 
ATOM   439  C C   . VAL B 1 7  ? -15.142 4.073   -22.710 1.00 14.39 ? 7   VAL B C   1 
ATOM   440  O O   . VAL B 1 7  ? -14.304 3.815   -23.575 1.00 18.61 ? 7   VAL B O   1 
ATOM   441  C CB  . VAL B 1 7  ? -16.785 2.223   -23.100 1.00 12.91 ? 7   VAL B CB  1 
ATOM   442  C CG1 . VAL B 1 7  ? -16.396 1.494   -21.822 1.00 18.17 ? 7   VAL B CG1 1 
ATOM   443  C CG2 . VAL B 1 7  ? -18.228 1.902   -23.459 1.00 14.05 ? 7   VAL B CG2 1 
ATOM   444  N N   . THR B 1 8  ? -14.838 4.660   -21.559 1.00 15.12 ? 8   THR B N   1 
ATOM   445  C CA  . THR B 1 8  ? -13.478 5.099   -21.280 1.00 16.69 ? 8   THR B CA  1 
ATOM   446  C C   . THR B 1 8  ? -12.940 4.471   -20.001 1.00 16.71 ? 8   THR B C   1 
ATOM   447  O O   . THR B 1 8  ? -13.659 4.339   -19.004 1.00 15.06 ? 8   THR B O   1 
ATOM   448  C CB  . THR B 1 8  ? -13.399 6.633   -21.167 1.00 18.66 ? 8   THR B CB  1 
ATOM   449  O OG1 . THR B 1 8  ? -14.141 7.059   -20.023 1.00 29.15 ? 8   THR B OG1 1 
ATOM   450  C CG2 . THR B 1 8  ? -13.999 7.289   -22.400 1.00 15.03 ? 8   THR B CG2 1 
ATOM   451  N N   . LEU B 1 9  ? -11.672 4.071   -20.040 1.00 14.42 ? 9   LEU B N   1 
ATOM   452  C CA  . LEU B 1 9  ? -10.976 3.643   -18.832 1.00 15.32 ? 9   LEU B CA  1 
ATOM   453  C C   . LEU B 1 9  ? -10.348 4.882   -18.196 1.00 14.51 ? 9   LEU B C   1 
ATOM   454  O O   . LEU B 1 9  ? -9.290  5.346   -18.644 1.00 15.89 ? 9   LEU B O   1 
ATOM   455  C CB  . LEU B 1 9  ? -9.889  2.624   -19.165 1.00 16.28 ? 9   LEU B CB  1 
ATOM   456  C CG  . LEU B 1 9  ? -9.236  2.001   -17.926 1.00 18.38 ? 9   LEU B CG  1 
ATOM   457  C CD1 . LEU B 1 9  ? -10.200 1.059   -17.216 1.00 19.20 ? 9   LEU B CD1 1 
ATOM   458  C CD2 . LEU B 1 9  ? -7.923  1.290   -18.280 1.00 19.01 ? 9   LEU B CD2 1 
ATOM   459  N N   . VAL B 1 10 ? -11.009 5.425   -17.175 1.00 12.96 ? 10  VAL B N   1 
ATOM   460  C CA  . VAL B 1 10 ? -10.619 6.701   -16.576 1.00 11.39 ? 10  VAL B CA  1 
ATOM   461  C C   . VAL B 1 10 ? -9.732  6.486   -15.344 1.00 11.68 ? 10  VAL B C   1 
ATOM   462  O O   . VAL B 1 10 ? -9.961  5.555   -14.564 1.00 11.61 ? 10  VAL B O   1 
ATOM   463  C CB  . VAL B 1 10 ? -11.866 7.517   -16.156 1.00 13.28 ? 10  VAL B CB  1 
ATOM   464  C CG1 . VAL B 1 10 ? -11.473 8.872   -15.581 1.00 13.41 ? 10  VAL B CG1 1 
ATOM   465  C CG2 . VAL B 1 10 ? -12.780 7.726   -17.341 1.00 16.90 ? 10  VAL B CG2 1 
ATOM   466  N N   . ASP B 1 11 ? -8.722  7.344   -15.178 1.00 10.72 ? 11  ASP B N   1 
ATOM   467  C CA  . ASP B 1 11 ? -7.884  7.342   -13.980 1.00 8.01  ? 11  ASP B CA  1 
ATOM   468  C C   . ASP B 1 11 ? -8.754  7.502   -12.718 1.00 10.30 ? 11  ASP B C   1 
ATOM   469  O O   . ASP B 1 11 ? -9.517  8.472   -12.590 1.00 9.25  ? 11  ASP B O   1 
ATOM   470  C CB  . ASP B 1 11 ? -6.842  8.470   -14.082 1.00 8.92  ? 11  ASP B CB  1 
ATOM   471  C CG  . ASP B 1 11 ? -5.898  8.519   -12.884 1.00 10.86 ? 11  ASP B CG  1 
ATOM   472  O OD1 . ASP B 1 11 ? -6.344  8.915   -11.789 1.00 9.81  ? 11  ASP B OD1 1 
ATOM   473  O OD2 . ASP B 1 11 ? -4.698  8.191   -13.034 1.00 9.88  ? 11  ASP B OD2 1 
ATOM   474  N N   . ASP B 1 12 ? -8.640  6.548   -11.794 1.00 7.53  ? 12  ASP B N   1 
ATOM   475  C CA  . ASP B 1 12 ? -9.451  6.535   -10.569 1.00 9.42  ? 12  ASP B CA  1 
ATOM   476  C C   . ASP B 1 12 ? -9.014  7.570   -9.528  1.00 10.74 ? 12  ASP B C   1 
ATOM   477  O O   . ASP B 1 12 ? -9.808  7.974   -8.679  1.00 10.34 ? 12  ASP B O   1 
ATOM   478  C CB  . ASP B 1 12 ? -9.408  5.146   -9.916  1.00 8.44  ? 12  ASP B CB  1 
ATOM   479  C CG  . ASP B 1 12 ? -10.209 4.110   -10.677 1.00 13.25 ? 12  ASP B CG  1 
ATOM   480  O OD1 . ASP B 1 12 ? -11.353 4.415   -11.074 1.00 13.73 ? 12  ASP B OD1 1 
ATOM   481  O OD2 . ASP B 1 12 ? -9.696  2.983   -10.872 1.00 11.30 ? 12  ASP B OD2 1 
ATOM   482  N N   . PHE B 1 13 ? -7.754  7.984   -9.586  1.00 7.41  ? 13  PHE B N   1 
ATOM   483  C CA  . PHE B 1 13 ? -7.191  8.853   -8.557  1.00 8.12  ? 13  PHE B CA  1 
ATOM   484  C C   . PHE B 1 13 ? -7.534  10.321  -8.761  1.00 9.40  ? 13  PHE B C   1 
ATOM   485  O O   . PHE B 1 13 ? -7.992  10.992  -7.836  1.00 9.69  ? 13  PHE B O   1 
ATOM   486  C CB  . PHE B 1 13 ? -5.674  8.665   -8.450  1.00 10.43 ? 13  PHE B CB  1 
ATOM   487  C CG  . PHE B 1 13 ? -5.027  9.539   -7.413  1.00 12.02 ? 13  PHE B CG  1 
ATOM   488  C CD1 . PHE B 1 13 ? -5.230  9.307   -6.059  1.00 11.69 ? 13  PHE B CD1 1 
ATOM   489  C CD2 . PHE B 1 13 ? -4.215  10.589  -7.790  1.00 10.80 ? 13  PHE B CD2 1 
ATOM   490  C CE1 . PHE B 1 13 ? -4.626  10.114  -5.104  1.00 14.83 ? 13  PHE B CE1 1 
ATOM   491  C CE2 . PHE B 1 13 ? -3.612  11.401  -6.841  1.00 13.93 ? 13  PHE B CE2 1 
ATOM   492  C CZ  . PHE B 1 13 ? -3.821  11.167  -5.498  1.00 13.21 ? 13  PHE B CZ  1 
ATOM   493  N N   . ASP B 1 14 ? -7.309  10.833  -9.967  1.00 11.13 ? 14  ASP B N   1 
ATOM   494  C CA  . ASP B 1 14 ? -7.612  12.238  -10.212 1.00 9.45  ? 14  ASP B CA  1 
ATOM   495  C C   . ASP B 1 14 ? -8.674  12.468  -11.275 1.00 10.95 ? 14  ASP B C   1 
ATOM   496  O O   . ASP B 1 14 ? -9.122  13.595  -11.477 1.00 12.55 ? 14  ASP B O   1 
ATOM   497  C CB  . ASP B 1 14 ? -6.344  13.068  -10.469 1.00 12.42 ? 14  ASP B CB  1 
ATOM   498  C CG  . ASP B 1 14 ? -5.554  12.596  -11.673 1.00 15.30 ? 14  ASP B CG  1 
ATOM   499  O OD1 . ASP B 1 14 ? -6.146  12.052  -12.632 1.00 14.35 ? 14  ASP B OD1 1 
ATOM   500  O OD2 . ASP B 1 14 ? -4.318  12.795  -11.664 1.00 18.75 ? 14  ASP B OD2 1 
ATOM   501  N N   . GLY B 1 15 ? -9.080  11.399  -11.948 1.00 11.30 ? 15  GLY B N   1 
ATOM   502  C CA  . GLY B 1 15 ? -10.113 11.476  -12.967 1.00 15.23 ? 15  GLY B CA  1 
ATOM   503  C C   . GLY B 1 15 ? -9.827  12.447  -14.098 1.00 15.83 ? 15  GLY B C   1 
ATOM   504  O O   . GLY B 1 15 ? -10.750 12.878  -14.788 1.00 17.23 ? 15  GLY B O   1 
ATOM   505  N N   . SER B 1 16 ? -8.557  12.799  -14.297 1.00 16.56 ? 16  SER B N   1 
ATOM   506  C CA  . SER B 1 16 ? -8.228  13.902  -15.204 1.00 19.42 ? 16  SER B CA  1 
ATOM   507  C C   . SER B 1 16 ? -8.075  13.448  -16.650 1.00 22.86 ? 16  SER B C   1 
ATOM   508  O O   . SER B 1 16 ? -8.107  14.262  -17.576 1.00 22.06 ? 16  SER B O   1 
ATOM   509  C CB  . SER B 1 16 ? -6.969  14.651  -14.740 1.00 19.42 ? 16  SER B CB  1 
ATOM   510  O OG  . SER B 1 16 ? -5.792  13.903  -14.994 1.00 25.01 ? 16  SER B OG  1 
ATOM   511  N N   . GLY B 1 17 ? -7.912  12.144  -16.834 1.00 19.26 ? 17  GLY B N   1 
ATOM   512  C CA  . GLY B 1 17 ? -7.733  11.576  -18.156 1.00 16.96 ? 17  GLY B CA  1 
ATOM   513  C C   . GLY B 1 17 ? -7.797  10.073  -18.072 1.00 18.71 ? 17  GLY B C   1 
ATOM   514  O O   . GLY B 1 17 ? -8.182  9.530   -17.035 1.00 14.87 ? 17  GLY B O   1 
ATOM   515  N N   . ALA B 1 18 ? -7.415  9.405   -19.156 1.00 16.43 ? 18  ALA B N   1 
ATOM   516  C CA  . ALA B 1 18 ? -7.507  7.954   -19.225 1.00 16.87 ? 18  ALA B CA  1 
ATOM   517  C C   . ALA B 1 18 ? -6.404  7.283   -18.417 1.00 16.57 ? 18  ALA B C   1 
ATOM   518  O O   . ALA B 1 18 ? -5.345  7.871   -18.174 1.00 13.00 ? 18  ALA B O   1 
ATOM   519  C CB  . ALA B 1 18 ? -7.470  7.476   -20.674 1.00 19.28 ? 18  ALA B CB  1 
ATOM   520  N N   . ALA B 1 19 ? -6.663  6.045   -18.007 1.00 13.06 ? 19  ALA B N   1 
ATOM   521  C CA  . ALA B 1 19 ? -5.674  5.245   -17.299 1.00 11.91 ? 19  ALA B CA  1 
ATOM   522  C C   . ALA B 1 19 ? -4.723  4.578   -18.288 1.00 14.75 ? 19  ALA B C   1 
ATOM   523  O O   . ALA B 1 19 ? -5.081  4.363   -19.453 1.00 17.65 ? 19  ALA B O   1 
ATOM   524  C CB  . ALA B 1 19 ? -6.370  4.197   -16.445 1.00 9.71  ? 19  ALA B CB  1 
ATOM   525  N N   . ASP B 1 20 ? -3.513  4.264   -17.835 1.00 10.34 ? 20  ASP B N   1 
ATOM   526  C CA  . ASP B 1 20 ? -2.555  3.517   -18.647 1.00 12.38 ? 20  ASP B CA  1 
ATOM   527  C C   . ASP B 1 20 ? -2.363  2.093   -18.133 1.00 15.00 ? 20  ASP B C   1 
ATOM   528  O O   . ASP B 1 20 ? -1.944  1.206   -18.875 1.00 13.09 ? 20  ASP B O   1 
ATOM   529  C CB  . ASP B 1 20 ? -1.200  4.228   -18.691 1.00 14.84 ? 20  ASP B CB  1 
ATOM   530  C CG  . ASP B 1 20 ? -1.294  5.628   -19.272 1.00 16.50 ? 20  ASP B CG  1 
ATOM   531  O OD1 . ASP B 1 20 ? -1.575  5.752   -20.485 1.00 20.62 ? 20  ASP B OD1 1 
ATOM   532  O OD2 . ASP B 1 20 ? -1.073  6.602   -18.519 1.00 11.67 ? 20  ASP B OD2 1 
ATOM   533  N N   . GLU B 1 21 ? -2.653  1.877   -16.860 1.00 11.40 ? 21  GLU B N   1 
ATOM   534  C CA  . GLU B 1 21 ? -2.545  0.544   -16.291 1.00 10.43 ? 21  GLU B CA  1 
ATOM   535  C C   . GLU B 1 21 ? -3.471  0.346   -15.104 1.00 11.35 ? 21  GLU B C   1 
ATOM   536  O O   . GLU B 1 21 ? -4.014  1.302   -14.543 1.00 9.58  ? 21  GLU B O   1 
ATOM   537  C CB  . GLU B 1 21 ? -1.101  0.220   -15.895 1.00 16.49 ? 21  GLU B CB  1 
ATOM   538  C CG  . GLU B 1 21 ? -0.557  1.018   -14.728 1.00 14.15 ? 21  GLU B CG  1 
ATOM   539  C CD  . GLU B 1 21 ? 0.818   0.522   -14.284 1.00 16.87 ? 21  GLU B CD  1 
ATOM   540  O OE1 . GLU B 1 21 ? 0.950   -0.669  -13.915 1.00 22.47 ? 21  GLU B OE1 1 
ATOM   541  O OE2 . GLU B 1 21 ? 1.760   1.327   -14.318 1.00 22.18 ? 21  GLU B OE2 1 
ATOM   542  N N   . THR B 1 22 ? -3.660  -0.918  -14.746 1.00 11.27 ? 22  THR B N   1 
ATOM   543  C CA  . THR B 1 22 ? -4.415  -1.274  -13.559 1.00 9.80  ? 22  THR B CA  1 
ATOM   544  C C   . THR B 1 22 ? -3.415  -1.835  -12.556 1.00 12.33 ? 22  THR B C   1 
ATOM   545  O O   . THR B 1 22 ? -2.686  -2.782  -12.857 1.00 12.02 ? 22  THR B O   1 
ATOM   546  C CB  . THR B 1 22 ? -5.512  -2.300  -13.884 1.00 14.04 ? 22  THR B CB  1 
ATOM   547  O OG1 . THR B 1 22 ? -6.475  -1.699  -14.769 1.00 12.92 ? 22  THR B OG1 1 
ATOM   548  C CG2 . THR B 1 22 ? -6.223  -2.752  -12.614 1.00 11.93 ? 22  THR B CG2 1 
ATOM   549  N N   . VAL B 1 23 ? -3.365  -1.227  -11.377 1.00 8.34  ? 23  VAL B N   1 
ATOM   550  C CA  . VAL B 1 23 ? -2.395  -1.610  -10.367 1.00 7.37  ? 23  VAL B CA  1 
ATOM   551  C C   . VAL B 1 23 ? -3.110  -2.370  -9.271  1.00 8.75  ? 23  VAL B C   1 
ATOM   552  O O   . VAL B 1 23 ? -4.169  -1.954  -8.802  1.00 8.25  ? 23  VAL B O   1 
ATOM   553  C CB  . VAL B 1 23 ? -1.702  -0.373  -9.744  1.00 7.82  ? 23  VAL B CB  1 
ATOM   554  C CG1 . VAL B 1 23 ? -0.710  -0.790  -8.642  1.00 7.41  ? 23  VAL B CG1 1 
ATOM   555  C CG2 . VAL B 1 23 ? -1.001  0.459   -10.829 1.00 8.47  ? 23  VAL B CG2 1 
ATOM   556  N N   . GLU B 1 24 ? -2.536  -3.501  -8.875  1.00 7.77  ? 24  GLU B N   1 
ATOM   557  C CA  . GLU B 1 24 ? -3.052  -4.231  -7.731  1.00 8.70  ? 24  GLU B CA  1 
ATOM   558  C C   . GLU B 1 24 ? -2.272  -3.870  -6.471  1.00 8.41  ? 24  GLU B C   1 
ATOM   559  O O   . GLU B 1 24 ? -1.051  -3.695  -6.505  1.00 8.38  ? 24  GLU B O   1 
ATOM   560  C CB  . GLU B 1 24 ? -2.975  -5.734  -7.975  1.00 13.97 ? 24  GLU B CB  1 
ATOM   561  C CG  . GLU B 1 24 ? -3.499  -6.557  -6.821  1.00 17.62 ? 24  GLU B CG  1 
ATOM   562  C CD  . GLU B 1 24 ? -3.280  -8.035  -7.037  1.00 25.29 ? 24  GLU B CD  1 
ATOM   563  O OE1 . GLU B 1 24 ? -3.675  -8.540  -8.110  1.00 37.75 ? 24  GLU B OE1 1 
ATOM   564  O OE2 . GLU B 1 24 ? -2.701  -8.684  -6.142  1.00 26.10 ? 24  GLU B OE2 1 
ATOM   565  N N   . PHE B 1 25 ? -2.984  -3.749  -5.358  1.00 8.44  ? 25  PHE B N   1 
ATOM   566  C CA  . PHE B 1 25 ? -2.327  -3.516  -4.076  1.00 7.13  ? 25  PHE B CA  1 
ATOM   567  C C   . PHE B 1 25 ? -3.192  -4.075  -2.949  1.00 6.81  ? 25  PHE B C   1 
ATOM   568  O O   . PHE B 1 25 ? -4.255  -4.650  -3.195  1.00 8.89  ? 25  PHE B O   1 
ATOM   569  C CB  . PHE B 1 25 ? -1.978  -2.029  -3.887  1.00 4.39  ? 25  PHE B CB  1 
ATOM   570  C CG  . PHE B 1 25 ? -3.181  -1.123  -3.796  1.00 7.98  ? 25  PHE B CG  1 
ATOM   571  C CD1 . PHE B 1 25 ? -3.822  -0.682  -4.939  1.00 9.48  ? 25  PHE B CD1 1 
ATOM   572  C CD2 . PHE B 1 25 ? -3.657  -0.711  -2.564  1.00 8.06  ? 25  PHE B CD2 1 
ATOM   573  C CE1 . PHE B 1 25 ? -4.924  0.151   -4.856  1.00 8.31  ? 25  PHE B CE1 1 
ATOM   574  C CE2 . PHE B 1 25 ? -4.765  0.126   -2.473  1.00 7.00  ? 25  PHE B CE2 1 
ATOM   575  C CZ  . PHE B 1 25 ? -5.396  0.549   -3.621  1.00 6.62  ? 25  PHE B CZ  1 
ATOM   576  N N   . GLY B 1 26 ? -2.738  -3.937  -1.709  1.00 5.40  ? 26  GLY B N   1 
ATOM   577  C CA  . GLY B 1 26 ? -3.459  -4.552  -0.616  1.00 6.91  ? 26  GLY B CA  1 
ATOM   578  C C   . GLY B 1 26 ? -3.258  -3.858  0.711   1.00 7.99  ? 26  GLY B C   1 
ATOM   579  O O   . GLY B 1 26 ? -2.255  -3.178  0.918   1.00 6.61  ? 26  GLY B O   1 
ATOM   580  N N   . LEU B 1 27 ? -4.231  -4.021  1.603   1.00 6.52  ? 27  LEU B N   1 
ATOM   581  C CA  . LEU B 1 27 ? -4.115  -3.521  2.965   1.00 8.63  ? 27  LEU B CA  1 
ATOM   582  C C   . LEU B 1 27 ? -5.037  -4.319  3.879   1.00 11.27 ? 27  LEU B C   1 
ATOM   583  O O   . LEU B 1 27 ? -6.224  -4.495  3.574   1.00 9.15  ? 27  LEU B O   1 
ATOM   584  C CB  . LEU B 1 27 ? -4.460  -2.030  3.037   1.00 8.70  ? 27  LEU B CB  1 
ATOM   585  C CG  . LEU B 1 27 ? -4.385  -1.405  4.434   1.00 10.43 ? 27  LEU B CG  1 
ATOM   586  C CD1 . LEU B 1 27 ? -2.964  -1.480  5.016   1.00 8.54  ? 27  LEU B CD1 1 
ATOM   587  C CD2 . LEU B 1 27 ? -4.897  0.035   4.412   1.00 9.94  ? 27  LEU B CD2 1 
ATOM   588  N N   . ASP B 1 28 ? -4.473  -4.806  4.983   1.00 9.18  ? 28  ASP B N   1 
ATOM   589  C CA  . ASP B 1 28 ? -5.231  -5.504  6.029   1.00 10.00 ? 28  ASP B CA  1 
ATOM   590  C C   . ASP B 1 28 ? -5.986  -6.727  5.522   1.00 15.76 ? 28  ASP B C   1 
ATOM   591  O O   . ASP B 1 28 ? -7.063  -7.060  6.033   1.00 16.71 ? 28  ASP B O   1 
ATOM   592  C CB  . ASP B 1 28 ? -6.176  -4.543  6.752   1.00 11.79 ? 28  ASP B CB  1 
ATOM   593  C CG  . ASP B 1 28 ? -5.433  -3.501  7.569   1.00 14.68 ? 28  ASP B CG  1 
ATOM   594  O OD1 . ASP B 1 28 ? -4.361  -3.825  8.124   1.00 14.61 ? 28  ASP B OD1 1 
ATOM   595  O OD2 . ASP B 1 28 ? -5.917  -2.353  7.658   1.00 16.65 ? 28  ASP B OD2 1 
ATOM   596  N N   . GLY B 1 29 ? -5.408  -7.399  4.533   1.00 9.01  ? 29  GLY B N   1 
ATOM   597  C CA  . GLY B 1 29 ? -5.959  -8.642  4.027   1.00 14.46 ? 29  GLY B CA  1 
ATOM   598  C C   . GLY B 1 29 ? -6.964  -8.446  2.908   1.00 15.59 ? 29  GLY B C   1 
ATOM   599  O O   . GLY B 1 29 ? -7.527  -9.409  2.402   1.00 14.90 ? 29  GLY B O   1 
ATOM   600  N N   . VAL B 1 30 ? -7.196  -7.193  2.532   1.00 11.97 ? 30  VAL B N   1 
ATOM   601  C CA  . VAL B 1 30 ? -8.094  -6.875  1.426   1.00 12.47 ? 30  VAL B CA  1 
ATOM   602  C C   . VAL B 1 30 ? -7.263  -6.534  0.201   1.00 13.28 ? 30  VAL B C   1 
ATOM   603  O O   . VAL B 1 30 ? -6.297  -5.780  0.290   1.00 11.57 ? 30  VAL B O   1 
ATOM   604  C CB  . VAL B 1 30 ? -8.992  -5.670  1.761   1.00 14.16 ? 30  VAL B CB  1 
ATOM   605  C CG1 . VAL B 1 30 ? -9.926  -5.359  0.585   1.00 13.36 ? 30  VAL B CG1 1 
ATOM   606  C CG2 . VAL B 1 30 ? -9.781  -5.931  3.031   1.00 16.28 ? 30  VAL B CG2 1 
ATOM   607  N N   . THR B 1 31 ? -7.633  -7.098  -0.940  1.00 12.12 ? 31  THR B N   1 
ATOM   608  C CA  . THR B 1 31 ? -6.934  -6.817  -2.184  1.00 9.39  ? 31  THR B CA  1 
ATOM   609  C C   . THR B 1 31 ? -7.729  -5.806  -3.009  1.00 9.24  ? 31  THR B C   1 
ATOM   610  O O   . THR B 1 31 ? -8.945  -5.930  -3.172  1.00 10.24 ? 31  THR B O   1 
ATOM   611  C CB  . THR B 1 31 ? -6.651  -8.113  -2.975  1.00 16.46 ? 31  THR B CB  1 
ATOM   612  O OG1 . THR B 1 31 ? -5.851  -8.986  -2.160  1.00 13.81 ? 31  THR B OG1 1 
ATOM   613  C CG2 . THR B 1 31 ? -5.883  -7.803  -4.258  1.00 16.08 ? 31  THR B CG2 1 
ATOM   614  N N   . TYR B 1 32 ? -7.031  -4.786  -3.502  1.00 9.58  ? 32  TYR B N   1 
ATOM   615  C CA  . TYR B 1 32 ? -7.639  -3.729  -4.296  1.00 7.86  ? 32  TYR B CA  1 
ATOM   616  C C   . TYR B 1 32 ? -7.044  -3.673  -5.705  1.00 8.99  ? 32  TYR B C   1 
ATOM   617  O O   . TYR B 1 32 ? -5.911  -4.113  -5.940  1.00 8.41  ? 32  TYR B O   1 
ATOM   618  C CB  . TYR B 1 32 ? -7.426  -2.367  -3.620  1.00 9.52  ? 32  TYR B CB  1 
ATOM   619  C CG  . TYR B 1 32 ? -8.000  -2.246  -2.233  1.00 8.70  ? 32  TYR B CG  1 
ATOM   620  C CD1 . TYR B 1 32 ? -7.201  -2.427  -1.113  1.00 8.93  ? 32  TYR B CD1 1 
ATOM   621  C CD2 . TYR B 1 32 ? -9.334  -1.937  -2.040  1.00 10.13 ? 32  TYR B CD2 1 
ATOM   622  C CE1 . TYR B 1 32 ? -7.722  -2.313  0.166   1.00 10.78 ? 32  TYR B CE1 1 
ATOM   623  C CE2 . TYR B 1 32 ? -9.868  -1.826  -0.764  1.00 13.49 ? 32  TYR B CE2 1 
ATOM   624  C CZ  . TYR B 1 32 ? -9.059  -2.011  0.331   1.00 13.13 ? 32  TYR B CZ  1 
ATOM   625  O OH  . TYR B 1 32 ? -9.594  -1.893  1.597   1.00 11.13 ? 32  TYR B OH  1 
ATOM   626  N N   . GLU B 1 33 ? -7.819  -3.143  -6.644  1.00 7.68  ? 33  GLU B N   1 
ATOM   627  C CA  . GLU B 1 33 ? -7.284  -2.744  -7.935  1.00 7.38  ? 33  GLU B CA  1 
ATOM   628  C C   . GLU B 1 33 ? -7.624  -1.282  -8.163  1.00 9.02  ? 33  GLU B C   1 
ATOM   629  O O   . GLU B 1 33 ? -8.605  -0.766  -7.611  1.00 9.83  ? 33  GLU B O   1 
ATOM   630  C CB  . GLU B 1 33 ? -7.854  -3.610  -9.063  1.00 14.38 ? 33  GLU B CB  1 
ATOM   631  C CG  . GLU B 1 33 ? -7.153  -4.952  -9.168  1.00 20.39 ? 33  GLU B CG  1 
ATOM   632  C CD  . GLU B 1 33 ? -7.810  -5.900  -10.159 1.00 35.19 ? 33  GLU B CD  1 
ATOM   633  O OE1 . GLU B 1 33 ? -8.843  -5.526  -10.756 1.00 33.99 ? 33  GLU B OE1 1 
ATOM   634  O OE2 . GLU B 1 33 ? -7.290  -7.027  -10.333 1.00 39.39 ? 33  GLU B OE2 1 
ATOM   635  N N   . ILE B 1 34 ? -6.810  -0.615  -8.974  1.00 6.76  ? 34  ILE B N   1 
ATOM   636  C CA  . ILE B 1 34 ? -7.047  0.786   -9.286  1.00 8.01  ? 34  ILE B CA  1 
ATOM   637  C C   . ILE B 1 34 ? -6.503  1.093   -10.683 1.00 8.09  ? 34  ILE B C   1 
ATOM   638  O O   . ILE B 1 34 ? -5.412  0.651   -11.054 1.00 7.36  ? 34  ILE B O   1 
ATOM   639  C CB  . ILE B 1 34 ? -6.430  1.714   -8.204  1.00 6.19  ? 34  ILE B CB  1 
ATOM   640  C CG1 . ILE B 1 34 ? -6.875  3.164   -8.401  1.00 6.14  ? 34  ILE B CG1 1 
ATOM   641  C CG2 . ILE B 1 34 ? -4.901  1.580   -8.169  1.00 6.16  ? 34  ILE B CG2 1 
ATOM   642  C CD1 . ILE B 1 34 ? -6.431  4.083   -7.265  1.00 7.29  ? 34  ILE B CD1 1 
ATOM   643  N N   . ASP B 1 35 ? -7.289  1.810   -11.475 1.00 7.24  ? 35  ASP B N   1 
ATOM   644  C CA  . ASP B 1 35 ? -6.874  2.148   -12.833 1.00 8.22  ? 35  ASP B CA  1 
ATOM   645  C C   . ASP B 1 35 ? -6.200  3.516   -12.796 1.00 6.78  ? 35  ASP B C   1 
ATOM   646  O O   . ASP B 1 35 ? -6.815  4.492   -12.375 1.00 6.05  ? 35  ASP B O   1 
ATOM   647  C CB  . ASP B 1 35 ? -8.090  2.195   -13.769 1.00 9.31  ? 35  ASP B CB  1 
ATOM   648  C CG  . ASP B 1 35 ? -8.892  0.898   -13.759 1.00 14.20 ? 35  ASP B CG  1 
ATOM   649  O OD1 . ASP B 1 35 ? -8.284  -0.192  -13.689 1.00 13.94 ? 35  ASP B OD1 1 
ATOM   650  O OD2 . ASP B 1 35 ? -10.140 0.964   -13.821 1.00 14.28 ? 35  ASP B OD2 1 
ATOM   651  N N   . LEU B 1 36 ? -4.942  3.586   -13.224 1.00 6.01  ? 36  LEU B N   1 
ATOM   652  C CA  . LEU B 1 36 ? -4.177  4.820   -13.078 1.00 5.92  ? 36  LEU B CA  1 
ATOM   653  C C   . LEU B 1 36 ? -3.393  5.189   -14.331 1.00 6.85  ? 36  LEU B C   1 
ATOM   654  O O   . LEU B 1 36 ? -3.005  4.320   -15.110 1.00 8.42  ? 36  LEU B O   1 
ATOM   655  C CB  . LEU B 1 36 ? -3.187  4.682   -11.913 1.00 6.88  ? 36  LEU B CB  1 
ATOM   656  C CG  . LEU B 1 36 ? -3.750  4.441   -10.510 1.00 4.70  ? 36  LEU B CG  1 
ATOM   657  C CD1 . LEU B 1 36 ? -2.602  4.132   -9.541  1.00 5.27  ? 36  LEU B CD1 1 
ATOM   658  C CD2 . LEU B 1 36 ? -4.533  5.664   -10.061 1.00 6.10  ? 36  LEU B CD2 1 
ATOM   659  N N   . SER B 1 37 ? -3.167  6.489   -14.514 1.00 6.27  ? 37  SER B N   1 
ATOM   660  C CA  . SER B 1 37 ? -2.174  6.960   -15.474 1.00 8.78  ? 37  SER B CA  1 
ATOM   661  C C   . SER B 1 37 ? -0.809  6.442   -15.046 1.00 8.21  ? 37  SER B C   1 
ATOM   662  O O   . SER B 1 37 ? -0.611  6.060   -13.887 1.00 7.37  ? 37  SER B O   1 
ATOM   663  C CB  . SER B 1 37 ? -2.142  8.488   -15.524 1.00 8.41  ? 37  SER B CB  1 
ATOM   664  O OG  . SER B 1 37 ? -1.594  9.024   -14.329 1.00 8.19  ? 37  SER B OG  1 
ATOM   665  N N   . THR B 1 38 ? 0.130   6.415   -15.983 1.00 7.56  ? 38  THR B N   1 
ATOM   666  C CA  . THR B 1 38 ? 1.495   6.014   -15.671 1.00 8.68  ? 38  THR B CA  1 
ATOM   667  C C   . THR B 1 38 ? 2.049   6.868   -14.542 1.00 7.93  ? 38  THR B C   1 
ATOM   668  O O   . THR B 1 38 ? 2.704   6.356   -13.632 1.00 9.94  ? 38  THR B O   1 
ATOM   669  C CB  . THR B 1 38 ? 2.408   6.124   -16.911 1.00 13.62 ? 38  THR B CB  1 
ATOM   670  O OG1 . THR B 1 38 ? 1.909   5.257   -17.937 1.00 14.52 ? 38  THR B OG1 1 
ATOM   671  C CG2 . THR B 1 38 ? 3.834   5.727   -16.561 1.00 14.65 ? 38  THR B CG2 1 
ATOM   672  N N   . LYS B 1 39 ? 1.761   8.164   -14.591 1.00 8.00  ? 39  LYS B N   1 
ATOM   673  C CA  . LYS B 1 39 ? 2.212   9.100   -13.557 1.00 7.66  ? 39  LYS B CA  1 
ATOM   674  C C   . LYS B 1 39 ? 1.704   8.728   -12.163 1.00 10.18 ? 39  LYS B C   1 
ATOM   675  O O   . LYS B 1 39 ? 2.484   8.658   -11.209 1.00 9.31  ? 39  LYS B O   1 
ATOM   676  C CB  . LYS B 1 39 ? 1.809   10.530  -13.920 1.00 9.80  ? 39  LYS B CB  1 
ATOM   677  C CG  . LYS B 1 39 ? 2.202   11.596  -12.901 1.00 11.40 ? 39  LYS B CG  1 
ATOM   678  C CD  . LYS B 1 39 ? 1.868   12.972  -13.472 1.00 12.62 ? 39  LYS B CD  1 
ATOM   679  C CE  . LYS B 1 39 ? 2.060   14.078  -12.453 1.00 18.22 ? 39  LYS B CE  1 
ATOM   680  N NZ  . LYS B 1 39 ? 1.670   15.386  -13.076 1.00 17.48 ? 39  LYS B NZ  1 
ATOM   681  N N   . ASN B 1 40 ? 0.408   8.459   -12.050 1.00 7.59  ? 40  ASN B N   1 
ATOM   682  C CA  . ASN B 1 40 ? -0.177  8.134   -10.750 1.00 8.13  ? 40  ASN B CA  1 
ATOM   683  C C   . ASN B 1 40 ? 0.189   6.738   -10.244 1.00 7.11  ? 40  ASN B C   1 
ATOM   684  O O   . ASN B 1 40 ? 0.301   6.526   -9.031  1.00 7.62  ? 40  ASN B O   1 
ATOM   685  C CB  . ASN B 1 40 ? -1.694  8.360   -10.765 1.00 8.10  ? 40  ASN B CB  1 
ATOM   686  C CG  . ASN B 1 40 ? -2.049  9.833   -10.778 1.00 10.30 ? 40  ASN B CG  1 
ATOM   687  O OD1 . ASN B 1 40 ? -1.332  10.654  -10.190 1.00 10.92 ? 40  ASN B OD1 1 
ATOM   688  N ND2 . ASN B 1 40 ? -3.144  10.183  -11.453 1.00 11.26 ? 40  ASN B ND2 1 
ATOM   689  N N   . ALA B 1 41 ? 0.370   5.792   -11.166 1.00 5.85  ? 41  ALA B N   1 
ATOM   690  C CA  . ALA B 1 41 ? 0.848   4.466   -10.794 1.00 9.33  ? 41  ALA B CA  1 
ATOM   691  C C   . ALA B 1 41 ? 2.245   4.607   -10.194 1.00 8.45  ? 41  ALA B C   1 
ATOM   692  O O   . ALA B 1 41 ? 2.593   3.948   -9.207  1.00 7.72  ? 41  ALA B O   1 
ATOM   693  C CB  . ALA B 1 41 ? 0.871   3.541   -12.008 1.00 7.49  ? 41  ALA B CB  1 
ATOM   694  N N   . THR B 1 42 ? 3.031   5.499   -10.783 1.00 8.06  ? 42  THR B N   1 
ATOM   695  C CA  . THR B 1 42 ? 4.377   5.778   -10.293 1.00 9.82  ? 42  THR B CA  1 
ATOM   696  C C   . THR B 1 42 ? 4.351   6.418   -8.901  1.00 9.03  ? 42  THR B C   1 
ATOM   697  O O   . THR B 1 42 ? 5.180   6.084   -8.040  1.00 8.36  ? 42  THR B O   1 
ATOM   698  C CB  . THR B 1 42 ? 5.170   6.636   -11.315 1.00 10.50 ? 42  THR B CB  1 
ATOM   699  O OG1 . THR B 1 42 ? 5.251   5.924   -12.562 1.00 9.51  ? 42  THR B OG1 1 
ATOM   700  C CG2 . THR B 1 42 ? 6.567   6.911   -10.823 1.00 13.80 ? 42  THR B CG2 1 
ATOM   701  N N   . LYS B 1 43 ? 3.382   7.304   -8.667  1.00 8.71  ? 43  LYS B N   1 
ATOM   702  C CA  . LYS B 1 43 ? 3.208   7.928   -7.353  1.00 7.39  ? 43  LYS B CA  1 
ATOM   703  C C   . LYS B 1 43 ? 2.836   6.897   -6.288  1.00 11.06 ? 43  LYS B C   1 
ATOM   704  O O   . LYS B 1 43 ? 3.392   6.906   -5.178  1.00 9.79  ? 43  LYS B O   1 
ATOM   705  C CB  . LYS B 1 43 ? 2.152   9.041   -7.406  1.00 10.44 ? 43  LYS B CB  1 
ATOM   706  C CG  . LYS B 1 43 ? 1.933   9.768   -6.068  1.00 17.13 ? 43  LYS B CG  1 
ATOM   707  C CD  . LYS B 1 43 ? 0.821   10.834  -6.158  1.00 24.74 ? 43  LYS B CD  1 
ATOM   708  C CE  . LYS B 1 43 ? 0.778   11.738  -4.906  1.00 34.89 ? 43  LYS B CE  1 
ATOM   709  N NZ  . LYS B 1 43 ? 0.455   11.004  -3.638  1.00 32.22 ? 43  LYS B NZ  1 
ATOM   710  N N   . LEU B 1 44 ? 1.905   6.007   -6.626  1.00 7.12  ? 44  LEU B N   1 
ATOM   711  C CA  . LEU B 1 44 ? 1.483   4.954   -5.701  1.00 7.55  ? 44  LEU B CA  1 
ATOM   712  C C   . LEU B 1 44 ? 2.659   4.054   -5.337  1.00 7.82  ? 44  LEU B C   1 
ATOM   713  O O   . LEU B 1 44 ? 2.884   3.745   -4.160  1.00 9.57  ? 44  LEU B O   1 
ATOM   714  C CB  . LEU B 1 44 ? 0.335   4.141   -6.307  1.00 6.22  ? 44  LEU B CB  1 
ATOM   715  C CG  . LEU B 1 44 ? -0.131  2.848   -5.618  1.00 8.41  ? 44  LEU B CG  1 
ATOM   716  C CD1 . LEU B 1 44 ? -0.345  3.047   -4.133  1.00 11.76 ? 44  LEU B CD1 1 
ATOM   717  C CD2 . LEU B 1 44 ? -1.419  2.360   -6.286  1.00 10.73 ? 44  LEU B CD2 1 
ATOM   718  N N   . ARG B 1 45 ? 3.417   3.638   -6.346  1.00 6.07  ? 45  ARG B N   1 
ATOM   719  C CA  . ARG B 1 45 ? 4.590   2.796   -6.108  1.00 9.12  ? 45  ARG B CA  1 
ATOM   720  C C   . ARG B 1 45 ? 5.625   3.516   -5.244  1.00 7.47  ? 45  ARG B C   1 
ATOM   721  O O   . ARG B 1 45 ? 6.235   2.910   -4.358  1.00 9.32  ? 45  ARG B O   1 
ATOM   722  C CB  . ARG B 1 45 ? 5.175   2.307   -7.438  1.00 8.17  ? 45  ARG B CB  1 
ATOM   723  C CG  . ARG B 1 45 ? 4.243   1.327   -8.144  1.00 9.11  ? 45  ARG B CG  1 
ATOM   724  C CD  . ARG B 1 45 ? 4.779   0.800   -9.474  1.00 12.10 ? 45  ARG B CD  1 
ATOM   725  N NE  . ARG B 1 45 ? 3.917   -0.285  -9.939  1.00 11.84 ? 45  ARG B NE  1 
ATOM   726  C CZ  . ARG B 1 45 ? 3.169   -0.244  -11.037 1.00 12.14 ? 45  ARG B CZ  1 
ATOM   727  N NH1 . ARG B 1 45 ? 3.215   0.811   -11.837 1.00 11.82 ? 45  ARG B NH1 1 
ATOM   728  N NH2 . ARG B 1 45 ? 2.402   -1.281  -11.353 1.00 14.12 ? 45  ARG B NH2 1 
ATOM   729  N N   . GLY B 1 46 ? 5.791   4.814   -5.477  1.00 7.78  ? 46  GLY B N   1 
ATOM   730  C CA  . GLY B 1 46 ? 6.687   5.627   -4.676  1.00 9.13  ? 46  GLY B CA  1 
ATOM   731  C C   . GLY B 1 46 ? 6.242   5.755   -3.230  1.00 11.20 ? 46  GLY B C   1 
ATOM   732  O O   . GLY B 1 46 ? 7.082   5.709   -2.321  1.00 11.16 ? 46  GLY B O   1 
ATOM   733  N N   . ASP B 1 47 ? 4.937   5.914   -3.008  1.00 7.10  ? 47  ASP B N   1 
ATOM   734  C CA  . ASP B 1 47 ? 4.403   6.015   -1.651  1.00 7.59  ? 47  ASP B CA  1 
ATOM   735  C C   . ASP B 1 47 ? 4.654   4.741   -0.853  1.00 9.95  ? 47  ASP B C   1 
ATOM   736  O O   . ASP B 1 47 ? 4.813   4.792   0.362   1.00 10.61 ? 47  ASP B O   1 
ATOM   737  C CB  . ASP B 1 47 ? 2.899   6.302   -1.650  1.00 12.01 ? 47  ASP B CB  1 
ATOM   738  C CG  . ASP B 1 47 ? 2.562   7.714   -2.109  1.00 14.61 ? 47  ASP B CG  1 
ATOM   739  O OD1 . ASP B 1 47 ? 3.483   8.557   -2.243  1.00 13.33 ? 47  ASP B OD1 1 
ATOM   740  O OD2 . ASP B 1 47 ? 1.360   7.979   -2.318  1.00 12.77 ? 47  ASP B OD2 1 
ATOM   741  N N   . LEU B 1 48 ? 4.673   3.599   -1.536  1.00 7.73  ? 48  LEU B N   1 
ATOM   742  C CA  . LEU B 1 48 ? 4.819   2.318   -0.852  1.00 8.21  ? 48  LEU B CA  1 
ATOM   743  C C   . LEU B 1 48 ? 6.259   1.811   -0.788  1.00 6.77  ? 48  LEU B C   1 
ATOM   744  O O   . LEU B 1 48 ? 6.533   0.839   -0.099  1.00 6.18  ? 48  LEU B O   1 
ATOM   745  C CB  . LEU B 1 48 ? 3.921   1.261   -1.503  1.00 8.39  ? 48  LEU B CB  1 
ATOM   746  C CG  . LEU B 1 48 ? 2.454   1.278   -1.063  1.00 11.54 ? 48  LEU B CG  1 
ATOM   747  C CD1 . LEU B 1 48 ? 1.646   0.296   -1.912  1.00 12.38 ? 48  LEU B CD1 1 
ATOM   748  C CD2 . LEU B 1 48 ? 2.354   0.912   0.421   1.00 12.64 ? 48  LEU B CD2 1 
ATOM   749  N N   . LYS B 1 49 ? 7.170   2.484   -1.487  1.00 7.06  ? 49  LYS B N   1 
ATOM   750  C CA  . LYS B 1 49 ? 8.540   1.987   -1.664  1.00 7.45  ? 49  LYS B CA  1 
ATOM   751  C C   . LYS B 1 49 ? 9.286   1.663   -0.360  1.00 6.98  ? 49  LYS B C   1 
ATOM   752  O O   . LYS B 1 49 ? 9.830   0.565   -0.195  1.00 5.37  ? 49  LYS B O   1 
ATOM   753  C CB  . LYS B 1 49 ? 9.353   2.979   -2.494  1.00 10.00 ? 49  LYS B CB  1 
ATOM   754  C CG  . LYS B 1 49 ? 10.765  2.517   -2.815  1.00 13.69 ? 49  LYS B CG  1 
ATOM   755  C CD  . LYS B 1 49 ? 11.569  3.635   -3.467  1.00 14.11 ? 49  LYS B CD  1 
ATOM   756  C CE  . LYS B 1 49 ? 11.386  4.958   -2.733  1.00 19.71 ? 49  LYS B CE  1 
ATOM   757  N NZ  . LYS B 1 49 ? 11.927  4.948   -1.338  1.00 24.45 ? 49  LYS B NZ  1 
ATOM   758  N N   . GLN B 1 50 ? 9.307   2.610   0.571   1.00 7.19  ? 50  GLN B N   1 
ATOM   759  C CA  . GLN B 1 50 ? 10.043  2.407   1.820   1.00 6.43  ? 50  GLN B CA  1 
ATOM   760  C C   . GLN B 1 50 ? 9.347   1.381   2.725   1.00 6.61  ? 50  GLN B C   1 
ATOM   761  O O   . GLN B 1 50 ? 10.002  0.673   3.493   1.00 7.73  ? 50  GLN B O   1 
ATOM   762  C CB  . GLN B 1 50 ? 10.230  3.738   2.551   1.00 8.96  ? 50  GLN B CB  1 
ATOM   763  C CG  . GLN B 1 50 ? 11.328  3.714   3.612   1.00 10.14 ? 50  GLN B CG  1 
ATOM   764  C CD  . GLN B 1 50 ? 11.615  5.088   4.198   1.00 13.87 ? 50  GLN B CD  1 
ATOM   765  O OE1 . GLN B 1 50 ? 11.423  6.113   3.539   1.00 14.13 ? 50  GLN B OE1 1 
ATOM   766  N NE2 . GLN B 1 50 ? 12.075  5.113   5.449   1.00 11.55 ? 50  GLN B NE2 1 
ATOM   767  N N   . TRP B 1 51 ? 8.017   1.303   2.637   1.00 5.92  ? 51  TRP B N   1 
ATOM   768  C CA  . TRP B 1 51 ? 7.268   0.306   3.398   1.00 4.78  ? 51  TRP B CA  1 
ATOM   769  C C   . TRP B 1 51 ? 7.571   -1.114  2.908   1.00 6.06  ? 51  TRP B C   1 
ATOM   770  O O   . TRP B 1 51 ? 7.790   -2.023  3.713   1.00 6.66  ? 51  TRP B O   1 
ATOM   771  C CB  . TRP B 1 51 ? 5.760   0.588   3.339   1.00 5.39  ? 51  TRP B CB  1 
ATOM   772  C CG  . TRP B 1 51 ? 5.334   1.915   3.949   1.00 6.80  ? 51  TRP B CG  1 
ATOM   773  C CD1 . TRP B 1 51 ? 4.865   3.010   3.282   1.00 8.19  ? 51  TRP B CD1 1 
ATOM   774  C CD2 . TRP B 1 51 ? 5.316   2.257   5.344   1.00 7.24  ? 51  TRP B CD2 1 
ATOM   775  N NE1 . TRP B 1 51 ? 4.560   4.020   4.173   1.00 10.09 ? 51  TRP B NE1 1 
ATOM   776  C CE2 . TRP B 1 51 ? 4.829   3.582   5.443   1.00 8.44  ? 51  TRP B CE2 1 
ATOM   777  C CE3 . TRP B 1 51 ? 5.664   1.576   6.516   1.00 6.34  ? 51  TRP B CE3 1 
ATOM   778  C CZ2 . TRP B 1 51 ? 4.682   4.234   6.663   1.00 8.75  ? 51  TRP B CZ2 1 
ATOM   779  C CZ3 . TRP B 1 51 ? 5.512   2.223   7.726   1.00 7.43  ? 51  TRP B CZ3 1 
ATOM   780  C CH2 . TRP B 1 51 ? 5.030   3.542   7.791   1.00 6.96  ? 51  TRP B CH2 1 
ATOM   781  N N   . VAL B 1 52 ? 7.570   -1.301  1.590   1.00 6.04  ? 52  VAL B N   1 
ATOM   782  C CA  . VAL B 1 52 ? 7.919   -2.595  1.005   1.00 6.48  ? 52  VAL B CA  1 
ATOM   783  C C   . VAL B 1 52 ? 9.350   -2.986  1.385   1.00 6.08  ? 52  VAL B C   1 
ATOM   784  O O   . VAL B 1 52 ? 9.621   -4.139  1.742   1.00 6.04  ? 52  VAL B O   1 
ATOM   785  C CB  . VAL B 1 52 ? 7.773   -2.578  -0.539  1.00 6.35  ? 52  VAL B CB  1 
ATOM   786  C CG1 . VAL B 1 52 ? 8.463   -3.784  -1.161  1.00 7.98  ? 52  VAL B CG1 1 
ATOM   787  C CG2 . VAL B 1 52 ? 6.294   -2.520  -0.939  1.00 6.16  ? 52  VAL B CG2 1 
ATOM   788  N N   . ALA B 1 53 ? 10.259  -2.019  1.331   1.00 5.88  ? 53  ALA B N   1 
ATOM   789  C CA  . ALA B 1 53 ? 11.655  -2.270  1.672   1.00 7.45  ? 53  ALA B CA  1 
ATOM   790  C C   . ALA B 1 53 ? 11.819  -2.707  3.132   1.00 8.57  ? 53  ALA B C   1 
ATOM   791  O O   . ALA B 1 53 ? 12.707  -3.495  3.443   1.00 8.54  ? 53  ALA B O   1 
ATOM   792  C CB  . ALA B 1 53 ? 12.513  -1.037  1.370   1.00 9.52  ? 53  ALA B CB  1 
ATOM   793  N N   . ALA B 1 54 ? 10.948  -2.223  4.016   1.00 6.48  ? 54  ALA B N   1 
ATOM   794  C CA  . ALA B 1 54 ? 11.040  -2.569  5.435   1.00 6.40  ? 54  ALA B CA  1 
ATOM   795  C C   . ALA B 1 54 ? 10.275  -3.845  5.798   1.00 9.03  ? 54  ALA B C   1 
ATOM   796  O O   . ALA B 1 54 ? 10.545  -4.463  6.833   1.00 8.66  ? 54  ALA B O   1 
ATOM   797  C CB  . ALA B 1 54 ? 10.557  -1.402  6.303   1.00 8.11  ? 54  ALA B CB  1 
ATOM   798  N N   . GLY B 1 55 ? 9.317   -4.227  4.960   1.00 6.71  ? 55  GLY B N   1 
ATOM   799  C CA  . GLY B 1 55 ? 8.464   -5.378  5.237   1.00 5.36  ? 55  GLY B CA  1 
ATOM   800  C C   . GLY B 1 55 ? 9.068   -6.708  4.821   1.00 8.42  ? 55  GLY B C   1 
ATOM   801  O O   . GLY B 1 55 ? 10.180  -6.755  4.288   1.00 7.76  ? 55  GLY B O   1 
ATOM   802  N N   . ARG B 1 56 ? 8.323   -7.786  5.061   1.00 8.78  ? 56  ARG B N   1 
ATOM   803  C CA  . ARG B 1 56 ? 8.740   -9.135  4.673   1.00 7.22  ? 56  ARG B CA  1 
ATOM   804  C C   . ARG B 1 56 ? 7.686   -9.773  3.780   1.00 6.54  ? 56  ARG B C   1 
ATOM   805  O O   . ARG B 1 56 ? 6.484   -9.591  4.000   1.00 5.95  ? 56  ARG B O   1 
ATOM   806  C CB  . ARG B 1 56 ? 8.998   -10.002 5.918   1.00 8.75  ? 56  ARG B CB  1 
ATOM   807  C CG  . ARG B 1 56 ? 7.832   -10.046 6.904   1.00 8.66  ? 56  ARG B CG  1 
ATOM   808  C CD  . ARG B 1 56 ? 8.199   -10.787 8.190   1.00 14.78 ? 56  ARG B CD  1 
ATOM   809  N NE  . ARG B 1 56 ? 7.059   -10.850 9.102   1.00 19.01 ? 56  ARG B NE  1 
ATOM   810  C CZ  . ARG B 1 56 ? 6.813   -9.953  10.055  1.00 13.40 ? 56  ARG B CZ  1 
ATOM   811  N NH1 . ARG B 1 56 ? 7.638   -8.933  10.228  1.00 14.04 ? 56  ARG B NH1 1 
ATOM   812  N NH2 . ARG B 1 56 ? 5.745   -10.080 10.834  1.00 16.42 ? 56  ARG B NH2 1 
ATOM   813  N N   . ARG B 1 57 ? 8.137   -10.498 2.754   1.00 5.86  ? 57  ARG B N   1 
ATOM   814  C CA  . ARG B 1 57 ? 7.234   -11.195 1.839   1.00 8.46  ? 57  ARG B CA  1 
ATOM   815  C C   . ARG B 1 57 ? 6.488   -12.313 2.557   1.00 6.63  ? 57  ARG B C   1 
ATOM   816  O O   . ARG B 1 57 ? 7.082   -13.083 3.322   1.00 8.10  ? 57  ARG B O   1 
ATOM   817  C CB  . ARG B 1 57 ? 8.009   -11.790 0.656   1.00 8.12  ? 57  ARG B CB  1 
ATOM   818  C CG  . ARG B 1 57 ? 8.763   -10.774 -0.204  1.00 9.36  ? 57  ARG B CG  1 
ATOM   819  C CD  . ARG B 1 57 ? 9.811   -11.465 -1.107  1.00 11.32 ? 57  ARG B CD  1 
ATOM   820  N NE  . ARG B 1 57 ? 10.413  -10.513 -2.044  1.00 15.32 ? 57  ARG B NE  1 
ATOM   821  C CZ  . ARG B 1 57 ? 11.335  -10.822 -2.955  1.00 15.30 ? 57  ARG B CZ  1 
ATOM   822  N NH1 . ARG B 1 57 ? 11.781  -12.068 -3.070  1.00 12.42 ? 57  ARG B NH1 1 
ATOM   823  N NH2 . ARG B 1 57 ? 11.818  -9.875  -3.752  1.00 19.04 ? 57  ARG B NH2 1 
ATOM   824  N N   . VAL B 1 58 ? 5.184   -12.399 2.315   1.00 6.16  ? 58  VAL B N   1 
ATOM   825  C CA  . VAL B 1 58 ? 4.381   -13.501 2.836   1.00 7.00  ? 58  VAL B CA  1 
ATOM   826  C C   . VAL B 1 58 ? 3.451   -14.010 1.740   1.00 9.34  ? 58  VAL B C   1 
ATOM   827  O O   . VAL B 1 58 ? 3.269   -13.353 0.717   1.00 11.52 ? 58  VAL B O   1 
ATOM   828  C CB  . VAL B 1 58 ? 3.548   -13.068 4.057   1.00 6.47  ? 58  VAL B CB  1 
ATOM   829  C CG1 . VAL B 1 58 ? 4.468   -12.655 5.211   1.00 9.27  ? 58  VAL B CG1 1 
ATOM   830  C CG2 . VAL B 1 58 ? 2.599   -11.931 3.677   1.00 8.31  ? 58  VAL B CG2 1 
ATOM   831  N N   . GLY B 1 59 ? 2.867   -15.190 1.944   1.00 8.38  ? 59  GLY B N   1 
ATOM   832  C CA  . GLY B 1 59 ? 1.911   -15.713 0.984   1.00 12.62 ? 59  GLY B CA  1 
ATOM   833  C C   . GLY B 1 59 ? 0.601   -14.941 1.021   1.00 14.17 ? 59  GLY B C   1 
ATOM   834  O O   . GLY B 1 59 ? -0.083  -14.836 0.001   1.00 21.33 ? 59  GLY B O   1 
HETATM 835  O O   . HOH C 2 .  ? 12.778  2.500   6.701   1.00 8.64  ? 101 HOH A O   1 
HETATM 836  O O   . HOH C 2 .  ? 13.001  4.956   9.259   1.00 6.34  ? 102 HOH A O   1 
HETATM 837  O O   . HOH C 2 .  ? 7.526   9.529   17.252  1.00 11.48 ? 103 HOH A O   1 
HETATM 838  O O   . HOH C 2 .  ? 6.493   5.279   16.560  1.00 10.10 ? 104 HOH A O   1 
HETATM 839  O O   . HOH C 2 .  ? 9.736   7.094   14.237  1.00 12.33 ? 105 HOH A O   1 
HETATM 840  O O   . HOH C 2 .  ? 5.760   -5.459  -4.534  1.00 14.77 ? 106 HOH A O   1 
HETATM 841  O O   . HOH C 2 .  ? 12.354  5.354   20.018  1.00 9.43  ? 107 HOH A O   1 
HETATM 842  O O   . HOH C 2 .  ? 9.010   4.408   17.062  1.00 10.44 ? 108 HOH A O   1 
HETATM 843  O O   . HOH C 2 .  ? -0.090  -4.372  -10.381 1.00 12.15 ? 109 HOH A O   1 
HETATM 844  O O   . HOH C 2 .  ? 13.907  -2.712  12.099  1.00 11.37 ? 110 HOH A O   1 
HETATM 845  O O   . HOH C 2 .  ? -0.614  -6.726  -4.419  1.00 15.08 ? 111 HOH A O   1 
HETATM 846  O O   . HOH C 2 .  ? 7.303   7.558   15.292  1.00 11.81 ? 112 HOH A O   1 
HETATM 847  O O   . HOH C 2 .  ? 6.483   -2.889  -7.626  1.00 19.66 ? 113 HOH A O   1 
HETATM 848  O O   . HOH C 2 .  ? -4.681  2.202   16.361  1.00 15.97 ? 114 HOH A O   1 
HETATM 849  O O   . HOH C 2 .  ? 6.034   8.063   12.709  1.00 14.21 ? 115 HOH A O   1 
HETATM 850  O O   . HOH C 2 .  ? 1.085   8.426   12.427  1.00 13.24 ? 116 HOH A O   1 
HETATM 851  O O   . HOH C 2 .  ? -9.720  5.315   2.381   1.00 13.41 ? 117 HOH A O   1 
HETATM 852  O O   . HOH C 2 .  ? -3.239  -7.332  2.737   1.00 13.99 ? 118 HOH A O   1 
HETATM 853  O O   . HOH C 2 .  ? -1.771  -0.670  17.905  1.00 15.04 ? 119 HOH A O   1 
HETATM 854  O O   . HOH C 2 .  ? 16.117  -3.110  13.762  1.00 15.88 ? 120 HOH A O   1 
HETATM 855  O O   . HOH C 2 .  ? -11.984 4.103   1.725   1.00 19.37 ? 121 HOH A O   1 
HETATM 856  O O   . HOH C 2 .  ? -6.247  3.421   5.050   1.00 17.87 ? 122 HOH A O   1 
HETATM 857  O O   . HOH C 2 .  ? -3.942  2.190   12.243  1.00 19.10 ? 123 HOH A O   1 
HETATM 858  O O   . HOH C 2 .  ? -5.264  4.202   10.919  1.00 21.15 ? 124 HOH A O   1 
HETATM 859  O O   . HOH C 2 .  ? 0.188   8.979   6.666   1.00 19.52 ? 125 HOH A O   1 
HETATM 860  O O   . HOH C 2 .  ? 5.266   12.820  14.621  1.00 18.88 ? 126 HOH A O   1 
HETATM 861  O O   . HOH C 2 .  ? 5.303   1.364   20.479  1.00 16.18 ? 127 HOH A O   1 
HETATM 862  O O   . HOH C 2 .  ? 0.804   -2.883  22.002  1.00 21.65 ? 128 HOH A O   1 
HETATM 863  O O   . HOH C 2 .  ? -0.057  -12.310 -7.162  1.00 20.98 ? 129 HOH A O   1 
HETATM 864  O O   . HOH C 2 .  ? -12.800 5.771   -7.391  1.00 25.88 ? 130 HOH A O   1 
HETATM 865  O O   . HOH C 2 .  ? -4.328  6.313   9.290   1.00 21.32 ? 131 HOH A O   1 
HETATM 866  O O   . HOH C 2 .  ? 6.758   -4.387  21.565  1.00 19.20 ? 132 HOH A O   1 
HETATM 867  O O   . HOH C 2 .  ? -1.671  -8.061  -1.592  1.00 18.89 ? 133 HOH A O   1 
HETATM 868  O O   . HOH C 2 .  ? -8.853  9.202   -3.333  1.00 19.02 ? 134 HOH A O   1 
HETATM 869  O O   . HOH C 2 .  ? -2.517  1.723   14.557  1.00 13.12 ? 135 HOH A O   1 
HETATM 870  O O   . HOH C 2 .  ? 13.600  -10.209 26.885  1.00 23.81 ? 136 HOH A O   1 
HETATM 871  O O   . HOH C 2 .  ? 9.676   -7.567  -2.738  1.00 16.65 ? 137 HOH A O   1 
HETATM 872  O O   . HOH C 2 .  ? -4.802  -1.943  14.537  1.00 21.51 ? 138 HOH A O   1 
HETATM 873  O O   . HOH C 2 .  ? 1.752   2.788   20.749  1.00 21.60 ? 139 HOH A O   1 
HETATM 874  O O   . HOH C 2 .  ? -2.583  -4.639  12.488  1.00 14.42 ? 140 HOH A O   1 
HETATM 875  O O   . HOH C 2 .  ? -14.294 -5.687  -8.433  1.00 28.39 ? 141 HOH A O   1 
HETATM 876  O O   . HOH C 2 .  ? 5.438   8.079   4.518   1.00 23.94 ? 142 HOH A O   1 
HETATM 877  O O   . HOH C 2 .  ? 12.666  -1.010  19.808  1.00 26.54 ? 143 HOH A O   1 
HETATM 878  O O   . HOH C 2 .  ? -0.692  1.706   21.153  1.00 18.54 ? 144 HOH A O   1 
HETATM 879  O O   . HOH C 2 .  ? -7.165  1.683   6.912   1.00 22.85 ? 145 HOH A O   1 
HETATM 880  O O   . HOH C 2 .  ? 2.978   9.790   5.838   1.00 23.62 ? 146 HOH A O   1 
HETATM 881  O O   . HOH C 2 .  ? -6.141  0.634   12.509  1.00 25.63 ? 147 HOH A O   1 
HETATM 882  O O   . HOH C 2 .  ? 3.775   9.705   11.834  1.00 18.83 ? 148 HOH A O   1 
HETATM 883  O O   . HOH C 2 .  ? -13.915 6.120   0.918   1.00 21.69 ? 149 HOH A O   1 
HETATM 884  O O   . HOH C 2 .  ? 4.334   -1.594  22.812  1.00 24.06 ? 150 HOH A O   1 
HETATM 885  O O   . HOH C 2 .  ? -0.027  8.510   -0.006  1.00 23.87 ? 151 HOH A O   1 
HETATM 886  O O   . HOH C 2 .  ? -12.503 -3.114  3.269   1.00 27.76 ? 152 HOH A O   1 
HETATM 887  O O   . HOH C 2 .  ? -14.252 7.516   -1.891  1.00 21.36 ? 153 HOH A O   1 
HETATM 888  O O   . HOH C 2 .  ? 14.707  6.599   19.430  1.00 15.19 ? 154 HOH A O   1 
HETATM 889  O O   . HOH C 2 .  ? 7.790   -0.527  -7.669  1.00 21.12 ? 155 HOH A O   1 
HETATM 890  O O   . HOH C 2 .  ? -1.890  -8.449  12.515  1.00 15.54 ? 156 HOH A O   1 
HETATM 891  O O   . HOH C 2 .  ? 7.434   -3.443  -5.003  1.00 17.48 ? 157 HOH A O   1 
HETATM 892  O O   . HOH C 2 .  ? 17.213  -0.908  14.863  1.00 22.03 ? 158 HOH A O   1 
HETATM 893  O O   . HOH C 2 .  ? 9.873   -4.195  -5.238  1.00 29.07 ? 159 HOH A O   1 
HETATM 894  O O   . HOH C 2 .  ? -8.603  3.595   4.382   1.00 21.25 ? 160 HOH A O   1 
HETATM 895  O O   . HOH C 2 .  ? -2.885  -11.634 -0.633  1.00 26.42 ? 161 HOH A O   1 
HETATM 896  O O   . HOH C 2 .  ? -13.772 6.608   -4.897  1.00 21.73 ? 162 HOH A O   1 
HETATM 897  O O   . HOH C 2 .  ? 3.269   12.386  12.653  1.00 21.94 ? 163 HOH A O   1 
HETATM 898  O O   . HOH C 2 .  ? -0.254  -11.705 -3.209  1.00 21.69 ? 164 HOH A O   1 
HETATM 899  O O   . HOH C 2 .  ? 5.147   1.042   23.179  1.00 27.67 ? 165 HOH A O   1 
HETATM 900  O O   . HOH C 2 .  ? 9.404   -5.964  22.879  1.00 26.77 ? 166 HOH A O   1 
HETATM 901  O O   . HOH C 2 .  ? 2.249   0.861   22.696  1.00 27.80 ? 167 HOH A O   1 
HETATM 902  O O   . HOH C 2 .  ? -15.400 -3.490  -5.426  1.00 26.16 ? 168 HOH A O   1 
HETATM 903  O O   . HOH C 2 .  ? 8.721   1.027   -9.485  1.00 26.13 ? 169 HOH A O   1 
HETATM 904  O O   . HOH C 2 .  ? 5.681   -3.260  23.731  1.00 26.31 ? 170 HOH A O   1 
HETATM 905  O O   . HOH C 2 .  ? 0.264   3.432   22.761  1.00 25.36 ? 171 HOH A O   1 
HETATM 906  O O   . HOH C 2 .  ? 19.020  -15.306 29.637  1.00 22.72 ? 172 HOH A O   1 
HETATM 907  O O   . HOH C 2 .  ? -6.830  12.375  -3.427  1.00 19.77 ? 173 HOH A O   1 
HETATM 908  O O   . HOH C 2 .  ? -5.452  5.527   13.360  1.00 22.54 ? 174 HOH A O   1 
HETATM 909  O O   . HOH C 2 .  ? 9.809   10.581  16.091  1.00 22.66 ? 175 HOH A O   1 
HETATM 910  O O   . HOH C 2 .  ? -5.428  12.347  -1.474  1.00 30.29 ? 176 HOH A O   1 
HETATM 911  O O   . HOH C 2 .  ? -14.902 8.332   -6.295  1.00 33.95 ? 177 HOH A O   1 
HETATM 912  O O   . HOH C 2 .  ? -4.014  9.933   7.242   1.00 30.18 ? 178 HOH A O   1 
HETATM 913  O O   . HOH C 2 .  ? 1.057   10.487  8.600   1.00 25.25 ? 179 HOH A O   1 
HETATM 914  O O   . HOH C 2 .  ? 19.445  -0.666  15.083  1.00 28.28 ? 180 HOH A O   1 
HETATM 915  O O   . HOH C 2 .  ? -10.377 -3.514  5.459   1.00 32.05 ? 181 HOH A O   1 
HETATM 916  O O   . HOH C 2 .  ? 11.797  -0.454  22.488  1.00 30.21 ? 182 HOH A O   1 
HETATM 917  O O   . HOH C 2 .  ? -1.096  -5.078  22.327  1.00 29.19 ? 183 HOH A O   1 
HETATM 918  O O   . HOH C 2 .  ? -4.150  -8.601  11.473  1.00 29.09 ? 184 HOH A O   1 
HETATM 919  O O   . HOH C 2 .  ? 12.408  -0.323  17.531  1.00 23.51 ? 185 HOH A O   1 
HETATM 920  O O   . HOH C 2 .  ? 16.424  -4.252  19.919  1.00 31.12 ? 186 HOH A O   1 
HETATM 921  O O   . HOH C 2 .  ? 11.491  -5.148  -3.658  1.00 31.49 ? 187 HOH A O   1 
HETATM 922  O O   . HOH C 2 .  ? 19.296  -1.695  16.637  1.00 28.19 ? 188 HOH A O   1 
HETATM 923  O O   . HOH C 2 .  ? -0.082  -12.732 6.169   1.00 31.35 ? 189 HOH A O   1 
HETATM 924  O O   . HOH C 2 .  ? 18.468  -6.402  28.470  1.00 31.51 ? 190 HOH A O   1 
HETATM 925  O O   . HOH C 2 .  ? -3.387  8.830   1.369   1.00 18.97 ? 191 HOH A O   1 
HETATM 926  O O   . HOH C 2 .  ? -3.891  9.144   9.221   1.00 35.49 ? 192 HOH A O   1 
HETATM 927  O O   . HOH C 2 .  ? -7.207  3.068   9.466   1.00 31.74 ? 193 HOH A O   1 
HETATM 928  O O   . HOH C 2 .  ? -6.653  5.535   7.610   1.00 28.59 ? 194 HOH A O   1 
HETATM 929  O O   . HOH C 2 .  ? -7.649  13.221  5.362   1.00 27.05 ? 195 HOH A O   1 
HETATM 930  O O   . HOH C 2 .  ? -1.889  -3.554  18.799  1.00 21.06 ? 196 HOH A O   1 
HETATM 931  O O   . HOH C 2 .  ? -9.484  11.523  6.503   1.00 30.49 ? 197 HOH A O   1 
HETATM 932  O O   . HOH C 2 .  ? -12.249 0.843   -2.097  1.00 27.51 ? 198 HOH A O   1 
HETATM 933  O O   . HOH C 2 .  ? -14.878 -1.522  -3.857  1.00 28.83 ? 199 HOH A O   1 
HETATM 934  O O   . HOH D 2 .  ? 8.259   -13.570 5.714   1.00 6.72  ? 101 HOH B O   1 
HETATM 935  O O   . HOH D 2 .  ? 14.247  1.711   2.663   1.00 10.72 ? 102 HOH B O   1 
HETATM 936  O O   . HOH D 2 .  ? 12.683  0.811   4.535   1.00 7.82  ? 103 HOH B O   1 
HETATM 937  O O   . HOH D 2 .  ? -7.748  13.716  -7.049  1.00 10.15 ? 104 HOH B O   1 
HETATM 938  O O   . HOH D 2 .  ? 10.987  -10.824 2.594   1.00 8.42  ? 105 HOH B O   1 
HETATM 939  O O   . HOH D 2 .  ? -1.782  11.575  -14.599 1.00 12.95 ? 106 HOH B O   1 
HETATM 940  O O   . HOH D 2 .  ? -3.127  -5.936  8.932   1.00 11.60 ? 107 HOH B O   1 
HETATM 941  O O   . HOH D 2 .  ? 8.192   5.277   0.269   1.00 10.56 ? 108 HOH B O   1 
HETATM 942  O O   . HOH D 2 .  ? 13.026  -4.378  7.862   1.00 12.19 ? 109 HOH B O   1 
HETATM 943  O O   . HOH D 2 .  ? -4.691  11.153  -14.701 1.00 12.98 ? 110 HOH B O   1 
HETATM 944  O O   . HOH D 2 .  ? -8.928  10.804  -5.168  1.00 16.39 ? 111 HOH B O   1 
HETATM 945  O O   . HOH D 2 .  ? -15.960 4.201   -26.668 1.00 17.91 ? 112 HOH B O   1 
HETATM 946  O O   . HOH D 2 .  ? -1.491  13.141  -12.263 1.00 23.80 ? 113 HOH B O   1 
HETATM 947  O O   . HOH D 2 .  ? -2.683  -3.075  -16.608 1.00 17.45 ? 114 HOH B O   1 
HETATM 948  O O   . HOH D 2 .  ? -7.626  -1.184  6.188   1.00 17.55 ? 115 HOH B O   1 
HETATM 949  O O   . HOH D 2 .  ? 5.237   2.815   -12.253 1.00 16.38 ? 116 HOH B O   1 
HETATM 950  O O   . HOH D 2 .  ? 3.360   -12.527 -1.954  1.00 14.00 ? 117 HOH B O   1 
HETATM 951  O O   . HOH D 2 .  ? -17.094 7.727   -21.255 1.00 15.64 ? 118 HOH B O   1 
HETATM 952  O O   . HOH D 2 .  ? 10.857  -1.107  -2.095  1.00 10.19 ? 119 HOH B O   1 
HETATM 953  O O   . HOH D 2 .  ? -8.089  -2.379  3.714   1.00 15.15 ? 120 HOH B O   1 
HETATM 954  O O   . HOH D 2 .  ? 12.262  -3.537  -1.503  1.00 17.10 ? 121 HOH B O   1 
HETATM 955  O O   . HOH D 2 .  ? 7.755   0.780   -5.117  1.00 13.45 ? 122 HOH B O   1 
HETATM 956  O O   . HOH D 2 .  ? -8.794  17.006  -17.019 1.00 20.13 ? 123 HOH B O   1 
HETATM 957  O O   . HOH D 2 .  ? 14.687  -3.086  -0.885  1.00 22.83 ? 124 HOH B O   1 
HETATM 958  O O   . HOH D 2 .  ? -3.776  -8.021  0.262   1.00 19.65 ? 125 HOH B O   1 
HETATM 959  O O   . HOH D 2 .  ? -9.662  -9.010  -1.182  1.00 19.68 ? 126 HOH B O   1 
HETATM 960  O O   . HOH D 2 .  ? 10.700  -7.034  7.685   1.00 22.90 ? 127 HOH B O   1 
HETATM 961  O O   . HOH D 2 .  ? 8.442   -1.255  -3.848  1.00 17.45 ? 128 HOH B O   1 
HETATM 962  O O   . HOH D 2 .  ? 10.630  -6.525  1.314   1.00 25.71 ? 129 HOH B O   1 
HETATM 963  O O   . HOH D 2 .  ? 6.662   -13.759 7.950   1.00 17.26 ? 130 HOH B O   1 
HETATM 964  O O   . HOH D 2 .  ? -8.757  17.214  -14.302 1.00 22.77 ? 131 HOH B O   1 
HETATM 965  O O   . HOH D 2 .  ? -12.174 8.714   -11.623 1.00 19.58 ? 132 HOH B O   1 
HETATM 966  O O   . HOH D 2 .  ? -0.094  -3.173  -13.008 1.00 23.46 ? 133 HOH B O   1 
HETATM 967  O O   . HOH D 2 .  ? -6.343  -2.411  -17.473 1.00 26.42 ? 134 HOH B O   1 
HETATM 968  O O   . HOH D 2 .  ? 14.921  -4.256  1.662   1.00 22.77 ? 135 HOH B O   1 
HETATM 969  O O   . HOH D 2 .  ? -12.726 1.724   -22.837 1.00 27.80 ? 136 HOH B O   1 
HETATM 970  O O   . HOH D 2 .  ? 4.832   10.295  -10.515 1.00 19.84 ? 137 HOH B O   1 
HETATM 971  O O   . HOH D 2 .  ? 7.842   4.872   -8.162  1.00 22.11 ? 138 HOH B O   1 
HETATM 972  O O   . HOH D 2 .  ? -1.478  3.727   -22.473 1.00 28.08 ? 139 HOH B O   1 
HETATM 973  O O   . HOH D 2 .  ? 5.359   13.037  -10.511 1.00 21.81 ? 140 HOH B O   1 
HETATM 974  O O   . HOH D 2 .  ? -4.037  14.796  -13.499 1.00 27.02 ? 141 HOH B O   1 
HETATM 975  O O   . HOH D 2 .  ? 8.289   -14.900 9.396   1.00 27.17 ? 142 HOH B O   1 
HETATM 976  O O   . HOH D 2 .  ? -13.473 12.231  -14.318 1.00 28.03 ? 143 HOH B O   1 
HETATM 977  O O   . HOH D 2 .  ? 10.180  7.032   1.257   1.00 21.85 ? 144 HOH B O   1 
HETATM 978  O O   . HOH D 2 .  ? -1.357  15.432  -14.153 1.00 19.65 ? 145 HOH B O   1 
HETATM 979  O O   . HOH D 2 .  ? -17.105 10.462  -27.374 1.00 23.91 ? 146 HOH B O   1 
HETATM 980  O O   . HOH D 2 .  ? -22.146 3.837   -29.829 1.00 19.10 ? 147 HOH B O   1 
HETATM 981  O O   . HOH D 2 .  ? 5.368   7.095   1.627   1.00 23.82 ? 148 HOH B O   1 
HETATM 982  O O   . HOH D 2 .  ? -11.331 17.922  -17.889 1.00 31.72 ? 149 HOH B O   1 
HETATM 983  O O   . HOH D 2 .  ? 12.479  -8.360  8.828   1.00 33.09 ? 150 HOH B O   1 
HETATM 984  O O   . HOH D 2 .  ? 9.217   3.839   -6.135  1.00 25.46 ? 151 HOH B O   1 
HETATM 985  O O   . HOH D 2 .  ? -1.102  -8.644  -9.817  1.00 27.15 ? 152 HOH B O   1 
HETATM 986  O O   . HOH D 2 .  ? 14.081  -5.065  5.570   1.00 28.48 ? 153 HOH B O   1 
HETATM 987  O O   . HOH D 2 .  ? -3.781  7.860   -20.574 1.00 20.30 ? 154 HOH B O   1 
HETATM 988  O O   . HOH D 2 .  ? -2.466  -10.410 -4.447  1.00 26.53 ? 155 HOH B O   1 
HETATM 989  O O   . HOH D 2 .  ? 13.176  -9.942  1.072   1.00 28.33 ? 156 HOH B O   1 
HETATM 990  O O   . HOH D 2 .  ? 12.745  -0.218  -3.576  1.00 25.81 ? 157 HOH B O   1 
HETATM 991  O O   . HOH D 2 .  ? -8.946  -3.313  -15.339 1.00 27.20 ? 158 HOH B O   1 
HETATM 992  O O   . HOH D 2 .  ? -10.105 4.451   -22.519 1.00 24.31 ? 159 HOH B O   1 
HETATM 993  O O   . HOH D 2 .  ? 16.178  -0.122  1.902   1.00 14.47 ? 160 HOH B O   1 
HETATM 994  O O   . HOH D 2 .  ? -6.274  10.892  -21.377 1.00 24.56 ? 161 HOH B O   1 
HETATM 995  O O   . HOH D 2 .  ? -8.963  15.434  -13.041 1.00 23.57 ? 162 HOH B O   1 
HETATM 996  O O   . HOH D 2 .  ? -19.941 -0.378  -26.046 1.00 28.47 ? 163 HOH B O   1 
HETATM 997  O O   . HOH D 2 .  ? -4.481  13.263  -17.756 1.00 25.80 ? 164 HOH B O   1 
HETATM 998  O O   . HOH D 2 .  ? -4.691  10.751  -17.450 1.00 20.41 ? 165 HOH B O   1 
HETATM 999  O O   . HOH D 2 .  ? -23.552 4.186   -31.500 1.00 29.33 ? 166 HOH B O   1 
HETATM 1000 O O   . HOH D 2 .  ? 12.882  -6.364  4.165   1.00 26.22 ? 167 HOH B O   1 
HETATM 1001 O O   . HOH D 2 .  ? 0.467   -6.983  -10.757 1.00 26.67 ? 168 HOH B O   1 
HETATM 1002 O O   . HOH D 2 .  ? 7.693   3.165   -10.505 1.00 27.88 ? 169 HOH B O   1 
HETATM 1003 O O   . HOH D 2 .  ? -12.680 1.449   0.764   1.00 29.55 ? 170 HOH B O   1 
HETATM 1004 O O   . HOH D 2 .  ? -11.245 -2.339  -15.674 1.00 30.60 ? 171 HOH B O   1 
HETATM 1005 O O   . HOH D 2 .  ? 4.267   1.747   -15.081 1.00 28.88 ? 172 HOH B O   1 
HETATM 1006 O O   . HOH D 2 .  ? -3.176  14.604  -9.846  1.00 27.53 ? 173 HOH B O   1 
HETATM 1007 O O   . HOH D 2 .  ? 6.563   9.067   0.272   1.00 33.19 ? 174 HOH B O   1 
HETATM 1008 O O   . HOH D 2 .  ? 12.865  -8.043  5.837   1.00 29.81 ? 175 HOH B O   1 
HETATM 1009 O O   . HOH D 2 .  ? -7.092  -10.546 -0.156  1.00 29.04 ? 176 HOH B O   1 
HETATM 1010 O O   . HOH D 2 .  ? -9.094  -10.970 -3.227  1.00 33.73 ? 177 HOH B O   1 
HETATM 1011 O O   . HOH D 2 .  ? -10.392 6.210   -24.253 1.00 35.29 ? 178 HOH B O   1 
HETATM 1012 O O   . HOH D 2 .  ? -21.792 0.152   -27.703 1.00 34.81 ? 179 HOH B O   1 
HETATM 1013 O O   . HOH D 2 .  ? -8.287  1.034   9.218   1.00 30.46 ? 180 HOH B O   1 
HETATM 1014 O O   . HOH D 2 .  ? 13.696  -6.884  1.694   1.00 30.79 ? 181 HOH B O   1 
HETATM 1015 O O   . HOH D 2 .  ? -6.157  14.057  -19.310 1.00 27.76 ? 182 HOH B O   1 
HETATM 1016 O O   . HOH D 2 .  ? -7.002  13.125  -21.710 1.00 27.88 ? 183 HOH B O   1 
HETATM 1017 O O   . HOH D 2 .  ? 7.394   5.633   3.808   1.00 25.20 ? 184 HOH B O   1 
HETATM 1018 O O   . HOH D 2 .  ? -23.515 -0.354  -26.121 1.00 32.94 ? 185 HOH B O   1 
HETATM 1019 O O   . HOH D 2 .  ? 1.735   -14.492 -2.807  1.00 23.47 ? 186 HOH B O   1 
HETATM 1020 O O   . HOH D 2 .  ? -22.853 -0.394  -29.948 1.00 30.41 ? 187 HOH B O   1 
HETATM 1021 O O   . HOH D 2 .  ? 7.762   7.806   4.130   1.00 29.86 ? 188 HOH B O   1 
HETATM 1022 O O   . HOH D 2 .  ? 9.132   9.645   1.313   1.00 32.08 ? 189 HOH B O   1 
HETATM 1023 O O   . HOH D 2 .  ? 9.930   -8.059  9.882   1.00 24.37 ? 190 HOH B O   1 
HETATM 1024 O O   . HOH D 2 .  ? -24.584 -2.521  -30.226 1.00 33.91 ? 191 HOH B O   1 
HETATM 1025 O O   . HOH D 2 .  ? -6.269  -8.779  -9.550  1.00 35.82 ? 192 HOH B O   1 
HETATM 1026 O O   . HOH D 2 .  ? -3.599  -5.741  -15.862 1.00 37.72 ? 193 HOH B O   1 
HETATM 1027 O O   . HOH D 2 .  ? -7.737  -1.685  9.892   1.00 28.98 ? 194 HOH B O   1 
HETATM 1028 O O   . HOH D 2 .  ? -13.013 6.459   -10.295 1.00 17.05 ? 195 HOH B O   1 
HETATM 1029 O O   . HOH D 2 .  ? 4.632   -15.356 8.053   1.00 30.16 ? 196 HOH B O   1 
HETATM 1030 O O   . HOH D 2 .  ? 11.437  -9.792  10.037  1.00 30.77 ? 197 HOH B O   1 
HETATM 1031 O O   . HOH D 2 .  ? -18.716 1.891   -27.043 1.00 28.41 ? 198 HOH B O   1 
HETATM 1032 O O   . HOH D 2 .  ? -11.851 -0.298  2.182   1.00 32.70 ? 199 HOH B O   1 
HETATM 1033 O O   . HOH D 2 .  ? -0.569  8.860   -19.229 1.00 23.30 ? 200 HOH B O   1 
HETATM 1034 O O   . HOH D 2 .  ? -10.941 -11.861 -5.858  1.00 31.89 ? 201 HOH B O   1 
HETATM 1035 O O   . HOH D 2 .  ? -10.206 -4.015  -11.602 1.00 27.75 ? 202 HOH B O   1 
HETATM 1036 O O   . HOH D 2 .  ? -12.537 -12.547 -7.457  1.00 26.61 ? 203 HOH B O   1 
HETATM 1037 O O   . HOH D 2 .  ? -10.141 -7.979  -11.465 1.00 35.61 ? 204 HOH B O   1 
HETATM 1038 O O   . HOH D 2 .  ? 4.984   -0.758  -16.081 1.00 34.70 ? 205 HOH B O   1 
HETATM 1039 O O   . HOH D 2 .  ? 5.443   8.884   -4.434  1.00 25.51 ? 206 HOH B O   1 
HETATM 1040 O O   . HOH D 2 .  ? -2.509  -11.091 -7.536  1.00 34.92 ? 207 HOH B O   1 
# 
